data_4TRR
#
_entry.id   4TRR
#
_cell.length_a   103.220
_cell.length_b   91.950
_cell.length_c   116.560
_cell.angle_alpha   90.000
_cell.angle_beta   92.940
_cell.angle_gamma   90.000
#
_symmetry.space_group_name_H-M   'P 1 21 1'
#
loop_
_entity.id
_entity.type
_entity.pdbx_description
1 polymer 'Putative D-beta-hydroxybutyrate dehydrogenase'
2 non-polymer 'SULFATE ION'
3 non-polymer 1,2-ETHANEDIOL
4 water water
#
_entity_poly.entity_id   1
_entity_poly.type   'polypeptide(L)'
_entity_poly.pdbx_seq_one_letter_code
;MAHHHHHHMSNLNGKTAVVTGAASGIGKEIALELAKAGAAVAIADLNQDGANAVADEINKAGGKAIGVAMDVTNEEAVNT
GIDKVAEAFGSVDILVSNAGIQIVNPIENYSFADWKKMQAIHVDGAFLTTKAALKHMYKDDRGGVVIYMGSVHSHEASPL
KSAYVTAKHGLLGLARVLAKEGAKHNVRSHVVCPGFVRTPLVDKQIPEQAKELGISEEEVIKKVMLGNTVDGVFTTVQDV
AQTVLFLSAFPSAALTGQSFIVSHGWFMQ
;
_entity_poly.pdbx_strand_id   A,B,C,D,E,F,G,H
#
loop_
_chem_comp.id
_chem_comp.type
_chem_comp.name
_chem_comp.formula
EDO non-polymer 1,2-ETHANEDIOL 'C2 H6 O2'
SO4 non-polymer 'SULFATE ION' 'O4 S -2'
#
# COMPACT_ATOMS: atom_id res chain seq x y z
N MET A 9 3.58 -24.82 48.98
CA MET A 9 4.49 -25.55 49.85
C MET A 9 5.79 -26.03 49.14
N SER A 10 5.75 -26.85 48.08
CA SER A 10 4.57 -27.21 47.30
C SER A 10 4.21 -28.70 47.35
N ASN A 11 3.48 -29.09 48.38
CA ASN A 11 2.97 -30.46 48.48
C ASN A 11 1.45 -30.47 48.43
N LEU A 12 0.90 -31.39 47.64
CA LEU A 12 -0.53 -31.42 47.42
C LEU A 12 -1.13 -32.77 47.80
N ASN A 13 -0.54 -33.40 48.81
CA ASN A 13 -1.08 -34.64 49.35
C ASN A 13 -2.51 -34.42 49.81
N GLY A 14 -3.38 -35.34 49.45
CA GLY A 14 -4.78 -35.23 49.84
C GLY A 14 -5.55 -34.18 49.05
N LYS A 15 -4.89 -33.51 48.10
CA LYS A 15 -5.61 -32.56 47.23
C LYS A 15 -6.10 -33.26 45.98
N THR A 16 -7.12 -32.67 45.37
CA THR A 16 -7.72 -33.17 44.13
C THR A 16 -7.70 -32.10 43.04
N ALA A 17 -7.25 -32.47 41.84
CA ALA A 17 -7.12 -31.53 40.74
C ALA A 17 -7.78 -32.07 39.48
N VAL A 18 -8.32 -31.16 38.67
CA VAL A 18 -8.76 -31.53 37.33
C VAL A 18 -8.08 -30.58 36.33
N VAL A 19 -7.51 -31.16 35.27
CA VAL A 19 -6.84 -30.39 34.22
C VAL A 19 -7.54 -30.68 32.90
N THR A 20 -8.05 -29.63 32.24
CA THR A 20 -8.73 -29.83 30.97
C THR A 20 -7.71 -29.74 29.83
N GLY A 21 -8.10 -30.19 28.63
CA GLY A 21 -7.18 -30.22 27.50
C GLY A 21 -5.85 -30.88 27.84
N ALA A 22 -5.90 -31.95 28.63
CA ALA A 22 -4.68 -32.41 29.25
C ALA A 22 -4.13 -33.73 28.65
N ALA A 23 -4.61 -34.11 27.46
CA ALA A 23 -4.10 -35.36 26.88
C ALA A 23 -2.67 -35.16 26.35
N SER A 24 -2.27 -33.92 26.12
CA SER A 24 -0.92 -33.68 25.63
C SER A 24 -0.44 -32.28 25.98
N GLY A 25 0.79 -31.97 25.59
CA GLY A 25 1.35 -30.64 25.70
C GLY A 25 1.49 -30.10 27.11
N ILE A 26 1.17 -28.83 27.26
CA ILE A 26 1.21 -28.13 28.53
C ILE A 26 0.27 -28.76 29.56
N GLY A 27 -0.97 -29.01 29.15
CA GLY A 27 -1.96 -29.61 30.03
C GLY A 27 -1.47 -30.94 30.60
N LYS A 28 -0.89 -31.79 29.76
CA LYS A 28 -0.43 -33.09 30.25
C LYS A 28 0.73 -32.95 31.26
N GLU A 29 1.65 -32.04 30.99
CA GLU A 29 2.78 -31.85 31.90
C GLU A 29 2.29 -31.36 33.25
N ILE A 30 1.35 -30.43 33.24
CA ILE A 30 0.76 -29.92 34.46
C ILE A 30 0.12 -31.04 35.26
N ALA A 31 -0.59 -31.90 34.56
CA ALA A 31 -1.22 -33.04 35.20
C ALA A 31 -0.18 -33.97 35.83
N LEU A 32 0.92 -34.23 35.11
CA LEU A 32 1.96 -35.11 35.63
C LEU A 32 2.62 -34.51 36.87
N GLU A 33 2.91 -33.22 36.80
CA GLU A 33 3.58 -32.52 37.89
C GLU A 33 2.67 -32.42 39.13
N LEU A 34 1.39 -32.10 38.97
CA LEU A 34 0.49 -32.09 40.12
C LEU A 34 0.39 -33.48 40.78
N ALA A 35 0.36 -34.53 39.95
CA ALA A 35 0.24 -35.88 40.46
C ALA A 35 1.49 -36.29 41.21
N LYS A 36 2.64 -35.89 40.66
CA LYS A 36 3.93 -36.15 41.26
C LYS A 36 4.02 -35.49 42.64
N ALA A 37 3.31 -34.38 42.81
CA ALA A 37 3.32 -33.63 44.07
C ALA A 37 2.27 -34.13 45.04
N GLY A 38 1.61 -35.24 44.69
CA GLY A 38 0.70 -35.89 45.60
C GLY A 38 -0.79 -35.74 45.30
N ALA A 39 -1.13 -34.90 44.33
CA ALA A 39 -2.53 -34.66 44.02
C ALA A 39 -3.19 -35.83 43.26
N ALA A 40 -4.43 -36.13 43.63
CA ALA A 40 -5.29 -36.97 42.79
C ALA A 40 -5.68 -36.12 41.59
N VAL A 41 -5.42 -36.62 40.39
CA VAL A 41 -5.58 -35.80 39.19
C VAL A 41 -6.54 -36.41 38.18
N ALA A 42 -7.57 -35.67 37.82
CA ALA A 42 -8.47 -36.04 36.73
C ALA A 42 -7.99 -35.40 35.44
N ILE A 43 -7.72 -36.23 34.43
CA ILE A 43 -7.32 -35.75 33.11
C ILE A 43 -8.55 -35.58 32.25
N ALA A 44 -8.96 -34.35 32.00
CA ALA A 44 -10.10 -34.09 31.11
C ALA A 44 -9.61 -33.70 29.71
N ASP A 45 -10.23 -34.30 28.70
CA ASP A 45 -9.88 -34.00 27.32
C ASP A 45 -11.03 -34.40 26.43
N LEU A 46 -11.11 -33.81 25.24
CA LEU A 46 -12.13 -34.17 24.26
C LEU A 46 -12.01 -35.64 23.89
N ASN A 47 -10.78 -36.14 23.85
CA ASN A 47 -10.53 -37.52 23.45
C ASN A 47 -10.30 -38.43 24.66
N GLN A 48 -11.24 -39.34 24.89
CA GLN A 48 -11.21 -40.23 26.05
C GLN A 48 -9.95 -41.11 26.12
N ASP A 49 -9.47 -41.54 24.97
CA ASP A 49 -8.28 -42.39 24.93
C ASP A 49 -7.04 -41.61 25.35
N GLY A 50 -6.94 -40.37 24.86
CA GLY A 50 -5.84 -39.50 25.18
C GLY A 50 -5.80 -39.20 26.66
N ALA A 51 -6.98 -38.99 27.24
CA ALA A 51 -7.08 -38.72 28.67
C ALA A 51 -6.70 -39.94 29.49
N ASN A 52 -7.16 -41.11 29.06
CA ASN A 52 -6.88 -42.34 29.79
C ASN A 52 -5.39 -42.63 29.82
N ALA A 53 -4.70 -42.29 28.73
CA ALA A 53 -3.28 -42.61 28.57
C ALA A 53 -2.48 -41.86 29.60
N VAL A 54 -2.80 -40.59 29.77
CA VAL A 54 -2.14 -39.79 30.79
C VAL A 54 -2.45 -40.36 32.18
N ALA A 55 -3.72 -40.69 32.41
CA ALA A 55 -4.09 -41.25 33.70
C ALA A 55 -3.36 -42.58 33.96
N ASP A 56 -3.26 -43.44 32.96
CA ASP A 56 -2.51 -44.70 33.07
C ASP A 56 -1.07 -44.42 33.45
N GLU A 57 -0.46 -43.46 32.76
CA GLU A 57 0.93 -43.09 33.01
C GLU A 57 1.13 -42.70 34.46
N ILE A 58 0.18 -41.91 34.97
CA ILE A 58 0.30 -41.39 36.33
C ILE A 58 0.20 -42.55 37.32
N ASN A 59 -0.79 -43.41 37.09
CA ASN A 59 -1.05 -44.55 37.96
C ASN A 59 0.11 -45.55 37.97
N LYS A 60 0.62 -45.87 36.78
CA LYS A 60 1.76 -46.77 36.66
C LYS A 60 2.99 -46.20 37.37
N ALA A 61 3.06 -44.88 37.45
CA ALA A 61 4.21 -44.23 38.10
C ALA A 61 3.98 -44.00 39.58
N GLY A 62 2.86 -44.48 40.10
CA GLY A 62 2.62 -44.43 41.54
C GLY A 62 1.71 -43.32 42.03
N GLY A 63 1.21 -42.51 41.10
CA GLY A 63 0.27 -41.45 41.43
C GLY A 63 -1.17 -41.96 41.47
N LYS A 64 -2.13 -41.06 41.30
CA LYS A 64 -3.54 -41.40 41.39
C LYS A 64 -4.35 -40.51 40.43
N ALA A 65 -4.92 -41.12 39.39
CA ALA A 65 -5.53 -40.38 38.30
C ALA A 65 -6.69 -41.12 37.64
N ILE A 66 -7.59 -40.35 37.06
CA ILE A 66 -8.65 -40.87 36.21
C ILE A 66 -8.69 -40.10 34.90
N GLY A 67 -9.16 -40.74 33.85
CA GLY A 67 -9.45 -40.02 32.62
C GLY A 67 -10.92 -39.63 32.51
N VAL A 68 -11.19 -38.44 31.97
CA VAL A 68 -12.58 -37.97 31.82
C VAL A 68 -12.81 -37.38 30.44
N ALA A 69 -13.76 -37.93 29.70
CA ALA A 69 -14.12 -37.34 28.42
C ALA A 69 -14.88 -36.07 28.67
N MET A 70 -14.49 -35.00 27.98
CA MET A 70 -15.13 -33.72 28.18
C MET A 70 -15.02 -32.83 26.95
N ASP A 71 -16.16 -32.44 26.40
CA ASP A 71 -16.23 -31.34 25.45
C ASP A 71 -16.46 -30.07 26.25
N VAL A 72 -15.43 -29.25 26.41
CA VAL A 72 -15.54 -28.10 27.32
C VAL A 72 -16.46 -27.02 26.79
N THR A 73 -16.92 -27.16 25.55
CA THR A 73 -17.85 -26.17 24.98
C THR A 73 -19.29 -26.50 25.35
N ASN A 74 -19.48 -27.68 25.90
CA ASN A 74 -20.81 -28.21 26.18
C ASN A 74 -21.12 -28.24 27.68
N GLU A 75 -22.07 -27.44 28.11
CA GLU A 75 -22.41 -27.29 29.53
C GLU A 75 -22.70 -28.61 30.25
N GLU A 76 -23.58 -29.41 29.66
CA GLU A 76 -23.92 -30.70 30.24
C GLU A 76 -22.67 -31.56 30.42
N ALA A 77 -21.86 -31.65 29.37
CA ALA A 77 -20.64 -32.44 29.40
C ALA A 77 -19.66 -31.98 30.48
N VAL A 78 -19.51 -30.66 30.62
CA VAL A 78 -18.66 -30.11 31.67
C VAL A 78 -19.19 -30.42 33.06
N ASN A 79 -20.49 -30.15 33.28
CA ASN A 79 -21.11 -30.42 34.58
C ASN A 79 -20.99 -31.88 34.99
N THR A 80 -21.22 -32.79 34.06
CA THR A 80 -21.14 -34.22 34.39
CA THR A 80 -21.13 -34.22 34.33
C THR A 80 -19.69 -34.65 34.62
N GLY A 81 -18.77 -34.18 33.77
CA GLY A 81 -17.37 -34.51 33.90
C GLY A 81 -16.75 -34.02 35.19
N ILE A 82 -17.01 -32.77 35.54
CA ILE A 82 -16.55 -32.23 36.80
C ILE A 82 -17.20 -32.97 37.95
N ASP A 83 -18.47 -33.31 37.82
CA ASP A 83 -19.14 -34.08 38.87
C ASP A 83 -18.47 -35.45 39.08
N LYS A 84 -18.02 -36.10 38.01
CA LYS A 84 -17.31 -37.38 38.13
C LYS A 84 -16.03 -37.24 38.95
N VAL A 85 -15.36 -36.08 38.85
CA VAL A 85 -14.14 -35.86 39.62
C VAL A 85 -14.43 -35.86 41.11
N ALA A 86 -15.45 -35.10 41.50
CA ALA A 86 -15.90 -35.03 42.88
C ALA A 86 -16.40 -36.40 43.38
N GLU A 87 -17.10 -37.13 42.51
CA GLU A 87 -17.60 -38.46 42.87
C GLU A 87 -16.47 -39.41 43.19
N ALA A 88 -15.48 -39.48 42.31
CA ALA A 88 -14.35 -40.37 42.50
C ALA A 88 -13.48 -39.95 43.66
N PHE A 89 -13.12 -38.67 43.73
CA PHE A 89 -12.08 -38.25 44.64
C PHE A 89 -12.56 -37.57 45.93
N GLY A 90 -13.85 -37.24 46.01
CA GLY A 90 -14.34 -36.65 47.24
C GLY A 90 -14.48 -35.14 47.21
N SER A 91 -13.75 -34.49 46.30
CA SER A 91 -13.75 -33.03 46.19
C SER A 91 -13.13 -32.60 44.89
N VAL A 92 -13.17 -31.28 44.65
CA VAL A 92 -12.44 -30.65 43.56
C VAL A 92 -11.65 -29.48 44.15
N ASP A 93 -10.36 -29.64 44.36
CA ASP A 93 -9.60 -28.58 45.02
C ASP A 93 -8.94 -27.64 44.04
N ILE A 94 -8.56 -28.18 42.89
CA ILE A 94 -7.80 -27.43 41.90
C ILE A 94 -8.43 -27.62 40.53
N LEU A 95 -8.67 -26.53 39.83
CA LEU A 95 -9.06 -26.54 38.41
C LEU A 95 -8.02 -25.83 37.58
N VAL A 96 -7.47 -26.53 36.59
CA VAL A 96 -6.59 -25.91 35.63
C VAL A 96 -7.31 -25.97 34.27
N SER A 97 -7.78 -24.82 33.82
CA SER A 97 -8.53 -24.69 32.57
C SER A 97 -7.51 -24.43 31.46
N ASN A 98 -7.35 -25.42 30.59
CA ASN A 98 -6.28 -25.39 29.61
C ASN A 98 -6.79 -25.75 28.21
N ALA A 99 -6.45 -24.93 27.23
CA ALA A 99 -6.76 -25.24 25.83
C ALA A 99 -5.69 -24.64 24.93
N GLY A 100 -5.34 -25.35 23.86
CA GLY A 100 -4.29 -24.82 22.99
C GLY A 100 -4.65 -24.59 21.53
N ILE A 101 -5.91 -24.81 21.16
CA ILE A 101 -6.29 -24.72 19.75
C ILE A 101 -5.95 -23.34 19.17
N GLN A 102 -5.35 -23.37 17.99
CA GLN A 102 -4.86 -22.18 17.32
C GLN A 102 -5.29 -22.24 15.86
N ILE A 103 -6.10 -21.28 15.42
CA ILE A 103 -6.47 -21.19 14.02
C ILE A 103 -6.06 -19.82 13.53
N VAL A 104 -5.19 -19.76 12.53
CA VAL A 104 -4.65 -18.49 12.12
C VAL A 104 -5.25 -18.03 10.78
N ASN A 105 -5.42 -16.73 10.66
CA ASN A 105 -5.89 -16.08 9.43
C ASN A 105 -5.89 -14.59 9.73
N PRO A 106 -5.63 -13.76 8.72
CA PRO A 106 -5.87 -12.33 8.91
C PRO A 106 -7.36 -12.08 9.13
N ILE A 107 -7.69 -11.03 9.85
CA ILE A 107 -9.07 -10.76 10.24
C ILE A 107 -10.03 -10.74 9.05
N GLU A 108 -9.62 -10.16 7.93
CA GLU A 108 -10.52 -10.04 6.77
C GLU A 108 -10.83 -11.40 6.15
N ASN A 109 -10.01 -12.40 6.45
CA ASN A 109 -10.29 -13.75 5.99
C ASN A 109 -10.58 -14.71 7.13
N TYR A 110 -10.90 -14.18 8.30
CA TYR A 110 -11.11 -15.04 9.46
C TYR A 110 -12.55 -15.54 9.43
N SER A 111 -12.75 -16.85 9.37
CA SER A 111 -14.11 -17.36 9.24
C SER A 111 -14.86 -17.18 10.57
N PHE A 112 -16.14 -16.84 10.50
CA PHE A 112 -16.94 -16.61 11.73
C PHE A 112 -17.09 -17.93 12.48
N ALA A 113 -17.23 -19.02 11.74
CA ALA A 113 -17.25 -20.35 12.36
C ALA A 113 -15.96 -20.61 13.16
N ASP A 114 -14.80 -20.32 12.56
CA ASP A 114 -13.55 -20.48 13.30
C ASP A 114 -13.50 -19.56 14.51
N TRP A 115 -13.93 -18.32 14.32
CA TRP A 115 -13.99 -17.35 15.41
C TRP A 115 -14.79 -17.89 16.60
N LYS A 116 -16.01 -18.35 16.36
CA LYS A 116 -16.88 -18.85 17.42
C LYS A 116 -16.32 -20.14 18.08
N LYS A 117 -15.69 -20.99 17.28
CA LYS A 117 -15.07 -22.19 17.83
C LYS A 117 -13.94 -21.84 18.77
N MET A 118 -13.13 -20.87 18.38
CA MET A 118 -12.01 -20.46 19.22
C MET A 118 -12.50 -19.91 20.55
N GLN A 119 -13.48 -19.02 20.50
CA GLN A 119 -14.00 -18.44 21.74
C GLN A 119 -14.70 -19.47 22.61
N ALA A 120 -15.41 -20.42 21.99
CA ALA A 120 -16.13 -21.46 22.73
C ALA A 120 -15.16 -22.31 23.52
N ILE A 121 -14.09 -22.76 22.86
CA ILE A 121 -13.14 -23.66 23.49
C ILE A 121 -12.30 -22.95 24.56
N HIS A 122 -11.72 -21.81 24.20
CA HIS A 122 -10.82 -21.12 25.10
C HIS A 122 -11.58 -20.42 26.24
N VAL A 123 -12.63 -19.71 25.90
CA VAL A 123 -13.27 -18.88 26.91
C VAL A 123 -14.51 -19.53 27.51
N ASP A 124 -15.45 -19.96 26.67
CA ASP A 124 -16.62 -20.63 27.23
C ASP A 124 -16.21 -21.87 28.03
N GLY A 125 -15.17 -22.57 27.59
CA GLY A 125 -14.69 -23.74 28.32
C GLY A 125 -14.19 -23.34 29.70
N ALA A 126 -13.49 -22.21 29.77
CA ALA A 126 -13.07 -21.65 31.05
C ALA A 126 -14.26 -21.25 31.93
N PHE A 127 -15.26 -20.63 31.34
CA PHE A 127 -16.43 -20.22 32.10
C PHE A 127 -17.22 -21.43 32.61
N LEU A 128 -17.50 -22.38 31.72
CA LEU A 128 -18.27 -23.56 32.09
C LEU A 128 -17.57 -24.40 33.16
N THR A 129 -16.29 -24.66 32.96
CA THR A 129 -15.57 -25.50 33.92
C THR A 129 -15.46 -24.80 35.27
N THR A 130 -15.25 -23.49 35.26
CA THR A 130 -15.22 -22.70 36.49
C THR A 130 -16.54 -22.75 37.23
N LYS A 131 -17.64 -22.51 36.52
CA LYS A 131 -18.97 -22.57 37.10
CA LYS A 131 -18.95 -22.55 37.15
C LYS A 131 -19.20 -23.92 37.77
N ALA A 132 -18.85 -24.99 37.07
CA ALA A 132 -19.02 -26.34 37.58
C ALA A 132 -18.11 -26.57 38.81
N ALA A 133 -16.87 -26.10 38.75
CA ALA A 133 -15.94 -26.30 39.88
C ALA A 133 -16.41 -25.54 41.12
N LEU A 134 -16.98 -24.35 40.92
CA LEU A 134 -17.42 -23.54 42.06
C LEU A 134 -18.54 -24.17 42.85
N LYS A 135 -19.41 -24.95 42.18
CA LYS A 135 -20.44 -25.70 42.90
C LYS A 135 -19.83 -26.54 44.01
N HIS A 136 -18.66 -27.10 43.75
CA HIS A 136 -18.02 -27.98 44.72
C HIS A 136 -17.16 -27.15 45.66
N MET A 137 -16.42 -26.18 45.12
CA MET A 137 -15.53 -25.37 45.94
C MET A 137 -16.27 -24.47 46.94
N TYR A 138 -17.48 -24.04 46.57
CA TYR A 138 -18.25 -23.11 47.39
C TYR A 138 -18.99 -23.80 48.52
N LYS A 139 -19.13 -25.11 48.43
CA LYS A 139 -19.87 -25.85 49.46
C LYS A 139 -19.12 -25.76 50.80
N ASP A 140 -19.79 -25.21 51.80
CA ASP A 140 -19.21 -25.02 53.12
C ASP A 140 -17.96 -24.14 53.06
N ASP A 141 -17.86 -23.32 52.01
CA ASP A 141 -16.69 -22.46 51.76
C ASP A 141 -15.38 -23.23 51.87
N ARG A 142 -15.42 -24.45 51.36
CA ARG A 142 -14.27 -25.35 51.41
C ARG A 142 -13.08 -24.74 50.68
N GLY A 143 -13.34 -24.12 49.54
CA GLY A 143 -12.31 -23.37 48.85
C GLY A 143 -11.69 -24.14 47.71
N GLY A 144 -10.78 -23.49 47.02
CA GLY A 144 -10.05 -24.12 45.93
C GLY A 144 -9.19 -23.12 45.21
N VAL A 145 -8.49 -23.61 44.19
CA VAL A 145 -7.67 -22.77 43.36
C VAL A 145 -8.06 -23.01 41.91
N VAL A 146 -8.30 -21.92 41.18
CA VAL A 146 -8.63 -22.02 39.77
C VAL A 146 -7.56 -21.35 38.97
N ILE A 147 -6.93 -22.10 38.09
CA ILE A 147 -5.85 -21.53 37.29
C ILE A 147 -6.21 -21.63 35.80
N TYR A 148 -6.28 -20.48 35.12
CA TYR A 148 -6.48 -20.46 33.67
CA TYR A 148 -6.48 -20.43 33.67
C TYR A 148 -5.15 -20.41 32.95
N MET A 149 -5.03 -21.18 31.87
CA MET A 149 -3.82 -21.14 31.09
C MET A 149 -4.02 -20.11 29.98
N GLY A 150 -3.36 -18.97 30.15
CA GLY A 150 -3.36 -17.88 29.19
C GLY A 150 -2.19 -18.00 28.24
N SER A 151 -1.52 -16.89 27.99
CA SER A 151 -0.44 -16.82 27.00
C SER A 151 0.19 -15.45 27.16
N VAL A 152 1.38 -15.22 26.62
CA VAL A 152 1.83 -13.84 26.49
C VAL A 152 0.79 -13.11 25.62
N HIS A 153 0.09 -13.84 24.77
CA HIS A 153 -0.98 -13.22 23.97
C HIS A 153 -2.26 -12.89 24.77
N SER A 154 -2.23 -13.13 26.09
CA SER A 154 -3.20 -12.49 27.01
C SER A 154 -2.92 -10.99 27.19
N HIS A 155 -1.70 -10.58 26.83
CA HIS A 155 -1.16 -9.24 27.18
C HIS A 155 -0.70 -8.47 25.95
N GLU A 156 -0.41 -9.19 24.89
CA GLU A 156 0.19 -8.59 23.70
C GLU A 156 -0.35 -9.31 22.46
N ALA A 157 -0.42 -8.61 21.34
CA ALA A 157 -1.00 -9.21 20.13
C ALA A 157 0.08 -9.66 19.15
N SER A 158 -0.29 -10.58 18.28
CA SER A 158 0.48 -10.89 17.08
C SER A 158 -0.51 -10.90 15.93
N PRO A 159 -0.05 -10.53 14.73
CA PRO A 159 -0.95 -10.60 13.58
C PRO A 159 -1.38 -12.04 13.29
N LEU A 160 -2.51 -12.18 12.61
CA LEU A 160 -3.08 -13.45 12.15
C LEU A 160 -3.68 -14.26 13.29
N LYS A 161 -3.65 -13.71 14.50
CA LYS A 161 -4.17 -14.45 15.63
C LYS A 161 -5.28 -13.73 16.39
N SER A 162 -6.16 -13.04 15.67
CA SER A 162 -7.20 -12.25 16.33
C SER A 162 -8.02 -13.07 17.32
N ALA A 163 -8.43 -14.28 16.92
CA ALA A 163 -9.32 -15.09 17.75
C ALA A 163 -8.64 -15.53 19.04
N TYR A 164 -7.42 -16.06 18.90
CA TYR A 164 -6.62 -16.51 20.04
C TYR A 164 -6.27 -15.39 20.99
N VAL A 165 -5.80 -14.26 20.46
CA VAL A 165 -5.41 -13.14 21.31
C VAL A 165 -6.64 -12.60 22.05
N THR A 166 -7.76 -12.48 21.34
CA THR A 166 -8.99 -12.00 21.95
C THR A 166 -9.42 -12.93 23.10
N ALA A 167 -9.35 -14.24 22.84
CA ALA A 167 -9.73 -15.19 23.88
C ALA A 167 -8.80 -15.12 25.09
N LYS A 168 -7.50 -15.06 24.84
CA LYS A 168 -6.51 -15.07 25.93
C LYS A 168 -6.58 -13.80 26.77
N HIS A 169 -6.88 -12.68 26.11
CA HIS A 169 -7.15 -11.40 26.81
C HIS A 169 -8.37 -11.52 27.71
N GLY A 170 -9.43 -12.12 27.16
CA GLY A 170 -10.67 -12.32 27.89
C GLY A 170 -10.48 -13.19 29.14
N LEU A 171 -9.61 -14.19 29.06
CA LEU A 171 -9.34 -15.02 30.22
C LEU A 171 -8.88 -14.22 31.43
N LEU A 172 -8.08 -13.17 31.21
CA LEU A 172 -7.66 -12.31 32.32
C LEU A 172 -8.85 -11.72 32.99
N GLY A 173 -9.83 -11.27 32.20
CA GLY A 173 -10.97 -10.61 32.79
C GLY A 173 -11.78 -11.58 33.63
N LEU A 174 -12.07 -12.76 33.09
CA LEU A 174 -12.78 -13.77 33.86
C LEU A 174 -12.04 -14.09 35.17
N ALA A 175 -10.71 -14.27 35.09
CA ALA A 175 -9.92 -14.59 36.30
C ALA A 175 -10.00 -13.48 37.32
N ARG A 176 -10.02 -12.23 36.86
CA ARG A 176 -9.97 -11.14 37.82
C ARG A 176 -11.31 -11.01 38.52
N VAL A 177 -12.41 -11.24 37.80
CA VAL A 177 -13.70 -11.30 38.45
C VAL A 177 -13.79 -12.45 39.44
N LEU A 178 -13.33 -13.63 39.04
CA LEU A 178 -13.33 -14.78 39.96
C LEU A 178 -12.54 -14.45 41.22
N ALA A 179 -11.39 -13.81 41.04
CA ALA A 179 -10.61 -13.42 42.22
C ALA A 179 -11.47 -12.64 43.22
N LYS A 180 -12.29 -11.73 42.72
CA LYS A 180 -13.10 -10.89 43.61
C LYS A 180 -14.30 -11.65 44.19
N GLU A 181 -14.99 -12.43 43.36
CA GLU A 181 -16.15 -13.20 43.83
C GLU A 181 -15.76 -14.34 44.76
N GLY A 182 -14.64 -14.99 44.48
CA GLY A 182 -14.32 -16.23 45.17
C GLY A 182 -13.68 -16.10 46.54
N ALA A 183 -13.14 -14.93 46.86
CA ALA A 183 -12.39 -14.75 48.09
C ALA A 183 -13.20 -15.10 49.33
N LYS A 184 -14.46 -14.70 49.35
CA LYS A 184 -15.31 -14.98 50.50
C LYS A 184 -15.57 -16.48 50.64
N HIS A 185 -15.31 -17.24 49.57
CA HIS A 185 -15.51 -18.67 49.62
C HIS A 185 -14.19 -19.43 49.65
N ASN A 186 -13.09 -18.69 49.84
CA ASN A 186 -11.75 -19.27 49.90
C ASN A 186 -11.33 -19.85 48.55
N VAL A 187 -11.85 -19.26 47.48
CA VAL A 187 -11.40 -19.64 46.15
C VAL A 187 -10.47 -18.55 45.63
N ARG A 188 -9.30 -18.97 45.17
CA ARG A 188 -8.27 -18.12 44.57
C ARG A 188 -8.29 -18.28 43.05
N SER A 189 -7.86 -17.27 42.32
CA SER A 189 -7.79 -17.38 40.87
CA SER A 189 -7.77 -17.40 40.86
C SER A 189 -6.42 -16.91 40.36
N HIS A 190 -5.93 -17.51 39.29
CA HIS A 190 -4.68 -17.06 38.72
C HIS A 190 -4.70 -17.34 37.23
N VAL A 191 -3.83 -16.65 36.52
CA VAL A 191 -3.57 -16.95 35.11
C VAL A 191 -2.08 -17.16 34.88
N VAL A 192 -1.74 -18.27 34.24
CA VAL A 192 -0.36 -18.54 33.88
C VAL A 192 -0.22 -18.35 32.40
N CYS A 193 0.76 -17.50 32.04
CA CYS A 193 0.91 -17.01 30.67
C CYS A 193 2.23 -17.46 30.05
N PRO A 194 2.23 -18.61 29.39
CA PRO A 194 3.52 -19.06 28.84
C PRO A 194 3.87 -18.30 27.59
N GLY A 195 5.17 -18.19 27.34
CA GLY A 195 5.65 -17.62 26.09
C GLY A 195 5.69 -18.69 25.03
N PHE A 196 6.70 -18.62 24.20
CA PHE A 196 6.86 -19.49 23.04
C PHE A 196 7.37 -20.87 23.45
N VAL A 197 6.51 -21.87 23.32
CA VAL A 197 6.86 -23.24 23.70
C VAL A 197 7.23 -24.05 22.45
N ARG A 198 8.29 -24.84 22.56
CA ARG A 198 8.73 -25.61 21.40
C ARG A 198 7.99 -26.93 21.34
N THR A 199 6.83 -26.89 20.68
CA THR A 199 5.95 -28.03 20.49
C THR A 199 6.36 -28.79 19.22
N PRO A 200 5.92 -30.05 19.09
CA PRO A 200 6.12 -30.83 17.86
C PRO A 200 5.77 -30.08 16.57
N LEU A 201 4.78 -29.18 16.63
CA LEU A 201 4.45 -28.35 15.47
C LEU A 201 5.58 -27.37 15.17
N VAL A 202 6.07 -26.68 16.20
CA VAL A 202 7.18 -25.74 16.06
C VAL A 202 8.40 -26.47 15.51
N ASP A 203 8.59 -27.71 15.97
CA ASP A 203 9.68 -28.54 15.51
C ASP A 203 9.67 -28.69 13.99
N LYS A 204 8.47 -28.78 13.43
CA LYS A 204 8.33 -28.92 11.98
C LYS A 204 8.55 -27.57 11.31
N GLN A 205 8.18 -26.50 12.01
CA GLN A 205 8.21 -25.17 11.44
C GLN A 205 9.62 -24.57 11.37
N ILE A 206 10.56 -25.15 12.11
CA ILE A 206 11.90 -24.57 12.21
C ILE A 206 12.77 -24.84 10.96
N PRO A 207 12.87 -26.10 10.50
CA PRO A 207 13.65 -26.23 9.27
C PRO A 207 12.97 -25.64 8.02
N GLU A 208 11.64 -25.68 7.98
CA GLU A 208 10.91 -25.20 6.80
C GLU A 208 11.03 -23.68 6.64
N GLN A 209 11.01 -22.96 7.76
CA GLN A 209 11.13 -21.51 7.71
C GLN A 209 12.57 -21.11 7.44
N ILE A 215 18.23 -17.80 5.80
CA ILE A 215 18.79 -17.91 7.16
C ILE A 215 18.66 -19.35 7.66
N SER A 216 19.63 -19.78 8.46
CA SER A 216 19.62 -21.14 8.99
C SER A 216 18.56 -21.28 10.07
N GLU A 217 18.45 -22.48 10.64
CA GLU A 217 17.45 -22.76 11.66
C GLU A 217 17.71 -21.96 12.94
N GLU A 218 18.99 -21.83 13.31
CA GLU A 218 19.36 -21.14 14.54
C GLU A 218 19.01 -19.65 14.47
N GLU A 219 19.00 -19.10 13.25
CA GLU A 219 18.54 -17.72 13.06
C GLU A 219 17.02 -17.64 13.18
N VAL A 220 16.34 -18.63 12.58
CA VAL A 220 14.89 -18.74 12.65
C VAL A 220 14.40 -18.77 14.09
N ILE A 221 15.18 -19.44 14.93
CA ILE A 221 14.80 -19.62 16.33
C ILE A 221 15.07 -18.34 17.13
N LYS A 222 16.30 -17.84 17.06
CA LYS A 222 16.70 -16.70 17.88
C LYS A 222 16.11 -15.37 17.43
N LYS A 223 15.99 -15.18 16.11
CA LYS A 223 15.56 -13.89 15.57
C LYS A 223 14.07 -13.87 15.24
N VAL A 224 13.61 -14.87 14.49
CA VAL A 224 12.23 -14.91 14.02
C VAL A 224 11.25 -15.26 15.13
N MET A 225 11.50 -16.39 15.79
CA MET A 225 10.57 -16.89 16.79
C MET A 225 10.78 -16.29 18.18
N LEU A 226 12.03 -16.18 18.61
CA LEU A 226 12.29 -15.78 20.00
C LEU A 226 12.96 -14.43 20.09
N GLY A 227 12.80 -13.61 19.06
CA GLY A 227 13.42 -12.29 19.02
C GLY A 227 12.96 -11.37 20.14
N ASN A 228 11.76 -11.61 20.67
CA ASN A 228 11.26 -10.79 21.78
C ASN A 228 11.61 -11.34 23.17
N THR A 229 12.30 -12.48 23.23
CA THR A 229 12.85 -12.94 24.51
C THR A 229 14.19 -12.26 24.79
N VAL A 230 14.67 -12.31 26.03
CA VAL A 230 15.96 -11.68 26.33
C VAL A 230 17.12 -12.62 26.02
N ASP A 231 16.82 -13.91 25.88
CA ASP A 231 17.86 -14.94 25.85
C ASP A 231 17.79 -15.98 24.71
N GLY A 232 16.75 -15.94 23.87
CA GLY A 232 16.62 -16.90 22.78
C GLY A 232 16.34 -18.34 23.22
N VAL A 233 15.66 -18.49 24.36
CA VAL A 233 15.34 -19.79 24.92
C VAL A 233 13.85 -20.02 24.91
N PHE A 234 13.42 -21.18 24.40
CA PHE A 234 12.01 -21.57 24.40
C PHE A 234 11.51 -21.79 25.81
N THR A 235 10.26 -21.41 26.07
CA THR A 235 9.59 -21.76 27.31
C THR A 235 9.31 -23.26 27.34
N THR A 236 9.64 -23.93 28.45
CA THR A 236 9.41 -25.37 28.53
C THR A 236 8.09 -25.70 29.24
N VAL A 237 7.58 -26.90 28.99
CA VAL A 237 6.38 -27.34 29.70
C VAL A 237 6.68 -27.44 31.18
N GLN A 238 7.94 -27.72 31.51
CA GLN A 238 8.42 -27.74 32.88
CA GLN A 238 8.34 -27.75 32.90
C GLN A 238 8.34 -26.35 33.55
N ASP A 239 8.75 -25.30 32.82
CA ASP A 239 8.68 -23.93 33.37
C ASP A 239 7.24 -23.65 33.77
N VAL A 240 6.31 -24.01 32.89
CA VAL A 240 4.90 -23.75 33.12
C VAL A 240 4.38 -24.58 34.29
N ALA A 241 4.63 -25.89 34.26
CA ALA A 241 4.13 -26.78 35.31
C ALA A 241 4.64 -26.40 36.70
N GLN A 242 5.92 -26.04 36.81
CA GLN A 242 6.45 -25.60 38.11
C GLN A 242 5.76 -24.35 38.64
N THR A 243 5.38 -23.43 37.74
CA THR A 243 4.66 -22.24 38.17
C THR A 243 3.24 -22.59 38.62
N VAL A 244 2.59 -23.46 37.86
CA VAL A 244 1.27 -23.93 38.25
C VAL A 244 1.33 -24.62 39.62
N LEU A 245 2.35 -25.46 39.83
CA LEU A 245 2.52 -26.14 41.13
C LEU A 245 2.69 -25.16 42.28
N PHE A 246 3.54 -24.17 42.08
CA PHE A 246 3.77 -23.11 43.06
C PHE A 246 2.47 -22.41 43.45
N LEU A 247 1.66 -22.05 42.47
CA LEU A 247 0.39 -21.40 42.74
C LEU A 247 -0.60 -22.32 43.46
N SER A 248 -0.69 -23.57 42.99
CA SER A 248 -1.59 -24.57 43.56
C SER A 248 -1.35 -24.83 45.05
N ALA A 249 -0.11 -24.72 45.49
CA ALA A 249 0.22 -25.04 46.86
C ALA A 249 0.45 -23.82 47.75
N PHE A 250 0.25 -22.63 47.20
CA PHE A 250 0.52 -21.42 47.97
C PHE A 250 -0.38 -21.31 49.22
N PRO A 251 0.21 -20.99 50.37
CA PRO A 251 -0.45 -21.07 51.70
C PRO A 251 -1.46 -19.98 52.00
N SER A 252 -1.63 -19.01 51.11
CA SER A 252 -2.65 -17.99 51.34
C SER A 252 -3.22 -17.53 50.01
N ALA A 253 -4.24 -16.68 50.06
CA ALA A 253 -4.79 -16.08 48.84
C ALA A 253 -3.98 -14.87 48.35
N ALA A 254 -2.75 -14.72 48.81
CA ALA A 254 -1.95 -13.53 48.52
C ALA A 254 -1.75 -13.29 47.02
N LEU A 255 -1.74 -14.35 46.21
CA LEU A 255 -1.46 -14.20 44.78
C LEU A 255 -2.73 -14.21 43.89
N THR A 256 -3.92 -14.17 44.50
CA THR A 256 -5.18 -14.34 43.75
C THR A 256 -5.37 -13.14 42.81
N GLY A 257 -5.89 -13.40 41.61
CA GLY A 257 -6.12 -12.37 40.62
C GLY A 257 -4.92 -12.03 39.74
N GLN A 258 -3.75 -12.58 40.05
CA GLN A 258 -2.55 -12.17 39.33
C GLN A 258 -2.31 -13.09 38.15
N SER A 259 -1.64 -12.55 37.14
CA SER A 259 -1.16 -13.42 36.06
C SER A 259 0.35 -13.50 36.11
N PHE A 260 0.88 -14.63 35.64
CA PHE A 260 2.27 -14.97 35.78
C PHE A 260 2.83 -15.27 34.41
N ILE A 261 3.73 -14.41 33.97
CA ILE A 261 4.21 -14.50 32.60
C ILE A 261 5.50 -15.31 32.58
N VAL A 262 5.49 -16.42 31.85
CA VAL A 262 6.55 -17.43 31.90
C VAL A 262 7.13 -17.49 30.49
N SER A 263 7.92 -16.48 30.13
CA SER A 263 8.18 -16.24 28.72
C SER A 263 9.61 -15.86 28.37
N HIS A 264 10.51 -15.95 29.33
CA HIS A 264 11.89 -15.50 29.12
C HIS A 264 11.97 -14.05 28.64
N GLY A 265 11.16 -13.18 29.22
CA GLY A 265 11.32 -11.76 29.01
C GLY A 265 10.50 -11.21 27.86
N TRP A 266 9.74 -12.08 27.20
CA TRP A 266 8.77 -11.62 26.19
C TRP A 266 7.54 -11.07 26.92
N PHE A 267 7.43 -9.74 26.89
CA PHE A 267 6.45 -8.92 27.64
C PHE A 267 6.76 -8.95 29.15
N MET A 268 7.29 -7.84 29.65
CA MET A 268 7.63 -7.76 31.06
C MET A 268 6.63 -6.89 31.77
N GLN A 269 5.95 -7.42 32.77
CA GLN A 269 5.24 -6.47 33.63
C GLN A 269 5.46 -6.80 35.09
N SER B 10 -9.96 19.31 15.24
CA SER B 10 -10.54 18.06 14.78
C SER B 10 -11.67 18.30 13.76
N ASN B 11 -11.39 18.01 12.49
CA ASN B 11 -12.39 18.17 11.42
C ASN B 11 -12.55 16.92 10.57
N LEU B 12 -13.78 16.49 10.38
CA LEU B 12 -14.06 15.24 9.67
C LEU B 12 -14.88 15.48 8.40
N ASN B 13 -14.74 16.66 7.80
CA ASN B 13 -15.46 16.96 6.57
C ASN B 13 -15.05 15.95 5.50
N GLY B 14 -16.02 15.41 4.79
CA GLY B 14 -15.76 14.41 3.77
C GLY B 14 -15.56 13.02 4.32
N LYS B 15 -15.48 12.88 5.64
CA LYS B 15 -15.35 11.55 6.22
C LYS B 15 -16.70 10.87 6.39
N THR B 16 -16.65 9.53 6.42
CA THR B 16 -17.82 8.67 6.56
CA THR B 16 -17.83 8.71 6.60
C THR B 16 -17.65 7.79 7.81
N ALA B 17 -18.67 7.74 8.67
CA ALA B 17 -18.59 6.96 9.89
C ALA B 17 -19.78 6.03 10.10
N VAL B 18 -19.51 4.87 10.69
CA VAL B 18 -20.55 3.98 11.19
C VAL B 18 -20.39 3.84 12.69
N VAL B 19 -21.45 4.13 13.44
CA VAL B 19 -21.46 3.91 14.90
C VAL B 19 -22.57 2.89 15.22
N THR B 20 -22.24 1.78 15.86
CA THR B 20 -23.23 0.79 16.26
C THR B 20 -23.71 1.04 17.69
N GLY B 21 -24.82 0.40 18.07
CA GLY B 21 -25.44 0.65 19.35
C GLY B 21 -25.64 2.13 19.63
N ALA B 22 -26.07 2.88 18.60
CA ALA B 22 -25.97 4.34 18.65
C ALA B 22 -27.32 5.02 18.73
N ALA B 23 -28.38 4.27 19.02
CA ALA B 23 -29.70 4.87 19.15
C ALA B 23 -29.78 5.66 20.47
N SER B 24 -28.88 5.38 21.39
CA SER B 24 -28.93 6.07 22.68
C SER B 24 -27.56 6.14 23.35
N GLY B 25 -27.49 6.87 24.47
CA GLY B 25 -26.32 6.83 25.34
C GLY B 25 -25.02 7.28 24.72
N ILE B 26 -23.96 6.55 25.07
CA ILE B 26 -22.61 6.86 24.60
C ILE B 26 -22.53 6.82 23.09
N GLY B 27 -23.12 5.79 22.50
CA GLY B 27 -23.04 5.63 21.07
C GLY B 27 -23.76 6.76 20.35
N LYS B 28 -24.91 7.19 20.88
CA LYS B 28 -25.62 8.31 20.25
C LYS B 28 -24.78 9.57 20.34
N GLU B 29 -24.21 9.86 21.51
CA GLU B 29 -23.43 11.09 21.64
C GLU B 29 -22.20 11.06 20.71
N ILE B 30 -21.60 9.90 20.55
CA ILE B 30 -20.50 9.79 19.58
C ILE B 30 -20.95 10.14 18.17
N ALA B 31 -22.08 9.58 17.76
CA ALA B 31 -22.63 9.86 16.45
C ALA B 31 -22.86 11.34 16.27
N LEU B 32 -23.50 11.96 17.26
CA LEU B 32 -23.80 13.38 17.20
C LEU B 32 -22.53 14.21 17.06
N GLU B 33 -21.51 13.84 17.83
CA GLU B 33 -20.27 14.59 17.85
C GLU B 33 -19.53 14.43 16.52
N LEU B 34 -19.46 13.21 15.99
CA LEU B 34 -18.79 12.98 14.70
C LEU B 34 -19.46 13.73 13.57
N ALA B 35 -20.80 13.73 13.56
CA ALA B 35 -21.54 14.50 12.54
C ALA B 35 -21.31 15.99 12.67
N LYS B 36 -21.28 16.47 13.91
CA LYS B 36 -21.06 17.89 14.18
C LYS B 36 -19.72 18.31 13.59
N ALA B 37 -18.76 17.38 13.64
CA ALA B 37 -17.41 17.59 13.16
C ALA B 37 -17.28 17.53 11.64
N GLY B 38 -18.35 17.13 10.96
CA GLY B 38 -18.39 17.13 9.51
C GLY B 38 -18.55 15.74 8.88
N ALA B 39 -18.54 14.71 9.71
CA ALA B 39 -18.63 13.35 9.19
C ALA B 39 -20.05 13.03 8.71
N ALA B 40 -20.15 12.26 7.64
CA ALA B 40 -21.43 11.64 7.30
C ALA B 40 -21.56 10.38 8.14
N VAL B 41 -22.62 10.29 8.94
CA VAL B 41 -22.69 9.24 9.95
C VAL B 41 -23.86 8.26 9.77
N ALA B 42 -23.55 6.97 9.76
CA ALA B 42 -24.58 5.95 9.75
C ALA B 42 -24.81 5.48 11.17
N ILE B 43 -26.02 5.66 11.68
CA ILE B 43 -26.32 5.24 13.03
C ILE B 43 -26.91 3.84 12.92
N ALA B 44 -26.14 2.84 13.34
CA ALA B 44 -26.58 1.46 13.27
C ALA B 44 -27.07 1.00 14.64
N ASP B 45 -28.21 0.32 14.65
CA ASP B 45 -28.82 -0.14 15.89
C ASP B 45 -29.77 -1.26 15.52
N LEU B 46 -30.13 -2.09 16.48
CA LEU B 46 -31.19 -3.09 16.24
C LEU B 46 -32.49 -2.40 15.81
N ASN B 47 -32.75 -1.25 16.43
CA ASN B 47 -33.99 -0.52 16.23
C ASN B 47 -33.84 0.59 15.20
N GLN B 48 -34.40 0.37 14.02
CA GLN B 48 -34.32 1.33 12.92
CA GLN B 48 -34.30 1.33 12.93
C GLN B 48 -34.96 2.67 13.28
N ASP B 49 -36.07 2.62 14.02
CA ASP B 49 -36.73 3.88 14.39
C ASP B 49 -35.84 4.65 15.35
N GLY B 50 -35.24 3.94 16.31
CA GLY B 50 -34.29 4.54 17.23
C GLY B 50 -33.11 5.17 16.50
N ALA B 51 -32.56 4.44 15.54
CA ALA B 51 -31.47 4.94 14.72
C ALA B 51 -31.87 6.19 13.95
N ASN B 52 -33.10 6.16 13.42
CA ASN B 52 -33.63 7.24 12.59
C ASN B 52 -33.78 8.54 13.38
N ALA B 53 -34.26 8.43 14.62
CA ALA B 53 -34.40 9.57 15.51
C ALA B 53 -33.07 10.32 15.68
N VAL B 54 -31.99 9.58 15.86
CA VAL B 54 -30.68 10.21 15.95
C VAL B 54 -30.29 10.83 14.62
N ALA B 55 -30.49 10.07 13.55
CA ALA B 55 -30.18 10.58 12.21
C ALA B 55 -30.99 11.85 11.92
N ASP B 56 -32.24 11.87 12.38
CA ASP B 56 -33.10 13.01 12.13
C ASP B 56 -32.62 14.23 12.92
N GLU B 57 -32.07 13.99 14.11
CA GLU B 57 -31.58 15.08 14.95
C GLU B 57 -30.35 15.72 14.28
N ILE B 58 -29.49 14.87 13.72
CA ILE B 58 -28.29 15.31 13.03
C ILE B 58 -28.63 16.13 11.78
N ASN B 59 -29.52 15.60 10.95
CA ASN B 59 -29.93 16.28 9.73
C ASN B 59 -30.57 17.64 10.03
N LYS B 60 -31.40 17.68 11.07
CA LYS B 60 -32.04 18.94 11.47
C LYS B 60 -31.00 20.01 11.84
N ALA B 61 -29.93 19.57 12.49
CA ALA B 61 -28.86 20.48 12.94
C ALA B 61 -27.91 20.86 11.82
N GLY B 62 -28.16 20.34 10.62
CA GLY B 62 -27.37 20.72 9.44
C GLY B 62 -26.34 19.69 8.99
N GLY B 63 -26.17 18.63 9.78
CA GLY B 63 -25.28 17.54 9.41
C GLY B 63 -25.89 16.55 8.44
N LYS B 64 -25.22 15.41 8.26
CA LYS B 64 -25.63 14.35 7.33
C LYS B 64 -25.59 12.96 7.98
N ALA B 65 -26.74 12.30 8.10
CA ALA B 65 -26.81 10.99 8.74
C ALA B 65 -27.91 10.11 8.13
N ILE B 66 -27.78 8.80 8.32
CA ILE B 66 -28.88 7.88 8.01
C ILE B 66 -28.96 6.88 9.15
N GLY B 67 -30.10 6.21 9.25
CA GLY B 67 -30.27 5.15 10.25
C GLY B 67 -30.21 3.81 9.56
N VAL B 68 -29.49 2.86 10.16
CA VAL B 68 -29.33 1.54 9.58
C VAL B 68 -29.68 0.47 10.59
N ALA B 69 -30.68 -0.35 10.29
CA ALA B 69 -31.02 -1.46 11.18
C ALA B 69 -30.01 -2.57 11.01
N MET B 70 -29.59 -3.14 12.13
CA MET B 70 -28.53 -4.13 12.13
C MET B 70 -28.50 -4.91 13.45
N ASP B 71 -28.61 -6.22 13.35
CA ASP B 71 -28.29 -7.10 14.49
C ASP B 71 -26.80 -7.39 14.41
N VAL B 72 -25.99 -6.79 15.29
CA VAL B 72 -24.54 -6.88 15.12
C VAL B 72 -23.97 -8.26 15.40
N THR B 73 -24.80 -9.17 15.93
CA THR B 73 -24.35 -10.54 16.16
C THR B 73 -24.55 -11.42 14.94
N ASN B 74 -25.18 -10.89 13.90
CA ASN B 74 -25.48 -11.67 12.71
C ASN B 74 -24.61 -11.29 11.52
N GLU B 75 -23.82 -12.23 11.02
CA GLU B 75 -22.87 -11.90 9.95
C GLU B 75 -23.57 -11.29 8.73
N GLU B 76 -24.63 -11.94 8.26
CA GLU B 76 -25.32 -11.45 7.10
C GLU B 76 -25.87 -10.03 7.26
N ALA B 77 -26.51 -9.76 8.39
CA ALA B 77 -27.07 -8.43 8.64
C ALA B 77 -25.95 -7.36 8.70
N VAL B 78 -24.85 -7.69 9.37
CA VAL B 78 -23.71 -6.78 9.45
C VAL B 78 -23.08 -6.52 8.09
N ASN B 79 -22.81 -7.57 7.31
CA ASN B 79 -22.20 -7.39 5.99
C ASN B 79 -23.05 -6.53 5.07
N THR B 80 -24.33 -6.86 4.99
CA THR B 80 -25.29 -6.13 4.18
C THR B 80 -25.44 -4.67 4.60
N GLY B 81 -25.58 -4.44 5.90
CA GLY B 81 -25.70 -3.11 6.43
C GLY B 81 -24.48 -2.20 6.25
N ILE B 82 -23.29 -2.74 6.50
CA ILE B 82 -22.06 -1.99 6.24
C ILE B 82 -21.91 -1.67 4.74
N ASP B 83 -22.23 -2.64 3.89
CA ASP B 83 -22.17 -2.39 2.44
C ASP B 83 -23.18 -1.34 1.98
N LYS B 84 -24.35 -1.33 2.62
CA LYS B 84 -25.36 -0.32 2.33
C LYS B 84 -24.85 1.08 2.67
N VAL B 85 -24.16 1.18 3.80
CA VAL B 85 -23.54 2.44 4.20
C VAL B 85 -22.50 2.87 3.16
N ALA B 86 -21.65 1.92 2.77
CA ALA B 86 -20.58 2.17 1.81
C ALA B 86 -21.15 2.64 0.48
N GLU B 87 -22.31 2.12 0.13
CA GLU B 87 -22.98 2.49 -1.12
C GLU B 87 -23.61 3.88 -1.03
N ALA B 88 -24.20 4.18 0.11
CA ALA B 88 -24.84 5.49 0.30
C ALA B 88 -23.80 6.61 0.39
N PHE B 89 -22.69 6.32 1.06
CA PHE B 89 -21.74 7.36 1.41
C PHE B 89 -20.46 7.32 0.58
N GLY B 90 -20.23 6.21 -0.11
CA GLY B 90 -19.05 6.07 -0.95
C GLY B 90 -17.86 5.42 -0.27
N SER B 91 -17.90 5.35 1.06
CA SER B 91 -16.81 4.78 1.86
C SER B 91 -17.26 4.48 3.28
N VAL B 92 -16.38 3.84 4.04
CA VAL B 92 -16.48 3.73 5.50
C VAL B 92 -15.12 4.10 6.07
N ASP B 93 -14.94 5.35 6.46
CA ASP B 93 -13.64 5.79 6.99
C ASP B 93 -13.45 5.45 8.45
N ILE B 94 -14.53 5.48 9.21
CA ILE B 94 -14.50 5.32 10.66
C ILE B 94 -15.56 4.32 11.12
N LEU B 95 -15.12 3.35 11.92
CA LEU B 95 -16.03 2.43 12.58
C LEU B 95 -15.89 2.54 14.07
N VAL B 96 -17.00 2.83 14.72
CA VAL B 96 -17.05 2.79 16.18
C VAL B 96 -17.99 1.65 16.59
N SER B 97 -17.42 0.61 17.21
CA SER B 97 -18.17 -0.55 17.66
C SER B 97 -18.54 -0.34 19.10
N ASN B 98 -19.84 -0.22 19.35
CA ASN B 98 -20.34 0.20 20.65
C ASN B 98 -21.53 -0.63 21.13
N ALA B 99 -21.38 -1.23 22.31
CA ALA B 99 -22.50 -1.95 22.95
C ALA B 99 -22.44 -1.71 24.44
N GLY B 100 -23.59 -1.58 25.07
CA GLY B 100 -23.59 -1.33 26.50
C GLY B 100 -24.35 -2.34 27.35
N ILE B 101 -24.92 -3.37 26.72
CA ILE B 101 -25.75 -4.35 27.45
C ILE B 101 -24.96 -4.96 28.62
N GLN B 102 -25.60 -4.96 29.78
CA GLN B 102 -25.03 -5.45 31.03
C GLN B 102 -26.00 -6.44 31.69
N ILE B 103 -25.51 -7.64 31.98
CA ILE B 103 -26.28 -8.61 32.72
C ILE B 103 -25.45 -9.08 33.91
N VAL B 104 -25.92 -8.82 35.13
CA VAL B 104 -25.12 -9.20 36.31
C VAL B 104 -25.65 -10.44 37.01
N ASN B 105 -24.74 -11.12 37.69
CA ASN B 105 -24.96 -12.37 38.42
C ASN B 105 -23.58 -12.88 38.86
N PRO B 106 -23.51 -13.52 40.04
CA PRO B 106 -22.26 -14.19 40.37
C PRO B 106 -22.03 -15.35 39.42
N ILE B 107 -20.76 -15.72 39.23
CA ILE B 107 -20.40 -16.75 38.28
C ILE B 107 -21.19 -18.05 38.46
N GLU B 108 -21.35 -18.51 39.71
CA GLU B 108 -21.96 -19.83 39.94
C GLU B 108 -23.43 -19.83 39.53
N ASN B 109 -24.04 -18.65 39.48
CA ASN B 109 -25.41 -18.52 39.02
C ASN B 109 -25.55 -17.83 37.65
N TYR B 110 -24.47 -17.72 36.88
CA TYR B 110 -24.51 -16.97 35.62
C TYR B 110 -24.99 -17.86 34.50
N SER B 111 -26.09 -17.48 33.84
CA SER B 111 -26.65 -18.38 32.85
C SER B 111 -25.75 -18.43 31.61
N PHE B 112 -25.52 -19.64 31.10
CA PHE B 112 -24.75 -19.84 29.88
C PHE B 112 -25.39 -19.11 28.69
N ALA B 113 -26.73 -19.07 28.64
CA ALA B 113 -27.40 -18.29 27.59
C ALA B 113 -27.05 -16.80 27.71
N ASP B 114 -27.11 -16.24 28.93
CA ASP B 114 -26.71 -14.85 29.14
C ASP B 114 -25.25 -14.63 28.76
N TRP B 115 -24.41 -15.59 29.16
CA TRP B 115 -22.97 -15.52 28.88
C TRP B 115 -22.71 -15.39 27.38
N LYS B 116 -23.39 -16.24 26.62
CA LYS B 116 -23.18 -16.26 25.19
C LYS B 116 -23.72 -15.02 24.50
N LYS B 117 -24.84 -14.51 24.97
CA LYS B 117 -25.43 -13.32 24.38
C LYS B 117 -24.53 -12.12 24.64
N MET B 118 -23.94 -12.08 25.83
CA MET B 118 -23.02 -11.00 26.20
C MET B 118 -21.79 -11.00 25.31
N GLN B 119 -21.18 -12.17 25.09
CA GLN B 119 -20.02 -12.27 24.21
C GLN B 119 -20.38 -11.93 22.77
N ALA B 120 -21.55 -12.39 22.33
CA ALA B 120 -21.97 -12.17 20.96
C ALA B 120 -22.16 -10.70 20.66
N ILE B 121 -22.89 -9.99 21.52
CA ILE B 121 -23.12 -8.56 21.28
C ILE B 121 -21.84 -7.73 21.40
N HIS B 122 -21.10 -7.89 22.49
CA HIS B 122 -19.94 -7.03 22.69
C HIS B 122 -18.79 -7.36 21.75
N VAL B 123 -18.49 -8.64 21.60
CA VAL B 123 -17.26 -9.06 20.94
C VAL B 123 -17.48 -9.57 19.52
N ASP B 124 -18.43 -10.49 19.33
CA ASP B 124 -18.72 -10.92 17.96
C ASP B 124 -19.17 -9.71 17.15
N GLY B 125 -19.93 -8.81 17.77
CA GLY B 125 -20.37 -7.62 17.06
C GLY B 125 -19.16 -6.79 16.63
N ALA B 126 -18.17 -6.68 17.50
CA ALA B 126 -16.93 -5.97 17.15
C ALA B 126 -16.19 -6.72 16.05
N PHE B 127 -16.06 -8.04 16.16
CA PHE B 127 -15.38 -8.82 15.11
C PHE B 127 -16.07 -8.70 13.74
N LEU B 128 -17.38 -8.90 13.72
CA LEU B 128 -18.13 -8.88 12.47
C LEU B 128 -18.10 -7.50 11.78
N THR B 129 -18.37 -6.45 12.54
CA THR B 129 -18.43 -5.12 11.95
C THR B 129 -17.03 -4.73 11.48
N THR B 130 -16.01 -5.09 12.25
CA THR B 130 -14.63 -4.85 11.83
C THR B 130 -14.34 -5.52 10.50
N LYS B 131 -14.55 -6.84 10.45
CA LYS B 131 -14.36 -7.61 9.22
C LYS B 131 -15.10 -6.97 8.05
N ALA B 132 -16.34 -6.53 8.29
CA ALA B 132 -17.12 -5.90 7.21
C ALA B 132 -16.53 -4.54 6.78
N ALA B 133 -16.08 -3.76 7.75
CA ALA B 133 -15.49 -2.46 7.44
C ALA B 133 -14.15 -2.60 6.74
N LEU B 134 -13.39 -3.65 7.08
CA LEU B 134 -12.06 -3.80 6.47
C LEU B 134 -12.17 -4.10 4.98
N LYS B 135 -13.25 -4.75 4.56
CA LYS B 135 -13.45 -5.01 3.14
C LYS B 135 -13.37 -3.70 2.36
N HIS B 136 -13.91 -2.64 2.95
CA HIS B 136 -13.87 -1.31 2.33
C HIS B 136 -12.61 -0.51 2.66
N MET B 137 -12.13 -0.60 3.91
CA MET B 137 -10.94 0.16 4.29
C MET B 137 -9.67 -0.34 3.61
N TYR B 138 -9.62 -1.63 3.32
CA TYR B 138 -8.41 -2.22 2.76
C TYR B 138 -8.30 -1.96 1.26
N LYS B 139 -9.41 -1.56 0.62
CA LYS B 139 -9.43 -1.29 -0.82
C LYS B 139 -8.42 -0.22 -1.22
N ASP B 140 -7.43 -0.62 -2.02
CA ASP B 140 -6.35 0.28 -2.42
CA ASP B 140 -6.34 0.24 -2.41
C ASP B 140 -5.72 0.95 -1.19
N ASP B 141 -5.76 0.28 -0.05
CA ASP B 141 -5.17 0.80 1.18
C ASP B 141 -5.65 2.22 1.48
N ARG B 142 -6.91 2.47 1.17
CA ARG B 142 -7.57 3.74 1.48
C ARG B 142 -7.45 4.07 2.97
N GLY B 143 -7.60 3.04 3.80
CA GLY B 143 -7.36 3.22 5.23
C GLY B 143 -8.60 3.52 6.03
N GLY B 144 -8.43 3.68 7.34
CA GLY B 144 -9.58 3.88 8.21
C GLY B 144 -9.21 3.96 9.66
N VAL B 145 -10.19 4.29 10.48
CA VAL B 145 -10.00 4.22 11.93
C VAL B 145 -11.06 3.31 12.51
N VAL B 146 -10.64 2.36 13.35
CA VAL B 146 -11.57 1.45 13.98
C VAL B 146 -11.49 1.63 15.48
N ILE B 147 -12.59 2.03 16.09
CA ILE B 147 -12.60 2.24 17.53
C ILE B 147 -13.62 1.35 18.22
N TYR B 148 -13.15 0.58 19.21
CA TYR B 148 -14.02 -0.22 20.05
C TYR B 148 -14.32 0.52 21.35
N MET B 149 -15.58 0.51 21.75
CA MET B 149 -15.94 1.10 23.03
C MET B 149 -15.76 0.02 24.08
N GLY B 150 -14.77 0.21 24.93
CA GLY B 150 -14.50 -0.74 26.00
C GLY B 150 -15.08 -0.21 27.30
N SER B 151 -14.28 -0.25 28.36
CA SER B 151 -14.74 0.16 29.68
C SER B 151 -13.50 0.20 30.54
N VAL B 152 -13.58 0.80 31.74
CA VAL B 152 -12.51 0.55 32.71
C VAL B 152 -12.50 -0.98 33.00
N HIS B 153 -13.63 -1.65 32.81
CA HIS B 153 -13.72 -3.11 32.93
C HIS B 153 -13.02 -3.90 31.79
N SER B 154 -12.43 -3.17 30.85
CA SER B 154 -11.45 -3.80 29.92
C SER B 154 -10.12 -4.08 30.68
N HIS B 155 -9.93 -3.40 31.79
CA HIS B 155 -8.66 -3.38 32.51
C HIS B 155 -8.76 -3.88 33.93
N GLU B 156 -9.94 -3.70 34.52
CA GLU B 156 -10.09 -4.03 35.94
C GLU B 156 -11.43 -4.71 36.18
N ALA B 157 -11.50 -5.65 37.11
CA ALA B 157 -12.72 -6.44 37.29
C ALA B 157 -13.61 -5.86 38.37
N SER B 158 -14.90 -6.20 38.33
CA SER B 158 -15.80 -6.05 39.47
C SER B 158 -16.55 -7.37 39.64
N PRO B 159 -16.97 -7.69 40.87
CA PRO B 159 -17.79 -8.89 41.07
C PRO B 159 -19.12 -8.75 40.34
N LEU B 160 -19.70 -9.89 39.98
CA LEU B 160 -21.03 -10.01 39.38
C LEU B 160 -21.06 -9.64 37.88
N LYS B 161 -19.91 -9.29 37.31
CA LYS B 161 -19.85 -8.84 35.93
C LYS B 161 -18.89 -9.65 35.08
N SER B 162 -18.81 -10.95 35.34
CA SER B 162 -17.83 -11.79 34.64
C SER B 162 -17.99 -11.74 33.12
N ALA B 163 -19.22 -11.82 32.62
CA ALA B 163 -19.43 -11.78 31.17
C ALA B 163 -18.95 -10.46 30.56
N TYR B 164 -19.39 -9.34 31.15
CA TYR B 164 -19.03 -8.01 30.67
C TYR B 164 -17.53 -7.76 30.77
N VAL B 165 -16.94 -8.10 31.90
CA VAL B 165 -15.49 -7.85 32.09
C VAL B 165 -14.68 -8.71 31.12
N THR B 166 -15.10 -9.96 30.95
CA THR B 166 -14.44 -10.86 30.00
C THR B 166 -14.51 -10.29 28.57
N ALA B 167 -15.69 -9.83 28.19
CA ALA B 167 -15.89 -9.28 26.83
C ALA B 167 -15.04 -8.00 26.61
N LYS B 168 -15.08 -7.11 27.59
CA LYS B 168 -14.38 -5.84 27.48
C LYS B 168 -12.86 -6.03 27.49
N HIS B 169 -12.39 -7.04 28.24
CA HIS B 169 -10.99 -7.46 28.18
C HIS B 169 -10.63 -8.00 26.81
N GLY B 170 -11.48 -8.87 26.27
CA GLY B 170 -11.28 -9.41 24.93
C GLY B 170 -11.16 -8.34 23.85
N LEU B 171 -11.96 -7.29 23.95
CA LEU B 171 -11.91 -6.19 22.95
C LEU B 171 -10.53 -5.57 22.83
N LEU B 172 -9.79 -5.53 23.94
CA LEU B 172 -8.42 -5.04 23.88
C LEU B 172 -7.58 -5.92 22.98
N GLY B 173 -7.68 -7.23 23.16
CA GLY B 173 -6.92 -8.15 22.32
C GLY B 173 -7.19 -8.00 20.83
N LEU B 174 -8.48 -8.01 20.47
CA LEU B 174 -8.85 -7.82 19.06
C LEU B 174 -8.31 -6.51 18.50
N ALA B 175 -8.44 -5.42 19.25
CA ALA B 175 -7.96 -4.11 18.75
C ALA B 175 -6.45 -4.12 18.56
N ARG B 176 -5.73 -4.79 19.46
CA ARG B 176 -4.27 -4.85 19.38
C ARG B 176 -3.83 -5.67 18.18
N VAL B 177 -4.52 -6.77 17.89
CA VAL B 177 -4.24 -7.50 16.65
C VAL B 177 -4.56 -6.64 15.41
N LEU B 178 -5.70 -5.96 15.41
CA LEU B 178 -6.05 -5.11 14.27
C LEU B 178 -5.00 -4.01 14.07
N ALA B 179 -4.43 -3.46 15.14
CA ALA B 179 -3.40 -2.43 14.93
C ALA B 179 -2.17 -2.98 14.19
N LYS B 180 -1.77 -4.22 14.48
CA LYS B 180 -0.62 -4.80 13.78
C LYS B 180 -0.98 -5.23 12.36
N GLU B 181 -2.17 -5.78 12.17
CA GLU B 181 -2.58 -6.23 10.82
C GLU B 181 -2.96 -5.07 9.91
N GLY B 182 -3.60 -4.05 10.48
CA GLY B 182 -4.17 -3.01 9.66
C GLY B 182 -3.19 -1.94 9.23
N ALA B 183 -2.00 -1.92 9.85
CA ALA B 183 -1.01 -0.87 9.60
C ALA B 183 -0.64 -0.76 8.11
N LYS B 184 -0.39 -1.89 7.47
CA LYS B 184 0.06 -1.88 6.07
C LYS B 184 -1.05 -1.44 5.14
N HIS B 185 -2.29 -1.42 5.64
CA HIS B 185 -3.40 -0.92 4.85
C HIS B 185 -3.89 0.47 5.30
N ASN B 186 -3.10 1.12 6.14
CA ASN B 186 -3.40 2.42 6.73
C ASN B 186 -4.63 2.38 7.61
N VAL B 187 -4.89 1.24 8.25
CA VAL B 187 -5.99 1.16 9.20
C VAL B 187 -5.46 1.23 10.62
N ARG B 188 -6.01 2.15 11.42
CA ARG B 188 -5.65 2.32 12.83
CA ARG B 188 -5.64 2.27 12.82
C ARG B 188 -6.72 1.69 13.71
N SER B 189 -6.34 1.23 14.90
CA SER B 189 -7.32 0.75 15.88
C SER B 189 -7.13 1.45 17.21
N HIS B 190 -8.22 1.64 17.93
CA HIS B 190 -8.14 2.20 19.30
C HIS B 190 -9.24 1.61 20.15
N VAL B 191 -9.05 1.64 21.47
CA VAL B 191 -10.15 1.31 22.38
C VAL B 191 -10.35 2.48 23.32
N VAL B 192 -11.59 2.92 23.44
CA VAL B 192 -11.92 3.95 24.41
C VAL B 192 -12.66 3.31 25.59
N CYS B 193 -12.15 3.60 26.79
CA CYS B 193 -12.60 2.91 28.02
C CYS B 193 -13.24 3.85 29.04
N PRO B 194 -14.55 4.09 28.89
CA PRO B 194 -15.31 4.97 29.77
C PRO B 194 -15.40 4.43 31.20
N GLY B 195 -15.44 5.34 32.15
CA GLY B 195 -15.77 4.98 33.50
C GLY B 195 -17.28 4.97 33.74
N PHE B 196 -17.66 5.28 34.98
CA PHE B 196 -19.04 5.21 35.41
C PHE B 196 -19.84 6.38 34.83
N VAL B 197 -20.81 6.09 33.98
CA VAL B 197 -21.70 7.12 33.44
C VAL B 197 -23.01 7.08 34.20
N ARG B 198 -23.52 8.26 34.56
CA ARG B 198 -24.79 8.35 35.29
C ARG B 198 -25.97 8.16 34.32
N THR B 199 -26.81 7.18 34.59
CA THR B 199 -27.96 6.86 33.76
C THR B 199 -29.24 6.84 34.59
N PRO B 200 -30.42 6.89 33.92
CA PRO B 200 -31.67 6.63 34.64
C PRO B 200 -31.60 5.35 35.48
N LEU B 201 -30.94 4.31 34.98
CA LEU B 201 -30.78 3.06 35.73
C LEU B 201 -30.01 3.31 37.03
N VAL B 202 -28.85 3.96 36.90
CA VAL B 202 -28.03 4.34 38.04
C VAL B 202 -28.87 5.09 39.07
N ASP B 203 -29.66 6.05 38.59
CA ASP B 203 -30.52 6.83 39.46
C ASP B 203 -31.48 5.98 40.30
N LYS B 204 -31.84 4.80 39.78
CA LYS B 204 -32.71 3.88 40.51
C LYS B 204 -31.92 2.88 41.33
N GLN B 205 -30.72 2.56 40.87
CA GLN B 205 -29.87 1.60 41.56
C GLN B 205 -29.31 2.20 42.86
N ILE B 206 -29.17 3.53 42.90
CA ILE B 206 -28.59 4.20 44.05
C ILE B 206 -29.42 4.04 45.34
N PRO B 207 -30.73 4.37 45.30
CA PRO B 207 -31.51 4.21 46.54
C PRO B 207 -31.67 2.74 46.96
N GLU B 208 -31.75 1.85 45.97
CA GLU B 208 -31.80 0.41 46.23
C GLU B 208 -30.59 -0.04 47.05
N GLN B 209 -29.40 0.23 46.54
CA GLN B 209 -28.17 -0.19 47.22
C GLN B 209 -28.00 0.51 48.56
N ALA B 210 -28.54 1.72 48.69
CA ALA B 210 -28.46 2.44 49.95
C ALA B 210 -29.24 1.72 51.03
N LYS B 211 -30.45 1.29 50.68
CA LYS B 211 -31.31 0.54 51.60
C LYS B 211 -30.71 -0.83 51.93
N GLU B 212 -30.25 -1.53 50.89
CA GLU B 212 -29.68 -2.86 51.06
C GLU B 212 -28.38 -2.85 51.86
N LEU B 213 -27.53 -1.84 51.62
CA LEU B 213 -26.25 -1.76 52.31
C LEU B 213 -26.36 -1.03 53.64
N GLY B 214 -27.41 -0.23 53.80
CA GLY B 214 -27.64 0.46 55.05
C GLY B 214 -26.79 1.70 55.23
N ILE B 215 -26.41 2.32 54.13
CA ILE B 215 -25.65 3.57 54.17
C ILE B 215 -26.43 4.65 53.43
N SER B 216 -25.88 5.87 53.40
CA SER B 216 -26.58 6.97 52.75
C SER B 216 -26.44 6.83 51.24
N GLU B 217 -27.30 7.50 50.50
CA GLU B 217 -27.22 7.50 49.04
C GLU B 217 -25.96 8.23 48.60
N GLU B 218 -25.57 9.23 49.37
CA GLU B 218 -24.34 9.96 49.08
C GLU B 218 -23.13 9.02 49.18
N GLU B 219 -23.14 8.15 50.18
CA GLU B 219 -22.06 7.18 50.32
C GLU B 219 -22.10 6.17 49.17
N VAL B 220 -23.29 5.82 48.71
CA VAL B 220 -23.39 4.91 47.57
C VAL B 220 -22.75 5.54 46.34
N ILE B 221 -23.07 6.80 46.08
CA ILE B 221 -22.48 7.53 44.96
C ILE B 221 -20.97 7.69 45.11
N LYS B 222 -20.56 8.28 46.23
CA LYS B 222 -19.17 8.67 46.37
C LYS B 222 -18.23 7.51 46.67
N LYS B 223 -18.69 6.54 47.47
CA LYS B 223 -17.80 5.45 47.91
C LYS B 223 -18.00 4.14 47.18
N VAL B 224 -19.25 3.75 46.95
CA VAL B 224 -19.51 2.47 46.28
C VAL B 224 -19.28 2.60 44.77
N MET B 225 -19.94 3.57 44.15
CA MET B 225 -19.88 3.71 42.69
C MET B 225 -18.67 4.46 42.15
N LEU B 226 -18.33 5.59 42.76
CA LEU B 226 -17.22 6.42 42.29
C LEU B 226 -16.03 6.43 43.26
N GLY B 227 -15.98 5.47 44.18
CA GLY B 227 -14.90 5.41 45.16
C GLY B 227 -13.50 5.28 44.58
N ASN B 228 -13.37 4.63 43.42
CA ASN B 228 -12.07 4.55 42.75
C ASN B 228 -11.78 5.72 41.82
N THR B 229 -12.71 6.67 41.67
CA THR B 229 -12.33 7.91 40.96
C THR B 229 -11.52 8.79 41.90
N VAL B 230 -10.85 9.81 41.37
CA VAL B 230 -10.11 10.73 42.23
C VAL B 230 -10.97 11.89 42.71
N ASP B 231 -12.13 12.10 42.06
CA ASP B 231 -12.91 13.31 42.34
C ASP B 231 -14.38 13.08 42.66
N GLY B 232 -14.84 11.83 42.62
CA GLY B 232 -16.24 11.55 42.88
C GLY B 232 -17.17 12.14 41.82
N VAL B 233 -16.72 12.14 40.57
CA VAL B 233 -17.47 12.73 39.47
C VAL B 233 -17.80 11.67 38.42
N PHE B 234 -19.06 11.61 37.99
CA PHE B 234 -19.48 10.69 36.94
C PHE B 234 -18.83 11.05 35.62
N THR B 235 -18.50 10.05 34.82
CA THR B 235 -18.01 10.28 33.46
C THR B 235 -19.19 10.70 32.56
N THR B 236 -19.02 11.71 31.71
CA THR B 236 -20.12 12.17 30.84
C THR B 236 -20.00 11.58 29.45
N VAL B 237 -21.12 11.44 28.74
CA VAL B 237 -21.06 10.98 27.37
C VAL B 237 -20.23 11.96 26.54
N GLN B 238 -20.22 13.25 26.92
CA GLN B 238 -19.41 14.24 26.20
CA GLN B 238 -19.42 14.25 26.22
C GLN B 238 -17.93 13.95 26.35
N ASP B 239 -17.48 13.65 27.58
CA ASP B 239 -16.09 13.21 27.86
C ASP B 239 -15.69 12.16 26.83
N VAL B 240 -16.53 11.15 26.72
CA VAL B 240 -16.27 10.02 25.85
C VAL B 240 -16.26 10.43 24.38
N ALA B 241 -17.29 11.17 23.96
CA ALA B 241 -17.38 11.55 22.57
C ALA B 241 -16.21 12.43 22.15
N GLN B 242 -15.80 13.36 23.00
CA GLN B 242 -14.64 14.19 22.66
C GLN B 242 -13.38 13.37 22.42
N THR B 243 -13.21 12.32 23.21
CA THR B 243 -12.02 11.50 23.08
C THR B 243 -12.08 10.70 21.77
N VAL B 244 -13.27 10.19 21.44
CA VAL B 244 -13.47 9.50 20.16
C VAL B 244 -13.20 10.43 18.97
N LEU B 245 -13.68 11.66 19.06
CA LEU B 245 -13.43 12.65 18.04
C LEU B 245 -11.92 12.87 17.85
N PHE B 246 -11.23 13.08 18.97
CA PHE B 246 -9.77 13.28 18.95
C PHE B 246 -9.07 12.16 18.19
N LEU B 247 -9.43 10.92 18.52
CA LEU B 247 -8.84 9.78 17.86
C LEU B 247 -9.21 9.72 16.39
N SER B 248 -10.49 9.91 16.10
CA SER B 248 -11.01 9.80 14.72
C SER B 248 -10.31 10.78 13.78
N ALA B 249 -9.99 11.96 14.27
CA ALA B 249 -9.37 12.98 13.45
C ALA B 249 -7.84 13.05 13.54
N PHE B 250 -7.22 12.19 14.36
CA PHE B 250 -5.78 12.30 14.55
C PHE B 250 -5.04 12.15 13.22
N PRO B 251 -4.05 13.02 12.97
CA PRO B 251 -3.41 13.11 11.64
C PRO B 251 -2.37 12.03 11.29
N SER B 252 -2.12 11.08 12.17
CA SER B 252 -1.20 9.97 11.84
C SER B 252 -1.64 8.72 12.57
N ALA B 253 -0.89 7.62 12.37
CA ALA B 253 -1.21 6.36 13.05
C ALA B 253 -0.54 6.25 14.42
N ALA B 254 0.00 7.35 14.94
CA ALA B 254 0.83 7.29 16.16
C ALA B 254 0.12 6.68 17.39
N LEU B 255 -1.21 6.79 17.47
CA LEU B 255 -1.93 6.29 18.64
C LEU B 255 -2.56 4.90 18.41
N THR B 256 -2.22 4.25 17.32
CA THR B 256 -2.87 2.96 16.99
C THR B 256 -2.52 1.88 18.02
N GLY B 257 -3.49 1.03 18.34
CA GLY B 257 -3.28 -0.05 19.30
C GLY B 257 -3.44 0.34 20.76
N GLN B 258 -3.60 1.63 21.03
CA GLN B 258 -3.68 2.13 22.40
C GLN B 258 -5.10 2.15 22.92
N SER B 259 -5.27 2.02 24.23
CA SER B 259 -6.57 2.29 24.83
C SER B 259 -6.50 3.56 25.65
N PHE B 260 -7.66 4.20 25.80
CA PHE B 260 -7.78 5.49 26.45
C PHE B 260 -8.86 5.39 27.51
N ILE B 261 -8.45 5.53 28.75
CA ILE B 261 -9.31 5.39 29.91
C ILE B 261 -9.87 6.75 30.25
N VAL B 262 -11.20 6.84 30.19
CA VAL B 262 -11.87 8.12 30.33
C VAL B 262 -12.74 7.99 31.56
N SER B 263 -12.15 8.11 32.73
CA SER B 263 -12.83 7.60 33.92
C SER B 263 -12.67 8.41 35.19
N HIS B 264 -12.12 9.63 35.09
CA HIS B 264 -11.83 10.43 36.28
C HIS B 264 -10.90 9.70 37.28
N GLY B 265 -9.92 9.01 36.74
CA GLY B 265 -8.86 8.46 37.57
C GLY B 265 -9.14 7.06 38.05
N TRP B 266 -10.22 6.44 37.57
CA TRP B 266 -10.50 5.05 37.94
C TRP B 266 -9.70 4.14 37.02
N PHE B 267 -8.71 3.45 37.61
CA PHE B 267 -7.66 2.70 36.93
C PHE B 267 -6.73 3.60 36.10
N MET B 268 -5.51 3.78 36.58
CA MET B 268 -4.56 4.66 35.89
C MET B 268 -3.49 3.85 35.18
N GLN B 269 -3.38 4.06 33.89
CA GLN B 269 -2.36 3.37 33.10
CA GLN B 269 -2.39 3.38 33.06
C GLN B 269 -1.57 4.44 32.35
N MET C 9 -11.19 23.72 23.57
CA MET C 9 -10.81 22.34 23.25
C MET C 9 -10.83 22.11 21.74
N SER C 10 -9.69 22.39 21.09
CA SER C 10 -8.49 22.77 21.81
C SER C 10 -8.10 24.24 21.63
N ASN C 11 -8.78 25.10 22.37
CA ASN C 11 -8.41 26.51 22.46
C ASN C 11 -7.94 26.85 23.86
N LEU C 12 -6.89 27.66 23.96
CA LEU C 12 -6.31 28.00 25.24
C LEU C 12 -6.18 29.50 25.42
N ASN C 13 -7.05 30.27 24.77
CA ASN C 13 -7.00 31.70 24.95
C ASN C 13 -7.24 32.04 26.42
N GLY C 14 -6.43 32.96 26.93
CA GLY C 14 -6.49 33.30 28.34
C GLY C 14 -5.82 32.30 29.27
N LYS C 15 -5.27 31.21 28.73
CA LYS C 15 -4.48 30.29 29.54
C LYS C 15 -2.99 30.64 29.54
N THR C 16 -2.29 30.22 30.59
CA THR C 16 -0.85 30.44 30.74
C THR C 16 -0.14 29.08 30.87
N ALA C 17 0.97 28.89 30.16
CA ALA C 17 1.69 27.63 30.23
C ALA C 17 3.19 27.85 30.48
N VAL C 18 3.81 26.91 31.17
CA VAL C 18 5.26 26.89 31.28
C VAL C 18 5.72 25.53 30.79
N VAL C 19 6.70 25.54 29.88
CA VAL C 19 7.26 24.30 29.35
C VAL C 19 8.76 24.29 29.67
N THR C 20 9.21 23.26 30.40
CA THR C 20 10.64 23.18 30.71
C THR C 20 11.35 22.41 29.61
N GLY C 21 12.68 22.52 29.54
CA GLY C 21 13.46 21.83 28.52
C GLY C 21 13.10 22.21 27.10
N ALA C 22 12.60 23.44 26.93
CA ALA C 22 11.88 23.80 25.73
C ALA C 22 12.65 24.64 24.70
N ALA C 23 13.97 24.72 24.82
CA ALA C 23 14.72 25.50 23.83
C ALA C 23 14.72 24.76 22.50
N SER C 24 14.48 23.45 22.54
CA SER C 24 14.54 22.65 21.33
C SER C 24 13.69 21.40 21.41
N GLY C 25 13.59 20.71 20.28
CA GLY C 25 13.05 19.36 20.23
C GLY C 25 11.57 19.30 20.55
N ILE C 26 11.17 18.24 21.26
CA ILE C 26 9.79 18.05 21.65
C ILE C 26 9.26 19.22 22.49
N GLY C 27 10.07 19.67 23.44
CA GLY C 27 9.70 20.79 24.30
C GLY C 27 9.40 22.05 23.51
N LYS C 28 10.27 22.35 22.54
CA LYS C 28 10.07 23.55 21.75
C LYS C 28 8.76 23.46 20.95
N GLU C 29 8.51 22.28 20.36
CA GLU C 29 7.35 22.11 19.50
C GLU C 29 6.08 22.21 20.33
N ILE C 30 6.10 21.65 21.53
CA ILE C 30 4.98 21.76 22.45
C ILE C 30 4.71 23.23 22.76
N ALA C 31 5.78 23.95 23.05
CA ALA C 31 5.69 25.37 23.35
C ALA C 31 5.08 26.15 22.19
N LEU C 32 5.55 25.84 20.98
CA LEU C 32 5.00 26.49 19.80
C LEU C 32 3.50 26.22 19.63
N GLU C 33 3.08 24.98 19.87
CA GLU C 33 1.69 24.58 19.64
C GLU C 33 0.75 25.18 20.68
N LEU C 34 1.16 25.18 21.94
CA LEU C 34 0.36 25.78 22.99
C LEU C 34 0.14 27.27 22.70
N ALA C 35 1.18 27.94 22.22
CA ALA C 35 1.07 29.37 21.96
C ALA C 35 0.19 29.61 20.74
N LYS C 36 0.28 28.73 19.75
CA LYS C 36 -0.57 28.81 18.56
C LYS C 36 -2.04 28.70 18.95
N ALA C 37 -2.30 27.97 20.03
CA ALA C 37 -3.65 27.69 20.46
C ALA C 37 -4.18 28.85 21.29
N GLY C 38 -3.32 29.83 21.55
CA GLY C 38 -3.69 31.03 22.28
C GLY C 38 -3.08 31.18 23.68
N ALA C 39 -2.46 30.13 24.21
CA ALA C 39 -1.85 30.21 25.53
C ALA C 39 -0.68 31.21 25.58
N ALA C 40 -0.57 31.95 26.67
CA ALA C 40 0.68 32.66 26.97
C ALA C 40 1.68 31.62 27.48
N VAL C 41 2.86 31.56 26.86
CA VAL C 41 3.81 30.50 27.11
C VAL C 41 5.16 31.01 27.66
N ALA C 42 5.58 30.45 28.78
CA ALA C 42 6.92 30.69 29.29
C ALA C 42 7.80 29.50 28.91
N ILE C 43 8.88 29.81 28.20
CA ILE C 43 9.85 28.83 27.76
C ILE C 43 10.92 28.75 28.84
N ALA C 44 10.98 27.62 29.55
CA ALA C 44 12.00 27.45 30.56
C ALA C 44 13.09 26.50 30.05
N ASP C 45 14.34 26.83 30.36
CA ASP C 45 15.46 26.04 29.90
C ASP C 45 16.71 26.45 30.66
N LEU C 46 17.69 25.55 30.66
CA LEU C 46 18.97 25.79 31.30
C LEU C 46 19.70 26.95 30.62
N ASN C 47 19.57 27.01 29.30
CA ASN C 47 20.17 28.06 28.48
C ASN C 47 19.20 29.22 28.21
N GLN C 48 19.43 30.38 28.82
CA GLN C 48 18.55 31.53 28.67
C GLN C 48 18.42 31.98 27.21
N ASP C 49 19.50 31.89 26.45
CA ASP C 49 19.50 32.31 25.05
C ASP C 49 18.59 31.41 24.20
N GLY C 50 18.67 30.11 24.47
CA GLY C 50 17.82 29.15 23.77
C GLY C 50 16.35 29.39 24.06
N ALA C 51 16.03 29.71 25.32
CA ALA C 51 14.65 29.95 25.72
C ALA C 51 14.12 31.23 25.09
N ASN C 52 14.94 32.26 25.11
CA ASN C 52 14.60 33.53 24.48
C ASN C 52 14.28 33.39 22.99
N ALA C 53 15.03 32.53 22.31
CA ALA C 53 14.89 32.36 20.87
C ALA C 53 13.54 31.76 20.51
N VAL C 54 13.07 30.82 21.31
CA VAL C 54 11.75 30.25 21.11
C VAL C 54 10.69 31.28 21.44
N ALA C 55 10.93 32.04 22.51
CA ALA C 55 10.01 33.08 22.93
C ALA C 55 9.90 34.14 21.84
N ASP C 56 11.04 34.51 21.25
CA ASP C 56 11.03 35.49 20.15
C ASP C 56 10.31 34.94 18.93
N GLU C 57 10.47 33.64 18.71
CA GLU C 57 9.84 32.98 17.57
C GLU C 57 8.32 33.03 17.73
N ILE C 58 7.84 32.72 18.93
CA ILE C 58 6.40 32.73 19.21
C ILE C 58 5.83 34.14 19.03
N ASN C 59 6.48 35.12 19.67
CA ASN C 59 6.02 36.51 19.66
C ASN C 59 5.90 37.10 18.26
N LYS C 60 6.82 36.74 17.37
CA LYS C 60 6.80 37.24 15.99
C LYS C 60 5.69 36.60 15.16
N ALA C 61 5.26 35.40 15.52
CA ALA C 61 4.21 34.74 14.77
C ALA C 61 2.82 35.16 15.25
N GLY C 62 2.76 36.04 16.24
CA GLY C 62 1.48 36.53 16.75
C GLY C 62 1.14 36.07 18.15
N GLY C 63 1.97 35.19 18.73
CA GLY C 63 1.71 34.68 20.05
C GLY C 63 2.20 35.58 21.17
N LYS C 64 2.31 34.98 22.36
CA LYS C 64 2.73 35.70 23.54
C LYS C 64 3.63 34.79 24.38
N ALA C 65 4.89 35.14 24.48
CA ALA C 65 5.84 34.28 25.17
C ALA C 65 6.93 35.05 25.89
N ILE C 66 7.51 34.40 26.90
CA ILE C 66 8.71 34.90 27.56
C ILE C 66 9.71 33.77 27.70
N GLY C 67 11.00 34.13 27.80
CA GLY C 67 12.04 33.17 28.10
C GLY C 67 12.40 33.14 29.56
N VAL C 68 12.59 31.95 30.14
CA VAL C 68 12.99 31.84 31.54
C VAL C 68 14.17 30.90 31.74
N ALA C 69 15.25 31.41 32.32
CA ALA C 69 16.37 30.57 32.69
C ALA C 69 16.01 29.70 33.91
N MET C 70 16.20 28.40 33.79
CA MET C 70 15.89 27.51 34.88
C MET C 70 16.73 26.24 34.85
N ASP C 71 17.50 26.02 35.91
CA ASP C 71 18.12 24.72 36.17
C ASP C 71 17.10 23.93 36.98
N VAL C 72 16.47 22.93 36.36
CA VAL C 72 15.36 22.24 37.01
C VAL C 72 15.80 21.35 38.18
N THR C 73 17.11 21.19 38.36
CA THR C 73 17.60 20.37 39.47
C THR C 73 17.72 21.20 40.75
N ASN C 74 17.51 22.50 40.59
CA ASN C 74 17.75 23.48 41.64
C ASN C 74 16.47 24.09 42.18
N GLU C 75 16.16 23.81 43.44
CA GLU C 75 14.89 24.21 44.02
C GLU C 75 14.65 25.72 43.99
N GLU C 76 15.66 26.51 44.34
CA GLU C 76 15.55 27.96 44.28
C GLU C 76 15.29 28.45 42.87
N ALA C 77 16.08 27.97 41.92
CA ALA C 77 15.94 28.37 40.53
C ALA C 77 14.56 28.04 39.95
N VAL C 78 14.00 26.91 40.38
CA VAL C 78 12.69 26.49 39.93
C VAL C 78 11.60 27.37 40.52
N ASN C 79 11.66 27.56 41.83
CA ASN C 79 10.71 28.42 42.52
C ASN C 79 10.69 29.84 41.96
N THR C 80 11.88 30.43 41.80
CA THR C 80 12.00 31.76 41.22
C THR C 80 11.43 31.82 39.81
N GLY C 81 11.81 30.84 38.99
CA GLY C 81 11.42 30.79 37.59
C GLY C 81 9.92 30.66 37.39
N ILE C 82 9.31 29.77 38.16
CA ILE C 82 7.87 29.57 38.10
C ILE C 82 7.16 30.82 38.62
N ASP C 83 7.70 31.45 39.68
CA ASP C 83 7.13 32.70 40.16
C ASP C 83 7.12 33.80 39.10
N LYS C 84 8.17 33.82 38.27
CA LYS C 84 8.31 34.80 37.18
C LYS C 84 7.21 34.65 36.14
N VAL C 85 6.75 33.42 35.96
CA VAL C 85 5.64 33.13 35.05
C VAL C 85 4.37 33.76 35.61
N ALA C 86 4.09 33.46 36.86
CA ALA C 86 2.91 34.02 37.53
C ALA C 86 2.96 35.55 37.54
N GLU C 87 4.14 36.12 37.80
CA GLU C 87 4.32 37.56 37.83
C GLU C 87 4.04 38.24 36.49
N ALA C 88 4.62 37.70 35.42
CA ALA C 88 4.43 38.25 34.09
C ALA C 88 3.01 38.00 33.57
N PHE C 89 2.48 36.79 33.75
CA PHE C 89 1.23 36.42 33.09
C PHE C 89 0.00 36.38 33.98
N GLY C 90 0.18 36.46 35.28
CA GLY C 90 -0.97 36.48 36.18
C GLY C 90 -1.35 35.14 36.78
N SER C 91 -0.84 34.06 36.20
CA SER C 91 -1.21 32.71 36.61
C SER C 91 -0.28 31.68 36.00
N VAL C 92 -0.44 30.43 36.45
CA VAL C 92 0.21 29.28 35.85
C VAL C 92 -0.84 28.18 35.71
N ASP C 93 -1.34 27.98 34.50
CA ASP C 93 -2.49 27.10 34.29
C ASP C 93 -2.04 25.72 33.83
N ILE C 94 -0.93 25.70 33.12
CA ILE C 94 -0.41 24.50 32.49
C ILE C 94 1.09 24.39 32.79
N LEU C 95 1.52 23.25 33.31
CA LEU C 95 2.95 22.95 33.38
C LEU C 95 3.24 21.72 32.56
N VAL C 96 4.21 21.84 31.66
CA VAL C 96 4.71 20.67 30.93
C VAL C 96 6.16 20.43 31.34
N SER C 97 6.40 19.35 32.08
CA SER C 97 7.74 19.02 32.56
C SER C 97 8.41 18.15 31.53
N ASN C 98 9.45 18.69 30.91
CA ASN C 98 10.06 18.02 29.78
C ASN C 98 11.59 17.99 29.87
N ALA C 99 12.16 16.81 29.67
CA ALA C 99 13.61 16.65 29.64
C ALA C 99 13.95 15.48 28.74
N GLY C 100 15.01 15.62 27.95
CA GLY C 100 15.41 14.54 27.06
C GLY C 100 16.82 14.02 27.20
N ILE C 101 17.56 14.46 28.22
CA ILE C 101 18.96 14.06 28.36
C ILE C 101 19.08 12.53 28.45
N GLN C 102 20.02 12.00 27.68
CA GLN C 102 20.21 10.56 27.62
C GLN C 102 21.70 10.25 27.75
N ILE C 103 22.05 9.37 28.68
CA ILE C 103 23.42 8.89 28.85
C ILE C 103 23.36 7.38 28.87
N VAL C 104 24.00 6.73 27.89
CA VAL C 104 23.91 5.28 27.77
C VAL C 104 25.20 4.63 28.26
N ASN C 105 25.03 3.51 28.97
CA ASN C 105 26.11 2.63 29.40
C ASN C 105 25.45 1.37 29.95
N PRO C 106 26.14 0.22 29.86
CA PRO C 106 25.61 -0.95 30.58
C PRO C 106 25.72 -0.72 32.08
N ILE C 107 24.85 -1.36 32.86
CA ILE C 107 24.78 -1.11 34.30
C ILE C 107 26.14 -1.24 35.00
N GLU C 108 26.93 -2.26 34.64
CA GLU C 108 28.20 -2.48 35.32
C GLU C 108 29.22 -1.38 35.03
N ASN C 109 29.00 -0.63 33.96
CA ASN C 109 29.84 0.52 33.63
C ASN C 109 29.10 1.84 33.74
N TYR C 110 27.96 1.85 34.45
CA TYR C 110 27.18 3.08 34.54
C TYR C 110 27.68 3.90 35.71
N SER C 111 28.18 5.10 35.42
CA SER C 111 28.74 5.98 36.43
C SER C 111 27.66 6.48 37.40
N PHE C 112 27.99 6.50 38.69
CA PHE C 112 27.03 6.92 39.72
C PHE C 112 26.74 8.40 39.56
N ALA C 113 27.76 9.16 39.16
CA ALA C 113 27.59 10.56 38.84
C ALA C 113 26.57 10.74 37.71
N ASP C 114 26.73 9.97 36.63
CA ASP C 114 25.76 10.04 35.51
C ASP C 114 24.36 9.63 35.96
N TRP C 115 24.30 8.57 36.76
CA TRP C 115 23.03 8.08 37.30
C TRP C 115 22.30 9.19 38.04
N LYS C 116 23.00 9.87 38.94
CA LYS C 116 22.37 10.89 39.78
C LYS C 116 21.96 12.13 38.96
N LYS C 117 22.75 12.48 37.96
CA LYS C 117 22.39 13.58 37.07
C LYS C 117 21.11 13.25 36.27
N MET C 118 21.04 12.03 35.77
CA MET C 118 19.87 11.59 35.01
C MET C 118 18.59 11.70 35.84
N GLN C 119 18.64 11.18 37.07
CA GLN C 119 17.49 11.22 37.97
C GLN C 119 17.14 12.63 38.41
N ALA C 120 18.15 13.47 38.64
CA ALA C 120 17.91 14.81 39.11
C ALA C 120 17.23 15.64 38.01
N ILE C 121 17.67 15.48 36.78
CA ILE C 121 17.07 16.26 35.70
C ILE C 121 15.66 15.75 35.33
N HIS C 122 15.52 14.45 35.14
CA HIS C 122 14.23 13.90 34.70
C HIS C 122 13.17 13.91 35.80
N VAL C 123 13.52 13.40 36.97
CA VAL C 123 12.55 13.20 38.03
C VAL C 123 12.52 14.32 39.08
N ASP C 124 13.66 14.65 39.66
CA ASP C 124 13.69 15.79 40.59
C ASP C 124 13.17 17.08 39.92
N GLY C 125 13.51 17.27 38.65
CA GLY C 125 12.99 18.41 37.92
C GLY C 125 11.46 18.42 37.80
N ALA C 126 10.88 17.25 37.54
CA ALA C 126 9.42 17.12 37.54
C ALA C 126 8.84 17.38 38.91
N PHE C 127 9.49 16.85 39.95
CA PHE C 127 9.02 17.06 41.32
C PHE C 127 9.08 18.56 41.70
N LEU C 128 10.21 19.19 41.43
CA LEU C 128 10.41 20.59 41.84
C LEU C 128 9.45 21.52 41.08
N THR C 129 9.36 21.35 39.77
CA THR C 129 8.47 22.24 38.99
C THR C 129 7.02 22.00 39.35
N THR C 130 6.64 20.75 39.57
CA THR C 130 5.30 20.44 40.04
C THR C 130 4.99 21.16 41.35
N LYS C 131 5.85 20.96 42.33
CA LYS C 131 5.67 21.57 43.64
CA LYS C 131 5.64 21.57 43.64
C LYS C 131 5.52 23.11 43.52
N ALA C 132 6.35 23.71 42.68
CA ALA C 132 6.28 25.17 42.47
C ALA C 132 4.96 25.55 41.78
N ALA C 133 4.54 24.76 40.80
CA ALA C 133 3.30 25.09 40.10
C ALA C 133 2.07 24.97 41.00
N LEU C 134 2.06 24.01 41.93
CA LEU C 134 0.89 23.78 42.78
C LEU C 134 0.62 24.95 43.72
N LYS C 135 1.66 25.67 44.10
CA LYS C 135 1.51 26.84 44.97
C LYS C 135 0.60 27.83 44.27
N HIS C 136 0.75 27.93 42.96
CA HIS C 136 -0.14 28.79 42.17
C HIS C 136 -1.48 28.13 41.83
N MET C 137 -1.45 26.88 41.38
CA MET C 137 -2.68 26.20 40.96
C MET C 137 -3.62 25.95 42.13
N TYR C 138 -3.06 25.72 43.32
CA TYR C 138 -3.89 25.40 44.48
C TYR C 138 -4.50 26.66 45.08
N LYS C 139 -3.95 27.82 44.73
CA LYS C 139 -4.47 29.09 45.25
C LYS C 139 -5.95 29.24 44.88
N ASP C 140 -6.80 29.29 45.90
CA ASP C 140 -8.26 29.29 45.71
C ASP C 140 -8.79 28.12 44.85
N ASP C 141 -8.04 27.01 44.81
CA ASP C 141 -8.37 25.86 43.97
C ASP C 141 -8.67 26.31 42.54
N ARG C 142 -7.90 27.27 42.08
CA ARG C 142 -7.99 27.74 40.71
C ARG C 142 -7.85 26.58 39.71
N GLY C 143 -6.90 25.70 39.99
CA GLY C 143 -6.73 24.50 39.18
C GLY C 143 -5.69 24.63 38.07
N GLY C 144 -5.53 23.57 37.30
CA GLY C 144 -4.53 23.59 36.25
C GLY C 144 -4.27 22.19 35.72
N VAL C 145 -3.31 22.09 34.80
CA VAL C 145 -2.94 20.83 34.14
C VAL C 145 -1.42 20.65 34.23
N VAL C 146 -0.99 19.51 34.73
CA VAL C 146 0.42 19.17 34.76
C VAL C 146 0.67 17.96 33.88
N ILE C 147 1.54 18.10 32.90
CA ILE C 147 1.82 17.03 31.95
C ILE C 147 3.31 16.73 31.98
N TYR C 148 3.65 15.49 32.29
CA TYR C 148 5.04 15.05 32.28
CA TYR C 148 5.04 15.03 32.29
C TYR C 148 5.38 14.39 30.94
N MET C 149 6.54 14.70 30.40
CA MET C 149 6.95 14.07 29.16
C MET C 149 7.72 12.81 29.49
N GLY C 150 7.08 11.68 29.23
CA GLY C 150 7.64 10.37 29.49
C GLY C 150 8.26 9.80 28.25
N SER C 151 8.02 8.52 28.02
CA SER C 151 8.58 7.80 26.87
C SER C 151 7.88 6.46 26.82
N VAL C 152 8.05 5.71 25.74
CA VAL C 152 7.64 4.31 25.78
C VAL C 152 8.51 3.62 26.85
N HIS C 153 9.67 4.22 27.13
CA HIS C 153 10.59 3.73 28.16
C HIS C 153 10.12 4.03 29.59
N SER C 154 8.95 4.67 29.71
CA SER C 154 8.20 4.68 30.98
C SER C 154 7.54 3.32 31.24
N HIS C 155 7.45 2.51 30.19
CA HIS C 155 6.65 1.29 30.20
C HIS C 155 7.43 0.07 29.83
N GLU C 156 8.49 0.26 29.06
CA GLU C 156 9.26 -0.84 28.50
C GLU C 156 10.76 -0.52 28.57
N ALA C 157 11.61 -1.51 28.79
CA ALA C 157 13.04 -1.24 28.91
C ALA C 157 13.80 -1.46 27.60
N SER C 158 14.95 -0.81 27.50
CA SER C 158 15.99 -1.18 26.54
C SER C 158 17.32 -1.33 27.28
N PRO C 159 18.22 -2.18 26.75
CA PRO C 159 19.56 -2.24 27.34
C PRO C 159 20.30 -0.92 27.19
N LEU C 160 21.27 -0.71 28.09
CA LEU C 160 22.17 0.45 28.09
C LEU C 160 21.44 1.71 28.53
N LYS C 161 20.19 1.60 28.93
CA LYS C 161 19.47 2.81 29.34
C LYS C 161 18.88 2.71 30.74
N SER C 162 19.61 2.11 31.67
CA SER C 162 19.07 1.91 33.01
C SER C 162 18.58 3.23 33.63
N ALA C 163 19.40 4.28 33.55
CA ALA C 163 19.03 5.52 34.22
C ALA C 163 17.79 6.17 33.59
N TYR C 164 17.77 6.23 32.27
CA TYR C 164 16.63 6.81 31.54
C TYR C 164 15.33 6.04 31.81
N VAL C 165 15.38 4.72 31.64
CA VAL C 165 14.20 3.90 31.83
C VAL C 165 13.71 4.01 33.26
N THR C 166 14.61 3.97 34.24
CA THR C 166 14.24 4.12 35.62
C THR C 166 13.53 5.47 35.88
N ALA C 167 14.09 6.54 35.32
CA ALA C 167 13.53 7.88 35.51
C ALA C 167 12.12 7.99 34.93
N LYS C 168 11.98 7.49 33.71
CA LYS C 168 10.72 7.59 32.95
C LYS C 168 9.63 6.70 33.59
N HIS C 169 10.02 5.54 34.12
CA HIS C 169 9.10 4.73 34.92
C HIS C 169 8.64 5.48 36.15
N GLY C 170 9.59 6.09 36.84
CA GLY C 170 9.28 6.84 38.03
C GLY C 170 8.35 8.03 37.79
N LEU C 171 8.49 8.69 36.65
CA LEU C 171 7.57 9.77 36.31
C LEU C 171 6.10 9.33 36.34
N LEU C 172 5.81 8.10 35.91
CA LEU C 172 4.44 7.59 36.00
C LEU C 172 3.92 7.64 37.43
N GLY C 173 4.77 7.22 38.38
CA GLY C 173 4.36 7.15 39.77
C GLY C 173 4.01 8.54 40.30
N LEU C 174 4.89 9.48 40.05
CA LEU C 174 4.65 10.86 40.47
C LEU C 174 3.31 11.41 39.91
N ALA C 175 3.09 11.21 38.62
CA ALA C 175 1.85 11.70 37.98
C ALA C 175 0.61 11.11 38.58
N ARG C 176 0.70 9.82 38.91
CA ARG C 176 -0.46 9.12 39.44
C ARG C 176 -0.75 9.61 40.84
N VAL C 177 0.29 9.86 41.64
CA VAL C 177 0.07 10.47 42.94
C VAL C 177 -0.55 11.87 42.78
N LEU C 178 0.00 12.67 41.87
CA LEU C 178 -0.53 14.02 41.65
C LEU C 178 -1.99 13.97 41.23
N ALA C 179 -2.34 13.00 40.37
CA ALA C 179 -3.75 12.88 39.96
C ALA C 179 -4.68 12.74 41.17
N LYS C 180 -4.23 11.98 42.15
CA LYS C 180 -5.05 11.76 43.32
C LYS C 180 -5.05 12.96 44.27
N GLU C 181 -3.89 13.56 44.50
CA GLU C 181 -3.86 14.70 45.41
C GLU C 181 -4.50 15.92 44.80
N GLY C 182 -4.31 16.10 43.51
CA GLY C 182 -4.63 17.36 42.89
C GLY C 182 -6.11 17.57 42.62
N ALA C 183 -6.86 16.47 42.57
CA ALA C 183 -8.26 16.52 42.15
C ALA C 183 -9.10 17.51 42.95
N LYS C 184 -8.98 17.48 44.29
CA LYS C 184 -9.76 18.40 45.12
C LYS C 184 -9.39 19.87 44.89
N HIS C 185 -8.25 20.12 44.24
CA HIS C 185 -7.84 21.48 43.94
C HIS C 185 -8.00 21.80 42.47
N ASN C 186 -8.67 20.88 41.77
CA ASN C 186 -8.94 21.00 40.33
C ASN C 186 -7.70 20.89 39.48
N VAL C 187 -6.70 20.16 39.99
CA VAL C 187 -5.50 19.95 39.21
C VAL C 187 -5.53 18.55 38.61
N ARG C 188 -5.28 18.49 37.30
CA ARG C 188 -5.20 17.23 36.57
CA ARG C 188 -5.20 17.24 36.55
C ARG C 188 -3.74 16.90 36.30
N SER C 189 -3.43 15.62 36.13
CA SER C 189 -2.07 15.22 35.77
CA SER C 189 -2.07 15.21 35.77
C SER C 189 -2.11 14.20 34.63
N HIS C 190 -1.11 14.24 33.76
CA HIS C 190 -1.02 13.25 32.69
C HIS C 190 0.41 13.01 32.32
N VAL C 191 0.66 11.91 31.63
CA VAL C 191 1.99 11.65 31.11
C VAL C 191 1.87 11.35 29.64
N VAL C 192 2.66 12.05 28.81
CA VAL C 192 2.68 11.74 27.39
C VAL C 192 3.95 10.98 27.09
N CYS C 193 3.79 9.82 26.43
CA CYS C 193 4.92 8.90 26.21
C CYS C 193 5.26 8.71 24.74
N PRO C 194 6.18 9.53 24.23
CA PRO C 194 6.55 9.42 22.82
C PRO C 194 7.33 8.17 22.52
N GLY C 195 7.18 7.66 21.31
CA GLY C 195 8.06 6.61 20.84
C GLY C 195 9.31 7.20 20.22
N PHE C 196 9.81 6.51 19.21
CA PHE C 196 11.03 6.85 18.52
C PHE C 196 10.88 8.08 17.63
N VAL C 197 11.48 9.18 18.05
CA VAL C 197 11.44 10.43 17.31
C VAL C 197 12.72 10.64 16.49
N ARG C 198 12.57 11.05 15.22
CA ARG C 198 13.73 11.22 14.37
C ARG C 198 14.40 12.58 14.64
N THR C 199 15.44 12.54 15.46
CA THR C 199 16.21 13.72 15.82
C THR C 199 17.46 13.81 14.95
N PRO C 200 18.09 15.00 14.89
CA PRO C 200 19.38 15.10 14.20
C PRO C 200 20.39 14.06 14.67
N LEU C 201 20.27 13.61 15.92
CA LEU C 201 21.15 12.55 16.42
C LEU C 201 20.80 11.24 15.71
N VAL C 202 19.50 10.97 15.60
CA VAL C 202 19.04 9.81 14.86
C VAL C 202 19.46 9.91 13.39
N ASP C 203 19.29 11.10 12.81
CA ASP C 203 19.65 11.36 11.42
C ASP C 203 21.09 10.96 11.11
N LYS C 204 21.97 11.10 12.09
CA LYS C 204 23.38 10.76 11.92
C LYS C 204 23.65 9.28 12.15
N GLN C 205 22.80 8.63 12.96
CA GLN C 205 23.02 7.23 13.30
C GLN C 205 22.57 6.29 12.17
N ILE C 206 21.55 6.69 11.44
CA ILE C 206 21.01 5.86 10.36
C ILE C 206 22.05 5.51 9.26
N PRO C 207 22.80 6.50 8.74
CA PRO C 207 23.81 6.09 7.77
C PRO C 207 25.01 5.39 8.40
N GLU C 208 25.35 5.77 9.63
CA GLU C 208 26.45 5.12 10.34
C GLU C 208 26.18 3.63 10.49
N GLN C 209 25.01 3.30 11.05
CA GLN C 209 24.63 1.90 11.24
C GLN C 209 24.27 1.26 9.90
N ILE C 215 21.73 -3.74 5.96
CA ILE C 215 22.82 -2.84 5.62
C ILE C 215 22.31 -1.47 5.13
N SER C 216 21.23 -1.51 4.33
CA SER C 216 20.65 -0.30 3.75
C SER C 216 20.12 0.66 4.81
N GLU C 217 20.17 1.95 4.51
CA GLU C 217 19.57 2.97 5.37
C GLU C 217 18.10 2.65 5.65
N GLU C 218 17.39 2.24 4.59
CA GLU C 218 16.00 1.81 4.70
C GLU C 218 15.87 0.67 5.71
N GLU C 219 16.80 -0.27 5.67
CA GLU C 219 16.78 -1.40 6.58
C GLU C 219 16.99 -0.97 8.02
N VAL C 220 17.90 -0.01 8.23
CA VAL C 220 18.21 0.47 9.58
C VAL C 220 16.99 1.10 10.24
N ILE C 221 16.26 1.89 9.47
CA ILE C 221 15.06 2.56 9.96
C ILE C 221 13.98 1.55 10.32
N LYS C 222 13.63 0.69 9.37
CA LYS C 222 12.46 -0.16 9.51
C LYS C 222 12.66 -1.33 10.45
N LYS C 223 13.87 -1.87 10.50
CA LYS C 223 14.13 -3.07 11.29
C LYS C 223 14.83 -2.77 12.61
N VAL C 224 15.94 -2.04 12.53
CA VAL C 224 16.80 -1.80 13.69
C VAL C 224 16.18 -0.80 14.68
N MET C 225 15.67 0.31 14.16
CA MET C 225 15.13 1.37 15.03
C MET C 225 13.63 1.23 15.28
N LEU C 226 12.85 1.00 14.22
CA LEU C 226 11.39 0.99 14.32
C LEU C 226 10.78 -0.41 14.16
N GLY C 227 11.57 -1.44 14.46
CA GLY C 227 11.10 -2.81 14.39
C GLY C 227 9.95 -3.13 15.32
N ASN C 228 9.81 -2.37 16.41
CA ASN C 228 8.70 -2.60 17.34
C ASN C 228 7.48 -1.74 17.07
N THR C 229 7.55 -0.87 16.06
CA THR C 229 6.36 -0.18 15.58
C THR C 229 5.55 -1.09 14.65
N VAL C 230 4.29 -0.73 14.38
CA VAL C 230 3.49 -1.55 13.47
C VAL C 230 3.68 -1.15 12.02
N ASP C 231 4.27 0.03 11.78
CA ASP C 231 4.28 0.63 10.44
C ASP C 231 5.63 1.16 9.95
N GLY C 232 6.65 1.16 10.81
CA GLY C 232 7.96 1.66 10.43
C GLY C 232 7.97 3.17 10.26
N VAL C 233 7.18 3.86 11.07
CA VAL C 233 7.08 5.30 10.91
C VAL C 233 7.60 5.98 12.19
N PHE C 234 8.44 6.99 12.03
CA PHE C 234 8.95 7.75 13.17
C PHE C 234 7.82 8.56 13.79
N THR C 235 7.82 8.64 15.12
CA THR C 235 6.90 9.53 15.82
C THR C 235 7.32 10.98 15.57
N THR C 236 6.38 11.88 15.27
CA THR C 236 6.79 13.26 15.01
C THR C 236 6.59 14.18 16.23
N VAL C 237 7.33 15.30 16.26
CA VAL C 237 7.13 16.29 17.31
C VAL C 237 5.71 16.83 17.24
N GLN C 238 5.14 16.86 16.04
CA GLN C 238 3.74 17.26 15.91
CA GLN C 238 3.74 17.25 15.87
C GLN C 238 2.77 16.25 16.54
N ASP C 239 3.05 14.95 16.40
CA ASP C 239 2.20 13.92 17.04
C ASP C 239 2.16 14.17 18.53
N VAL C 240 3.33 14.45 19.09
CA VAL C 240 3.44 14.67 20.50
C VAL C 240 2.74 15.97 20.90
N ALA C 241 2.98 17.03 20.15
CA ALA C 241 2.43 18.32 20.54
C ALA C 241 0.90 18.29 20.44
N GLN C 242 0.36 17.68 19.40
CA GLN C 242 -1.09 17.56 19.28
C GLN C 242 -1.72 16.84 20.46
N THR C 243 -1.05 15.81 20.97
CA THR C 243 -1.57 15.11 22.12
C THR C 243 -1.54 15.98 23.38
N VAL C 244 -0.44 16.69 23.58
CA VAL C 244 -0.31 17.61 24.71
C VAL C 244 -1.41 18.68 24.66
N LEU C 245 -1.62 19.23 23.48
CA LEU C 245 -2.68 20.22 23.28
C LEU C 245 -4.05 19.69 23.69
N PHE C 246 -4.40 18.50 23.20
CA PHE C 246 -5.67 17.87 23.48
C PHE C 246 -5.89 17.70 24.98
N LEU C 247 -4.85 17.23 25.68
CA LEU C 247 -4.92 17.12 27.13
C LEU C 247 -5.03 18.49 27.79
N SER C 248 -4.23 19.45 27.31
CA SER C 248 -4.18 20.78 27.93
C SER C 248 -5.54 21.49 27.93
N ALA C 249 -6.33 21.20 26.90
CA ALA C 249 -7.62 21.87 26.68
C ALA C 249 -8.83 21.04 27.11
N PHE C 250 -8.60 19.84 27.63
CA PHE C 250 -9.72 18.94 27.91
C PHE C 250 -10.67 19.55 28.96
N PRO C 251 -11.99 19.46 28.72
CA PRO C 251 -12.98 20.22 29.51
C PRO C 251 -13.34 19.61 30.87
N SER C 252 -12.77 18.46 31.21
CA SER C 252 -12.96 17.92 32.55
C SER C 252 -11.70 17.20 33.00
N ALA C 253 -11.73 16.66 34.22
CA ALA C 253 -10.62 15.85 34.71
C ALA C 253 -10.74 14.37 34.32
N ALA C 254 -11.57 14.07 33.31
CA ALA C 254 -11.79 12.66 32.93
C ALA C 254 -10.50 11.85 32.64
N LEU C 255 -9.48 12.53 32.10
CA LEU C 255 -8.26 11.85 31.67
C LEU C 255 -7.11 11.95 32.68
N THR C 256 -7.39 12.47 33.88
CA THR C 256 -6.32 12.66 34.87
C THR C 256 -5.72 11.29 35.28
N GLY C 257 -4.41 11.29 35.53
CA GLY C 257 -3.69 10.10 35.98
C GLY C 257 -3.30 9.16 34.86
N GLN C 258 -3.70 9.46 33.63
CA GLN C 258 -3.46 8.51 32.53
C GLN C 258 -2.21 8.84 31.76
N SER C 259 -1.61 7.83 31.13
CA SER C 259 -0.52 8.11 30.22
C SER C 259 -0.94 7.78 28.80
N PHE C 260 -0.35 8.50 27.86
CA PHE C 260 -0.74 8.43 26.47
C PHE C 260 0.46 8.06 25.64
N ILE C 261 0.41 6.90 25.03
CA ILE C 261 1.57 6.39 24.32
C ILE C 261 1.46 6.77 22.85
N VAL C 262 2.39 7.60 22.39
CA VAL C 262 2.35 8.17 21.06
C VAL C 262 3.54 7.56 20.31
N SER C 263 3.37 6.34 19.81
CA SER C 263 4.54 5.58 19.42
C SER C 263 4.39 4.73 18.18
N HIS C 264 3.27 4.86 17.47
CA HIS C 264 3.00 4.01 16.32
C HIS C 264 3.05 2.52 16.69
N GLY C 265 2.44 2.15 17.81
CA GLY C 265 2.26 0.75 18.13
C GLY C 265 3.40 0.11 18.92
N TRP C 266 4.43 0.88 19.24
CA TRP C 266 5.51 0.40 20.11
C TRP C 266 5.01 0.46 21.55
N PHE C 267 4.70 -0.72 22.10
CA PHE C 267 4.04 -0.95 23.38
C PHE C 267 2.59 -0.50 23.36
N MET C 268 1.67 -1.46 23.30
CA MET C 268 0.25 -1.14 23.28
C MET C 268 -0.39 -1.40 24.61
N GLN C 269 -1.05 -0.40 25.18
CA GLN C 269 -1.92 -0.74 26.30
C GLN C 269 -3.23 0.02 26.20
N ASN D 11 15.97 -25.67 46.18
CA ASN D 11 17.11 -25.78 47.10
C ASN D 11 18.26 -24.87 46.71
N LEU D 12 18.89 -24.25 47.70
CA LEU D 12 19.89 -23.22 47.43
C LEU D 12 21.26 -23.56 48.02
N ASN D 13 21.53 -24.86 48.15
CA ASN D 13 22.81 -25.34 48.62
C ASN D 13 23.97 -24.80 47.79
N GLY D 14 24.98 -24.28 48.48
CA GLY D 14 26.16 -23.76 47.82
C GLY D 14 25.91 -22.42 47.17
N LYS D 15 24.73 -21.86 47.39
CA LYS D 15 24.44 -20.52 46.89
C LYS D 15 24.70 -19.50 47.96
N THR D 16 25.00 -18.29 47.53
CA THR D 16 25.23 -17.18 48.45
CA THR D 16 25.24 -17.18 48.45
C THR D 16 24.26 -16.05 48.14
N ALA D 17 23.66 -15.47 49.19
CA ALA D 17 22.72 -14.37 49.02
C ALA D 17 23.09 -13.14 49.87
N VAL D 18 22.87 -11.96 49.29
CA VAL D 18 22.92 -10.72 50.04
C VAL D 18 21.50 -10.17 50.12
N VAL D 19 21.05 -9.84 51.32
CA VAL D 19 19.77 -9.16 51.47
C VAL D 19 20.02 -7.84 52.21
N THR D 20 19.67 -6.72 51.58
CA THR D 20 19.83 -5.43 52.22
C THR D 20 18.59 -5.05 53.02
N GLY D 21 18.72 -4.06 53.89
CA GLY D 21 17.65 -3.63 54.78
C GLY D 21 17.04 -4.77 55.56
N ALA D 22 17.87 -5.72 56.01
CA ALA D 22 17.30 -6.98 56.44
C ALA D 22 17.41 -7.22 57.94
N ALA D 23 17.63 -6.17 58.73
CA ALA D 23 17.66 -6.35 60.19
C ALA D 23 16.25 -6.60 60.74
N SER D 24 15.24 -6.35 59.92
CA SER D 24 13.86 -6.55 60.38
C SER D 24 12.90 -6.67 59.21
N GLY D 25 11.64 -6.92 59.55
CA GLY D 25 10.53 -6.92 58.62
C GLY D 25 10.69 -7.91 57.50
N ILE D 26 10.32 -7.47 56.31
CA ILE D 26 10.33 -8.29 55.12
C ILE D 26 11.73 -8.79 54.77
N GLY D 27 12.70 -7.88 54.84
CA GLY D 27 14.07 -8.25 54.55
C GLY D 27 14.56 -9.36 55.47
N LYS D 28 14.25 -9.25 56.75
CA LYS D 28 14.72 -10.25 57.70
C LYS D 28 14.09 -11.61 57.40
N GLU D 29 12.80 -11.64 57.13
CA GLU D 29 12.16 -12.92 56.84
C GLU D 29 12.74 -13.51 55.55
N ILE D 30 13.00 -12.66 54.57
CA ILE D 30 13.61 -13.16 53.35
C ILE D 30 14.95 -13.85 53.68
N ALA D 31 15.73 -13.22 54.55
CA ALA D 31 17.06 -13.75 54.89
C ALA D 31 16.93 -15.11 55.57
N LEU D 32 16.02 -15.20 56.53
CA LEU D 32 15.77 -16.44 57.27
C LEU D 32 15.37 -17.56 56.32
N GLU D 33 14.50 -17.24 55.37
CA GLU D 33 13.96 -18.25 54.48
C GLU D 33 15.03 -18.73 53.49
N LEU D 34 15.83 -17.81 52.97
CA LEU D 34 16.89 -18.23 52.04
C LEU D 34 17.92 -19.10 52.76
N ALA D 35 18.21 -18.77 54.02
CA ALA D 35 19.13 -19.57 54.84
C ALA D 35 18.56 -20.95 55.07
N LYS D 36 17.27 -21.02 55.41
CA LYS D 36 16.59 -22.30 55.62
C LYS D 36 16.72 -23.20 54.39
N ALA D 37 16.74 -22.57 53.22
CA ALA D 37 16.80 -23.28 51.94
C ALA D 37 18.23 -23.69 51.58
N GLY D 38 19.19 -23.32 52.41
CA GLY D 38 20.57 -23.79 52.25
C GLY D 38 21.53 -22.74 51.75
N ALA D 39 21.05 -21.52 51.56
CA ALA D 39 21.90 -20.43 51.10
C ALA D 39 22.71 -19.87 52.24
N ALA D 40 23.92 -19.45 51.91
CA ALA D 40 24.74 -18.69 52.84
C ALA D 40 24.27 -17.25 52.71
N VAL D 41 23.85 -16.63 53.80
CA VAL D 41 23.20 -15.32 53.69
C VAL D 41 23.99 -14.21 54.38
N ALA D 42 24.25 -13.12 53.66
CA ALA D 42 24.80 -11.92 54.29
C ALA D 42 23.68 -10.93 54.51
N ILE D 43 23.45 -10.58 55.77
CA ILE D 43 22.41 -9.62 56.10
C ILE D 43 23.03 -8.23 56.18
N ALA D 44 22.65 -7.38 55.23
CA ALA D 44 23.22 -6.06 55.15
C ALA D 44 22.21 -5.04 55.68
N ASP D 45 22.69 -4.10 56.50
CA ASP D 45 21.81 -3.12 57.13
C ASP D 45 22.67 -1.95 57.59
N LEU D 46 22.11 -0.74 57.70
CA LEU D 46 22.89 0.36 58.29
C LEU D 46 23.34 0.00 59.70
N ASN D 47 22.49 -0.76 60.38
CA ASN D 47 22.74 -1.15 61.77
C ASN D 47 23.40 -2.53 61.84
N GLN D 48 24.69 -2.56 62.14
CA GLN D 48 25.44 -3.81 62.19
C GLN D 48 24.97 -4.72 63.31
N ASP D 49 24.52 -4.15 64.42
CA ASP D 49 24.01 -4.96 65.53
C ASP D 49 22.72 -5.66 65.13
N GLY D 50 21.86 -4.96 64.43
CA GLY D 50 20.61 -5.53 63.98
C GLY D 50 20.87 -6.64 62.96
N ALA D 51 21.83 -6.39 62.07
CA ALA D 51 22.23 -7.39 61.08
C ALA D 51 22.74 -8.66 61.76
N ASN D 52 23.65 -8.45 62.71
CA ASN D 52 24.23 -9.54 63.48
C ASN D 52 23.17 -10.41 64.14
N ALA D 53 22.13 -9.78 64.69
CA ALA D 53 21.07 -10.49 65.38
C ALA D 53 20.40 -11.50 64.46
N VAL D 54 20.14 -11.10 63.21
CA VAL D 54 19.52 -12.01 62.26
C VAL D 54 20.50 -13.11 61.89
N ALA D 55 21.73 -12.73 61.57
CA ALA D 55 22.77 -13.70 61.26
C ALA D 55 22.94 -14.70 62.42
N ASP D 56 22.87 -14.20 63.66
CA ASP D 56 23.04 -15.08 64.83
C ASP D 56 21.90 -16.09 64.92
N GLU D 57 20.69 -15.64 64.59
CA GLU D 57 19.49 -16.46 64.63
C GLU D 57 19.57 -17.56 63.56
N ILE D 58 20.08 -17.21 62.38
CA ILE D 58 20.30 -18.19 61.33
C ILE D 58 21.32 -19.25 61.73
N ASN D 59 22.48 -18.80 62.20
CA ASN D 59 23.56 -19.72 62.55
C ASN D 59 23.17 -20.68 63.66
N LYS D 60 22.37 -20.18 64.61
CA LYS D 60 21.88 -21.00 65.71
C LYS D 60 20.94 -22.11 65.23
N ALA D 61 20.23 -21.85 64.14
CA ALA D 61 19.31 -22.83 63.57
C ALA D 61 20.03 -23.78 62.62
N GLY D 62 21.34 -23.64 62.51
CA GLY D 62 22.12 -24.51 61.64
C GLY D 62 22.38 -24.00 60.24
N GLY D 63 22.05 -22.74 59.98
CA GLY D 63 22.36 -22.12 58.70
C GLY D 63 23.74 -21.48 58.71
N LYS D 64 24.05 -20.72 57.67
CA LYS D 64 25.31 -19.98 57.59
C LYS D 64 25.07 -18.52 57.23
N ALA D 65 25.37 -17.61 58.14
CA ALA D 65 25.07 -16.21 57.88
C ALA D 65 26.06 -15.27 58.56
N ILE D 66 26.22 -14.09 57.96
CA ILE D 66 27.02 -13.01 58.52
C ILE D 66 26.19 -11.73 58.47
N GLY D 67 26.55 -10.78 59.32
CA GLY D 67 25.95 -9.46 59.30
C GLY D 67 26.98 -8.48 58.74
N VAL D 68 26.52 -7.58 57.87
CA VAL D 68 27.39 -6.62 57.23
C VAL D 68 26.80 -5.23 57.35
N ALA D 69 27.54 -4.30 57.94
CA ALA D 69 27.10 -2.91 58.01
C ALA D 69 27.29 -2.29 56.64
N MET D 70 26.30 -1.51 56.21
CA MET D 70 26.29 -0.92 54.88
C MET D 70 25.29 0.22 54.76
N ASP D 71 25.78 1.36 54.30
CA ASP D 71 24.92 2.46 53.89
C ASP D 71 24.70 2.32 52.41
N VAL D 72 23.51 1.85 52.00
CA VAL D 72 23.31 1.47 50.61
C VAL D 72 23.25 2.68 49.68
N THR D 73 23.23 3.90 50.22
CA THR D 73 23.26 5.09 49.38
C THR D 73 24.70 5.51 49.04
N ASN D 74 25.67 4.86 49.69
CA ASN D 74 27.08 5.21 49.52
C ASN D 74 27.83 4.20 48.65
N GLU D 75 28.35 4.64 47.52
CA GLU D 75 29.03 3.76 46.57
C GLU D 75 30.21 2.99 47.18
N GLU D 76 31.06 3.70 47.92
CA GLU D 76 32.22 3.07 48.52
C GLU D 76 31.82 1.99 49.51
N ALA D 77 30.86 2.29 50.38
CA ALA D 77 30.42 1.33 51.40
C ALA D 77 29.76 0.09 50.78
N VAL D 78 28.98 0.30 49.72
CA VAL D 78 28.33 -0.82 49.03
C VAL D 78 29.34 -1.71 48.32
N ASN D 79 30.24 -1.12 47.53
CA ASN D 79 31.25 -1.91 46.82
C ASN D 79 32.11 -2.71 47.79
N THR D 80 32.58 -2.05 48.84
CA THR D 80 33.45 -2.70 49.83
C THR D 80 32.70 -3.82 50.52
N GLY D 81 31.44 -3.54 50.85
CA GLY D 81 30.60 -4.52 51.54
C GLY D 81 30.29 -5.74 50.70
N ILE D 82 29.94 -5.54 49.43
CA ILE D 82 29.65 -6.67 48.55
C ILE D 82 30.90 -7.47 48.27
N ASP D 83 32.02 -6.79 48.03
CA ASP D 83 33.29 -7.47 47.79
C ASP D 83 33.67 -8.34 48.99
N LYS D 84 33.34 -7.85 50.19
CA LYS D 84 33.65 -8.57 51.42
C LYS D 84 32.81 -9.83 51.55
N VAL D 85 31.56 -9.76 51.11
CA VAL D 85 30.68 -10.91 51.12
C VAL D 85 31.22 -11.96 50.16
N ALA D 86 31.60 -11.51 48.97
CA ALA D 86 32.09 -12.40 47.94
C ALA D 86 33.39 -13.06 48.37
N GLU D 87 34.22 -12.32 49.08
CA GLU D 87 35.50 -12.85 49.56
C GLU D 87 35.29 -13.92 50.62
N ALA D 88 34.31 -13.71 51.49
CA ALA D 88 34.02 -14.59 52.61
C ALA D 88 33.28 -15.86 52.19
N PHE D 89 32.34 -15.70 51.27
CA PHE D 89 31.48 -16.81 50.87
C PHE D 89 31.90 -17.40 49.54
N GLY D 90 32.72 -16.67 48.81
CA GLY D 90 33.25 -17.16 47.54
C GLY D 90 32.44 -16.77 46.31
N SER D 91 31.30 -16.12 46.50
CA SER D 91 30.38 -15.76 45.42
C SER D 91 29.24 -14.88 45.92
N VAL D 92 28.52 -14.25 44.98
CA VAL D 92 27.25 -13.57 45.25
C VAL D 92 26.26 -14.09 44.21
N ASP D 93 25.43 -15.04 44.58
CA ASP D 93 24.52 -15.68 43.62
C ASP D 93 23.16 -15.01 43.58
N ILE D 94 22.77 -14.44 44.72
CA ILE D 94 21.46 -13.82 44.85
C ILE D 94 21.62 -12.48 45.54
N LEU D 95 21.02 -11.45 44.94
CA LEU D 95 20.91 -10.16 45.62
C LEU D 95 19.45 -9.78 45.81
N VAL D 96 19.05 -9.57 47.05
CA VAL D 96 17.73 -8.97 47.30
C VAL D 96 17.91 -7.55 47.79
N SER D 97 17.49 -6.59 46.97
CA SER D 97 17.57 -5.17 47.35
C SER D 97 16.27 -4.74 48.00
N ASN D 98 16.35 -4.36 49.27
CA ASN D 98 15.19 -4.15 50.10
C ASN D 98 15.30 -2.91 50.98
N ALA D 99 14.31 -2.03 50.87
CA ALA D 99 14.18 -0.86 51.75
C ALA D 99 12.72 -0.61 52.06
N GLY D 100 12.42 -0.06 53.23
CA GLY D 100 11.03 0.23 53.54
C GLY D 100 10.72 1.62 54.07
N ILE D 101 11.72 2.50 54.11
CA ILE D 101 11.52 3.84 54.64
C ILE D 101 10.35 4.52 53.93
N GLN D 102 9.48 5.11 54.72
CA GLN D 102 8.31 5.81 54.22
C GLN D 102 8.19 7.18 54.87
N ILE D 103 8.11 8.23 54.05
CA ILE D 103 7.90 9.58 54.54
C ILE D 103 6.74 10.19 53.79
N VAL D 104 5.70 10.58 54.52
CA VAL D 104 4.48 11.01 53.88
C VAL D 104 4.26 12.51 54.06
N ASN D 105 3.68 13.11 53.02
CA ASN D 105 3.37 14.52 52.96
C ASN D 105 2.73 14.76 51.60
N PRO D 106 1.83 15.75 51.53
CA PRO D 106 1.30 16.16 50.22
C PRO D 106 2.43 16.80 49.41
N ILE D 107 2.35 16.71 48.09
CA ILE D 107 3.45 17.17 47.24
C ILE D 107 3.82 18.62 47.54
N GLU D 108 2.84 19.49 47.76
CA GLU D 108 3.16 20.93 47.92
C GLU D 108 3.94 21.19 49.20
N ASN D 109 3.82 20.28 50.16
CA ASN D 109 4.58 20.37 51.40
C ASN D 109 5.66 19.29 51.52
N TYR D 110 6.06 18.71 50.40
CA TYR D 110 7.02 17.60 50.46
C TYR D 110 8.43 18.16 50.41
N SER D 111 9.22 17.91 51.46
CA SER D 111 10.53 18.57 51.54
C SER D 111 11.45 17.93 50.51
N PHE D 112 12.20 18.78 49.82
CA PHE D 112 13.13 18.29 48.81
C PHE D 112 14.19 17.42 49.47
N ALA D 113 14.57 17.72 50.71
CA ALA D 113 15.53 16.85 51.42
C ALA D 113 14.94 15.43 51.60
N ASP D 114 13.70 15.35 52.05
CA ASP D 114 13.01 14.07 52.22
C ASP D 114 12.93 13.33 50.89
N TRP D 115 12.62 14.06 49.82
CA TRP D 115 12.54 13.49 48.47
C TRP D 115 13.85 12.81 48.07
N LYS D 116 14.97 13.52 48.22
CA LYS D 116 16.26 12.96 47.80
C LYS D 116 16.65 11.74 48.65
N LYS D 117 16.40 11.80 49.95
CA LYS D 117 16.71 10.68 50.82
C LYS D 117 15.86 9.47 50.45
N MET D 118 14.60 9.70 50.09
CA MET D 118 13.75 8.57 49.69
C MET D 118 14.27 7.92 48.42
N GLN D 119 14.60 8.73 47.42
CA GLN D 119 15.12 8.20 46.17
C GLN D 119 16.49 7.52 46.36
N ALA D 120 17.32 8.07 47.23
CA ALA D 120 18.64 7.51 47.44
C ALA D 120 18.55 6.14 48.05
N ILE D 121 17.75 6.00 49.10
CA ILE D 121 17.68 4.72 49.80
C ILE D 121 17.00 3.69 48.92
N HIS D 122 15.81 4.00 48.40
CA HIS D 122 15.05 3.01 47.63
C HIS D 122 15.67 2.67 46.27
N VAL D 123 16.10 3.68 45.53
CA VAL D 123 16.51 3.47 44.15
C VAL D 123 18.04 3.48 43.98
N ASP D 124 18.71 4.51 44.46
CA ASP D 124 20.18 4.49 44.39
C ASP D 124 20.76 3.24 45.05
N GLY D 125 20.22 2.88 46.22
CA GLY D 125 20.61 1.62 46.86
C GLY D 125 20.49 0.40 45.95
N ALA D 126 19.40 0.31 45.19
CA ALA D 126 19.20 -0.81 44.26
C ALA D 126 20.20 -0.74 43.13
N PHE D 127 20.40 0.45 42.59
CA PHE D 127 21.39 0.64 41.53
C PHE D 127 22.80 0.26 42.00
N LEU D 128 23.26 0.81 43.12
CA LEU D 128 24.61 0.54 43.64
C LEU D 128 24.85 -0.92 44.01
N THR D 129 23.92 -1.52 44.76
CA THR D 129 24.09 -2.93 45.14
C THR D 129 24.03 -3.84 43.90
N THR D 130 23.19 -3.48 42.94
CA THR D 130 23.15 -4.23 41.68
C THR D 130 24.48 -4.17 40.96
N LYS D 131 24.94 -2.95 40.69
CA LYS D 131 26.23 -2.69 40.07
CA LYS D 131 26.22 -2.74 40.03
C LYS D 131 27.36 -3.50 40.72
N ALA D 132 27.40 -3.50 42.04
CA ALA D 132 28.48 -4.20 42.76
C ALA D 132 28.33 -5.73 42.63
N ALA D 133 27.10 -6.20 42.63
CA ALA D 133 26.85 -7.64 42.54
C ALA D 133 27.14 -8.18 41.13
N LEU D 134 26.90 -7.37 40.10
CA LEU D 134 27.14 -7.81 38.73
C LEU D 134 28.62 -8.03 38.48
N LYS D 135 29.47 -7.28 39.19
CA LYS D 135 30.91 -7.51 39.10
C LYS D 135 31.23 -8.97 39.36
N HIS D 136 30.51 -9.56 40.30
CA HIS D 136 30.73 -10.95 40.66
C HIS D 136 29.90 -11.93 39.83
N MET D 137 28.65 -11.58 39.54
CA MET D 137 27.79 -12.46 38.77
C MET D 137 28.24 -12.59 37.31
N TYR D 138 28.79 -11.51 36.74
CA TYR D 138 29.20 -11.53 35.35
C TYR D 138 30.51 -12.31 35.17
N LYS D 139 31.24 -12.53 36.25
CA LYS D 139 32.53 -13.18 36.17
C LYS D 139 32.34 -14.62 35.72
N ASP D 140 33.06 -14.99 34.66
CA ASP D 140 32.96 -16.33 34.08
C ASP D 140 31.51 -16.71 33.72
N ASP D 141 30.65 -15.71 33.61
CA ASP D 141 29.22 -15.92 33.39
C ASP D 141 28.63 -16.91 34.38
N ARG D 142 29.06 -16.81 35.63
CA ARG D 142 28.51 -17.59 36.73
C ARG D 142 27.01 -17.37 36.82
N GLY D 143 26.59 -16.11 36.66
CA GLY D 143 25.19 -15.76 36.64
C GLY D 143 24.65 -15.48 38.02
N GLY D 144 23.34 -15.21 38.10
CA GLY D 144 22.74 -14.91 39.38
C GLY D 144 21.30 -14.47 39.25
N VAL D 145 20.70 -14.15 40.40
CA VAL D 145 19.34 -13.62 40.46
C VAL D 145 19.34 -12.33 41.29
N VAL D 146 18.78 -11.27 40.71
CA VAL D 146 18.64 -9.99 41.38
C VAL D 146 17.17 -9.71 41.60
N ILE D 147 16.79 -9.56 42.86
CA ILE D 147 15.39 -9.27 43.15
C ILE D 147 15.22 -7.95 43.88
N TYR D 148 14.38 -7.07 43.34
CA TYR D 148 14.07 -5.80 44.01
CA TYR D 148 14.08 -5.81 44.00
C TYR D 148 12.77 -5.92 44.78
N MET D 149 12.74 -5.36 45.97
CA MET D 149 11.49 -5.34 46.71
C MET D 149 10.77 -4.05 46.41
N GLY D 150 9.70 -4.17 45.62
CA GLY D 150 8.91 -3.02 45.27
C GLY D 150 7.72 -2.95 46.18
N SER D 151 6.54 -2.76 45.59
CA SER D 151 5.31 -2.57 46.34
C SER D 151 4.14 -2.62 45.37
N VAL D 152 2.91 -2.74 45.88
CA VAL D 152 1.77 -2.46 45.00
C VAL D 152 1.95 -1.03 44.53
N HIS D 153 2.64 -0.20 45.33
CA HIS D 153 2.89 1.18 44.94
C HIS D 153 3.95 1.33 43.83
N SER D 154 4.49 0.20 43.35
CA SER D 154 5.23 0.20 42.08
C SER D 154 4.28 0.34 40.87
N HIS D 155 3.00 0.09 41.08
CA HIS D 155 2.02 -0.05 40.00
C HIS D 155 0.86 0.89 40.11
N GLU D 156 0.63 1.36 41.33
CA GLU D 156 -0.56 2.15 41.62
C GLU D 156 -0.23 3.19 42.70
N ALA D 157 -0.86 4.35 42.64
CA ALA D 157 -0.47 5.43 43.55
C ALA D 157 -1.38 5.53 44.75
N SER D 158 -0.89 6.20 45.79
CA SER D 158 -1.74 6.70 46.87
C SER D 158 -1.33 8.14 47.14
N PRO D 159 -2.30 8.96 47.58
CA PRO D 159 -1.97 10.33 47.96
C PRO D 159 -0.99 10.36 49.14
N LEU D 160 -0.22 11.43 49.24
CA LEU D 160 0.77 11.69 50.31
C LEU D 160 2.00 10.83 50.19
N LYS D 161 2.10 10.02 49.15
CA LYS D 161 3.25 9.12 49.07
C LYS D 161 4.02 9.29 47.78
N SER D 162 4.13 10.53 47.29
CA SER D 162 4.79 10.77 46.03
C SER D 162 6.23 10.22 45.96
N ALA D 163 7.05 10.49 46.97
CA ALA D 163 8.42 10.00 46.91
C ALA D 163 8.46 8.45 46.81
N TYR D 164 7.66 7.78 47.63
CA TYR D 164 7.67 6.32 47.73
C TYR D 164 7.16 5.70 46.45
N VAL D 165 6.05 6.25 45.95
CA VAL D 165 5.45 5.70 44.73
C VAL D 165 6.39 5.88 43.56
N THR D 166 6.98 7.07 43.47
CA THR D 166 7.92 7.34 42.40
C THR D 166 9.11 6.39 42.43
N ALA D 167 9.72 6.23 43.62
CA ALA D 167 10.84 5.30 43.76
C ALA D 167 10.42 3.87 43.41
N LYS D 168 9.27 3.44 43.89
CA LYS D 168 8.87 2.04 43.67
C LYS D 168 8.48 1.77 42.21
N HIS D 169 7.87 2.77 41.54
CA HIS D 169 7.69 2.70 40.08
C HIS D 169 9.06 2.62 39.35
N GLY D 170 10.00 3.47 39.74
CA GLY D 170 11.34 3.45 39.15
C GLY D 170 12.05 2.09 39.21
N LEU D 171 11.95 1.38 40.34
CA LEU D 171 12.56 0.04 40.48
C LEU D 171 12.13 -0.92 39.36
N LEU D 172 10.88 -0.82 38.92
CA LEU D 172 10.42 -1.67 37.82
C LEU D 172 11.26 -1.42 36.58
N GLY D 173 11.50 -0.15 36.29
CA GLY D 173 12.28 0.22 35.10
C GLY D 173 13.70 -0.34 35.17
N LEU D 174 14.35 -0.14 36.31
CA LEU D 174 15.71 -0.65 36.47
C LEU D 174 15.73 -2.19 36.32
N ALA D 175 14.79 -2.86 36.96
CA ALA D 175 14.73 -4.34 36.87
C ALA D 175 14.56 -4.81 35.45
N ARG D 176 13.71 -4.11 34.70
CA ARG D 176 13.41 -4.51 33.33
C ARG D 176 14.62 -4.31 32.40
N VAL D 177 15.39 -3.24 32.59
CA VAL D 177 16.68 -3.10 31.90
C VAL D 177 17.66 -4.22 32.28
N LEU D 178 17.73 -4.53 33.56
CA LEU D 178 18.70 -5.55 33.99
C LEU D 178 18.30 -6.90 33.39
N ALA D 179 17.01 -7.17 33.25
CA ALA D 179 16.61 -8.43 32.62
C ALA D 179 17.16 -8.54 31.19
N LYS D 180 17.17 -7.43 30.46
CA LYS D 180 17.67 -7.47 29.08
C LYS D 180 19.19 -7.54 29.03
N GLU D 181 19.87 -6.73 29.85
CA GLU D 181 21.34 -6.75 29.84
C GLU D 181 21.92 -8.01 30.49
N GLY D 182 21.24 -8.51 31.50
CA GLY D 182 21.82 -9.56 32.32
C GLY D 182 21.80 -10.91 31.62
N ALA D 183 20.88 -11.06 30.67
CA ALA D 183 20.61 -12.37 30.06
C ALA D 183 21.85 -13.05 29.51
N LYS D 184 22.70 -12.29 28.80
CA LYS D 184 23.87 -12.90 28.19
C LYS D 184 24.87 -13.36 29.25
N HIS D 185 24.71 -12.91 30.49
CA HIS D 185 25.62 -13.34 31.55
C HIS D 185 24.95 -14.29 32.56
N ASN D 186 23.77 -14.82 32.20
CA ASN D 186 22.93 -15.67 33.06
C ASN D 186 22.47 -15.00 34.35
N VAL D 187 22.23 -13.71 34.27
CA VAL D 187 21.65 -12.96 35.38
C VAL D 187 20.18 -12.63 35.09
N ARG D 188 19.32 -12.98 36.05
CA ARG D 188 17.89 -12.75 35.96
C ARG D 188 17.54 -11.63 36.90
N SER D 189 16.44 -10.94 36.61
CA SER D 189 15.92 -9.93 37.54
C SER D 189 14.43 -10.14 37.79
N HIS D 190 13.99 -9.74 38.97
CA HIS D 190 12.57 -9.77 39.28
C HIS D 190 12.26 -8.66 40.25
N VAL D 191 10.98 -8.31 40.35
CA VAL D 191 10.54 -7.39 41.38
C VAL D 191 9.40 -8.04 42.15
N VAL D 192 9.50 -8.06 43.45
CA VAL D 192 8.40 -8.59 44.25
C VAL D 192 7.69 -7.43 44.90
N CYS D 193 6.36 -7.39 44.74
CA CYS D 193 5.56 -6.21 45.08
C CYS D 193 4.54 -6.54 46.16
N PRO D 194 4.95 -6.42 47.44
CA PRO D 194 4.04 -6.74 48.54
C PRO D 194 2.92 -5.73 48.68
N GLY D 195 1.78 -6.21 49.15
CA GLY D 195 0.71 -5.33 49.59
C GLY D 195 0.96 -4.85 51.00
N PHE D 196 -0.11 -4.54 51.70
CA PHE D 196 -0.06 -4.02 53.05
C PHE D 196 0.37 -5.10 54.05
N VAL D 197 1.53 -4.92 54.70
CA VAL D 197 1.99 -5.88 55.72
C VAL D 197 1.72 -5.36 57.12
N ARG D 198 1.25 -6.23 58.01
CA ARG D 198 0.94 -5.80 59.37
C ARG D 198 2.19 -5.77 60.25
N THR D 199 2.65 -4.57 60.53
CA THR D 199 3.83 -4.35 61.34
C THR D 199 3.43 -3.97 62.75
N PRO D 200 4.41 -3.90 63.67
CA PRO D 200 4.05 -3.32 64.97
C PRO D 200 3.51 -1.90 64.82
N LEU D 201 4.02 -1.14 63.86
CA LEU D 201 3.52 0.21 63.62
C LEU D 201 2.04 0.17 63.23
N VAL D 202 1.68 -0.76 62.35
CA VAL D 202 0.30 -0.84 61.91
C VAL D 202 -0.58 -1.27 63.09
N ASP D 203 -0.07 -2.16 63.93
CA ASP D 203 -0.79 -2.58 65.14
C ASP D 203 -1.13 -1.38 66.04
N LYS D 204 -0.29 -0.35 66.01
CA LYS D 204 -0.54 0.87 66.76
C LYS D 204 -1.51 1.82 66.04
N GLN D 205 -1.45 1.87 64.72
CA GLN D 205 -2.27 2.80 63.94
C GLN D 205 -3.74 2.37 63.86
N ILE D 206 -4.00 1.06 63.89
CA ILE D 206 -5.35 0.54 63.81
C ILE D 206 -6.29 1.12 64.91
N PRO D 207 -5.93 0.98 66.20
CA PRO D 207 -6.92 1.48 67.16
C PRO D 207 -7.05 3.00 67.18
N GLU D 208 -6.00 3.72 66.82
CA GLU D 208 -6.06 5.18 66.85
C GLU D 208 -6.87 5.72 65.67
N GLN D 209 -6.68 5.12 64.49
CA GLN D 209 -7.44 5.55 63.31
C GLN D 209 -8.89 5.17 63.47
N ALA D 210 -9.16 4.16 64.30
CA ALA D 210 -10.52 3.77 64.64
C ALA D 210 -11.26 4.94 65.29
N LYS D 211 -10.51 5.79 65.98
CA LYS D 211 -11.05 7.00 66.58
C LYS D 211 -10.71 8.24 65.75
N GLU D 212 -9.42 8.40 65.42
CA GLU D 212 -8.94 9.55 64.66
C GLU D 212 -9.70 9.74 63.35
N SER D 216 -15.06 1.21 64.14
CA SER D 216 -14.69 -0.19 64.38
C SER D 216 -13.25 -0.45 63.97
N GLU D 217 -12.60 -1.37 64.68
CA GLU D 217 -11.26 -1.81 64.31
C GLU D 217 -11.35 -2.64 63.04
N GLU D 218 -12.32 -3.56 63.02
CA GLU D 218 -12.57 -4.39 61.86
C GLU D 218 -12.81 -3.53 60.62
N GLU D 219 -13.45 -2.38 60.77
CA GLU D 219 -13.70 -1.48 59.65
C GLU D 219 -12.43 -0.79 59.15
N VAL D 220 -11.56 -0.39 60.07
CA VAL D 220 -10.27 0.20 59.72
C VAL D 220 -9.41 -0.77 58.92
N ILE D 221 -9.32 -1.99 59.43
CA ILE D 221 -8.60 -3.05 58.74
C ILE D 221 -9.21 -3.31 57.36
N LYS D 222 -10.50 -3.63 57.34
CA LYS D 222 -11.16 -4.08 56.12
C LYS D 222 -11.44 -2.99 55.07
N LYS D 223 -11.79 -1.79 55.51
CA LYS D 223 -12.20 -0.76 54.56
C LYS D 223 -11.12 0.28 54.27
N VAL D 224 -10.54 0.84 55.33
CA VAL D 224 -9.55 1.90 55.18
C VAL D 224 -8.20 1.39 54.66
N MET D 225 -7.68 0.33 55.29
CA MET D 225 -6.34 -0.16 54.97
C MET D 225 -6.33 -1.20 53.85
N LEU D 226 -7.30 -2.11 53.88
CA LEU D 226 -7.33 -3.20 52.92
C LEU D 226 -8.56 -3.19 52.02
N GLY D 227 -9.17 -2.02 51.82
CA GLY D 227 -10.39 -1.94 51.02
C GLY D 227 -10.21 -2.34 49.57
N ASN D 228 -8.98 -2.23 49.08
CA ASN D 228 -8.67 -2.61 47.70
CA ASN D 228 -8.62 -2.60 47.72
C ASN D 228 -8.25 -4.09 47.57
N THR D 229 -8.19 -4.82 48.68
CA THR D 229 -7.92 -6.26 48.58
C THR D 229 -9.24 -7.00 48.38
N VAL D 230 -9.17 -8.27 47.94
CA VAL D 230 -10.39 -9.05 47.79
C VAL D 230 -10.93 -9.67 49.08
N ASP D 231 -10.10 -9.77 50.11
CA ASP D 231 -10.46 -10.55 51.29
C ASP D 231 -10.27 -9.82 52.62
N GLY D 232 -9.72 -8.61 52.57
CA GLY D 232 -9.40 -7.88 53.78
C GLY D 232 -8.37 -8.58 54.65
N VAL D 233 -7.38 -9.21 54.02
CA VAL D 233 -6.32 -9.92 54.75
C VAL D 233 -4.97 -9.25 54.53
N PHE D 234 -4.20 -9.07 55.61
CA PHE D 234 -2.87 -8.49 55.45
C PHE D 234 -1.95 -9.47 54.75
N THR D 235 -1.07 -8.93 53.93
CA THR D 235 0.01 -9.73 53.35
C THR D 235 0.95 -10.09 54.49
N THR D 236 1.47 -11.31 54.52
CA THR D 236 2.43 -11.69 55.57
C THR D 236 3.86 -11.61 55.05
N VAL D 237 4.82 -11.43 55.95
CA VAL D 237 6.21 -11.53 55.51
C VAL D 237 6.51 -12.93 54.97
N GLN D 238 5.81 -13.95 55.46
CA GLN D 238 5.99 -15.31 54.93
CA GLN D 238 6.02 -15.30 54.92
C GLN D 238 5.52 -15.38 53.47
N ASP D 239 4.36 -14.77 53.19
CA ASP D 239 3.86 -14.68 51.79
C ASP D 239 4.99 -14.17 50.91
N VAL D 240 5.59 -13.06 51.34
CA VAL D 240 6.65 -12.42 50.58
C VAL D 240 7.88 -13.29 50.45
N ALA D 241 8.33 -13.82 51.59
CA ALA D 241 9.52 -14.65 51.61
C ALA D 241 9.41 -15.88 50.72
N GLN D 242 8.26 -16.56 50.75
CA GLN D 242 8.07 -17.73 49.90
C GLN D 242 8.12 -17.38 48.42
N THR D 243 7.61 -16.20 48.06
CA THR D 243 7.68 -15.80 46.67
C THR D 243 9.13 -15.54 46.24
N VAL D 244 9.90 -14.85 47.09
CA VAL D 244 11.31 -14.64 46.82
C VAL D 244 12.07 -15.97 46.70
N LEU D 245 11.76 -16.94 47.56
CA LEU D 245 12.41 -18.25 47.48
C LEU D 245 12.15 -18.93 46.16
N PHE D 246 10.87 -18.95 45.77
CA PHE D 246 10.44 -19.51 44.50
C PHE D 246 11.22 -18.91 43.33
N LEU D 247 11.33 -17.60 43.30
CA LEU D 247 12.07 -16.96 42.22
C LEU D 247 13.57 -17.33 42.30
N SER D 248 14.12 -17.29 43.51
CA SER D 248 15.56 -17.54 43.68
C SER D 248 15.97 -18.92 43.19
N ALA D 249 15.08 -19.90 43.33
CA ALA D 249 15.42 -21.28 43.04
C ALA D 249 14.86 -21.76 41.70
N PHE D 250 14.21 -20.87 40.94
CA PHE D 250 13.59 -21.27 39.68
C PHE D 250 14.65 -21.81 38.71
N PRO D 251 14.35 -22.92 38.01
CA PRO D 251 15.39 -23.63 37.23
C PRO D 251 15.66 -23.11 35.81
N SER D 252 15.16 -21.94 35.47
CA SER D 252 15.55 -21.29 34.22
C SER D 252 15.31 -19.80 34.35
N ALA D 253 15.67 -19.04 33.31
CA ALA D 253 15.40 -17.60 33.30
C ALA D 253 13.98 -17.24 32.82
N ALA D 254 13.05 -18.20 32.85
CA ALA D 254 11.73 -17.95 32.28
C ALA D 254 10.99 -16.76 32.90
N LEU D 255 11.22 -16.48 34.19
CA LEU D 255 10.48 -15.41 34.87
C LEU D 255 11.24 -14.09 34.92
N THR D 256 12.35 -13.98 34.19
CA THR D 256 13.16 -12.78 34.29
C THR D 256 12.39 -11.53 33.80
N GLY D 257 12.59 -10.40 34.48
CA GLY D 257 12.00 -9.12 34.11
C GLY D 257 10.58 -8.91 34.61
N GLN D 258 10.01 -9.92 35.25
CA GLN D 258 8.61 -9.89 35.68
C GLN D 258 8.48 -9.36 37.09
N SER D 259 7.34 -8.75 37.39
CA SER D 259 7.06 -8.41 38.79
C SER D 259 5.95 -9.30 39.31
N PHE D 260 5.94 -9.48 40.63
CA PHE D 260 5.06 -10.40 41.32
C PHE D 260 4.36 -9.69 42.44
N ILE D 261 3.07 -9.49 42.23
CA ILE D 261 2.26 -8.71 43.16
C ILE D 261 1.72 -9.63 44.22
N VAL D 262 2.07 -9.36 45.49
CA VAL D 262 1.78 -10.30 46.57
C VAL D 262 0.92 -9.51 47.55
N SER D 263 -0.36 -9.39 47.28
CA SER D 263 -1.14 -8.31 47.90
C SER D 263 -2.57 -8.66 48.22
N HIS D 264 -2.95 -9.92 48.01
CA HIS D 264 -4.33 -10.32 48.18
C HIS D 264 -5.29 -9.56 47.27
N GLY D 265 -4.89 -9.37 46.02
CA GLY D 265 -5.82 -8.87 45.01
C GLY D 265 -5.85 -7.35 44.91
N TRP D 266 -4.95 -6.67 45.63
CA TRP D 266 -4.81 -5.22 45.50
C TRP D 266 -3.92 -4.96 44.29
N PHE D 267 -4.54 -4.46 43.22
CA PHE D 267 -3.98 -4.32 41.86
C PHE D 267 -3.68 -5.68 41.22
N MET D 268 -4.48 -6.01 40.23
CA MET D 268 -4.32 -7.29 39.53
C MET D 268 -3.76 -7.08 38.14
N GLN D 269 -2.65 -7.72 37.85
CA GLN D 269 -2.23 -7.74 36.46
CA GLN D 269 -2.01 -7.71 36.54
C GLN D 269 -1.80 -9.14 36.09
N ASN E 11 24.03 16.74 -19.60
CA ASN E 11 24.21 18.10 -19.11
C ASN E 11 22.88 18.84 -18.97
N LEU E 12 22.42 18.97 -17.73
CA LEU E 12 21.22 19.75 -17.45
C LEU E 12 21.52 20.85 -16.43
N ASN E 13 22.79 21.22 -16.33
CA ASN E 13 23.23 22.30 -15.45
C ASN E 13 22.44 23.60 -15.65
N GLY E 14 21.99 24.20 -14.56
CA GLY E 14 21.29 25.46 -14.62
C GLY E 14 19.84 25.32 -15.04
N LYS E 15 19.42 24.09 -15.33
CA LYS E 15 18.04 23.87 -15.71
C LYS E 15 17.25 23.47 -14.46
N THR E 16 15.94 23.71 -14.52
CA THR E 16 15.05 23.38 -13.42
C THR E 16 13.99 22.40 -13.89
N ALA E 17 13.66 21.42 -13.06
CA ALA E 17 12.70 20.39 -13.42
C ALA E 17 11.69 20.14 -12.31
N VAL E 18 10.46 19.82 -12.69
CA VAL E 18 9.42 19.40 -11.76
C VAL E 18 9.06 17.95 -12.06
N VAL E 19 9.10 17.09 -11.03
CA VAL E 19 8.64 15.71 -11.18
C VAL E 19 7.51 15.42 -10.20
N THR E 20 6.33 15.10 -10.70
CA THR E 20 5.19 14.78 -9.83
C THR E 20 5.20 13.29 -9.47
N GLY E 21 4.47 12.94 -8.40
CA GLY E 21 4.50 11.58 -7.87
C GLY E 21 5.89 10.98 -7.70
N ALA E 22 6.85 11.77 -7.22
CA ALA E 22 8.25 11.35 -7.19
C ALA E 22 8.81 11.07 -5.79
N ALA E 23 7.95 10.72 -4.84
CA ALA E 23 8.43 10.34 -3.51
C ALA E 23 8.91 8.90 -3.55
N SER E 24 8.54 8.18 -4.60
CA SER E 24 8.88 6.77 -4.72
C SER E 24 8.97 6.30 -6.16
N GLY E 25 9.61 5.15 -6.34
CA GLY E 25 9.59 4.41 -7.59
C GLY E 25 10.17 5.13 -8.78
N ILE E 26 9.51 4.98 -9.92
CA ILE E 26 9.97 5.56 -11.17
C ILE E 26 10.13 7.05 -11.05
N GLY E 27 9.16 7.71 -10.42
CA GLY E 27 9.21 9.14 -10.25
C GLY E 27 10.44 9.57 -9.48
N LYS E 28 10.74 8.83 -8.42
CA LYS E 28 11.92 9.11 -7.60
C LYS E 28 13.21 8.96 -8.41
N GLU E 29 13.35 7.85 -9.13
CA GLU E 29 14.56 7.60 -9.91
C GLU E 29 14.80 8.68 -10.95
N ILE E 30 13.72 9.15 -11.57
CA ILE E 30 13.80 10.21 -12.57
C ILE E 30 14.32 11.50 -11.93
N ALA E 31 13.75 11.84 -10.78
CA ALA E 31 14.21 13.00 -10.03
C ALA E 31 15.69 12.90 -9.70
N LEU E 32 16.10 11.75 -9.16
CA LEU E 32 17.50 11.52 -8.80
C LEU E 32 18.45 11.66 -10.00
N GLU E 33 18.03 11.10 -11.13
CA GLU E 33 18.88 11.10 -12.32
C GLU E 33 18.97 12.50 -12.94
N LEU E 34 17.85 13.22 -12.97
CA LEU E 34 17.86 14.61 -13.47
C LEU E 34 18.72 15.49 -12.57
N ALA E 35 18.62 15.26 -11.26
CA ALA E 35 19.44 15.97 -10.29
C ALA E 35 20.93 15.70 -10.54
N LYS E 36 21.27 14.43 -10.76
CA LYS E 36 22.67 14.04 -10.97
C LYS E 36 23.22 14.65 -12.25
N ALA E 37 22.33 15.11 -13.13
CA ALA E 37 22.73 15.67 -14.41
C ALA E 37 22.84 17.19 -14.37
N GLY E 38 22.71 17.77 -13.19
CA GLY E 38 22.87 19.20 -13.02
C GLY E 38 21.58 19.97 -12.75
N ALA E 39 20.45 19.37 -13.08
CA ALA E 39 19.17 20.06 -12.95
C ALA E 39 18.79 20.31 -11.49
N ALA E 40 18.31 21.52 -11.21
CA ALA E 40 17.65 21.79 -9.94
C ALA E 40 16.27 21.14 -9.99
N VAL E 41 15.98 20.25 -9.05
CA VAL E 41 14.76 19.45 -9.14
C VAL E 41 13.77 19.73 -8.02
N ALA E 42 12.53 19.98 -8.41
CA ALA E 42 11.45 20.08 -7.46
C ALA E 42 10.69 18.76 -7.40
N ILE E 43 10.72 18.11 -6.24
CA ILE E 43 9.99 16.88 -6.02
C ILE E 43 8.55 17.19 -5.61
N ALA E 44 7.61 16.99 -6.53
CA ALA E 44 6.20 17.15 -6.20
C ALA E 44 5.59 15.77 -5.87
N ASP E 45 4.85 15.71 -4.77
CA ASP E 45 4.16 14.49 -4.39
C ASP E 45 3.03 14.87 -3.45
N LEU E 46 2.04 13.99 -3.32
CA LEU E 46 0.93 14.24 -2.40
C LEU E 46 1.43 14.42 -0.98
N ASN E 47 2.40 13.58 -0.59
CA ASN E 47 2.99 13.60 0.76
C ASN E 47 4.17 14.58 0.85
N GLN E 48 4.01 15.65 1.62
CA GLN E 48 5.08 16.62 1.79
C GLN E 48 6.31 15.95 2.43
N ASP E 49 6.06 15.05 3.37
CA ASP E 49 7.13 14.29 4.00
C ASP E 49 7.86 13.43 2.99
N GLY E 50 7.10 12.74 2.15
CA GLY E 50 7.65 11.86 1.14
C GLY E 50 8.56 12.59 0.17
N ALA E 51 8.17 13.82 -0.18
CA ALA E 51 8.92 14.62 -1.15
C ALA E 51 10.22 15.15 -0.56
N ASN E 52 10.20 15.50 0.73
CA ASN E 52 11.40 15.97 1.41
C ASN E 52 12.48 14.89 1.44
N ALA E 53 12.05 13.64 1.65
CA ALA E 53 12.96 12.52 1.77
C ALA E 53 13.79 12.34 0.50
N VAL E 54 13.18 12.59 -0.64
CA VAL E 54 13.86 12.51 -1.92
C VAL E 54 14.74 13.74 -2.14
N ALA E 55 14.24 14.92 -1.75
CA ALA E 55 15.01 16.15 -1.89
C ALA E 55 16.28 16.06 -1.05
N ASP E 56 16.12 15.58 0.18
CA ASP E 56 17.26 15.40 1.09
C ASP E 56 18.30 14.44 0.50
N GLU E 57 17.82 13.36 -0.12
CA GLU E 57 18.72 12.39 -0.73
C GLU E 57 19.53 13.03 -1.87
N ILE E 58 18.84 13.84 -2.67
CA ILE E 58 19.50 14.60 -3.74
C ILE E 58 20.52 15.58 -3.18
N ASN E 59 20.07 16.43 -2.28
CA ASN E 59 20.92 17.49 -1.71
C ASN E 59 22.16 16.96 -0.99
N LYS E 60 21.98 15.86 -0.24
CA LYS E 60 23.10 15.24 0.48
C LYS E 60 24.09 14.59 -0.48
N ALA E 61 23.65 14.33 -1.70
CA ALA E 61 24.49 13.72 -2.72
C ALA E 61 25.18 14.76 -3.61
N GLY E 62 24.97 16.04 -3.30
CA GLY E 62 25.63 17.11 -4.01
C GLY E 62 24.75 17.79 -5.05
N GLY E 63 23.49 17.37 -5.09
CA GLY E 63 22.54 17.95 -6.02
C GLY E 63 21.75 19.07 -5.37
N LYS E 64 20.85 19.68 -6.15
CA LYS E 64 19.98 20.74 -5.64
C LYS E 64 18.54 20.30 -5.79
N ALA E 65 17.78 20.32 -4.68
CA ALA E 65 16.40 19.86 -4.74
C ALA E 65 15.52 20.51 -3.68
N ILE E 66 14.24 20.58 -3.97
CA ILE E 66 13.24 20.97 -2.98
C ILE E 66 12.10 19.97 -3.00
N GLY E 67 11.35 19.90 -1.90
CA GLY E 67 10.21 19.04 -1.81
C GLY E 67 8.94 19.87 -1.84
N VAL E 68 7.97 19.46 -2.66
CA VAL E 68 6.73 20.21 -2.80
C VAL E 68 5.50 19.31 -2.65
N ALA E 69 4.67 19.59 -1.65
CA ALA E 69 3.40 18.91 -1.49
C ALA E 69 2.41 19.41 -2.53
N MET E 70 1.77 18.49 -3.25
CA MET E 70 0.87 18.87 -4.34
C MET E 70 -0.17 17.79 -4.64
N ASP E 71 -1.45 18.15 -4.56
CA ASP E 71 -2.52 17.30 -5.09
C ASP E 71 -2.67 17.67 -6.54
N VAL E 72 -2.21 16.80 -7.43
CA VAL E 72 -2.19 17.14 -8.85
C VAL E 72 -3.59 17.17 -9.45
N THR E 73 -4.58 16.70 -8.70
CA THR E 73 -5.96 16.70 -9.18
C THR E 73 -6.69 17.99 -8.80
N ASN E 74 -6.01 18.83 -8.03
CA ASN E 74 -6.57 20.10 -7.60
C ASN E 74 -5.86 21.26 -8.29
N GLU E 75 -6.61 22.00 -9.09
CA GLU E 75 -6.03 23.07 -9.91
C GLU E 75 -5.28 24.13 -9.09
N GLU E 76 -5.88 24.61 -8.00
CA GLU E 76 -5.23 25.65 -7.19
C GLU E 76 -3.91 25.15 -6.62
N ALA E 77 -3.90 23.89 -6.18
CA ALA E 77 -2.73 23.26 -5.61
C ALA E 77 -1.59 23.19 -6.63
N VAL E 78 -1.95 22.77 -7.84
CA VAL E 78 -0.97 22.64 -8.91
C VAL E 78 -0.35 23.99 -9.23
N ASN E 79 -1.21 24.99 -9.44
CA ASN E 79 -0.78 26.33 -9.80
C ASN E 79 0.16 26.93 -8.76
N THR E 80 -0.24 26.88 -7.49
CA THR E 80 0.57 27.42 -6.41
C THR E 80 1.95 26.78 -6.33
N GLY E 81 1.99 25.44 -6.31
CA GLY E 81 3.23 24.70 -6.24
C GLY E 81 4.15 24.96 -7.41
N ILE E 82 3.58 25.00 -8.62
CA ILE E 82 4.36 25.30 -9.82
C ILE E 82 4.94 26.70 -9.74
N ASP E 83 4.11 27.66 -9.33
CA ASP E 83 4.55 29.05 -9.17
C ASP E 83 5.62 29.15 -8.09
N LYS E 84 5.49 28.34 -7.04
CA LYS E 84 6.47 28.33 -5.97
C LYS E 84 7.82 27.83 -6.46
N VAL E 85 7.82 26.75 -7.23
CA VAL E 85 9.03 26.21 -7.84
C VAL E 85 9.74 27.28 -8.68
N ALA E 86 8.96 28.04 -9.43
CA ALA E 86 9.51 29.08 -10.28
C ALA E 86 10.12 30.20 -9.43
N GLU E 87 9.53 30.45 -8.27
CA GLU E 87 10.06 31.47 -7.36
C GLU E 87 11.45 31.08 -6.85
N ALA E 88 11.57 29.86 -6.34
CA ALA E 88 12.81 29.39 -5.74
C ALA E 88 13.89 29.08 -6.78
N PHE E 89 13.49 28.46 -7.89
CA PHE E 89 14.46 28.00 -8.88
C PHE E 89 14.66 28.98 -10.04
N GLY E 90 13.65 29.78 -10.35
CA GLY E 90 13.79 30.82 -11.35
C GLY E 90 13.08 30.56 -12.67
N SER E 91 12.69 29.32 -12.90
CA SER E 91 11.97 28.91 -14.11
C SER E 91 11.56 27.45 -14.03
N VAL E 92 10.78 27.00 -15.01
CA VAL E 92 10.46 25.58 -15.15
C VAL E 92 10.77 25.13 -16.57
N ASP E 93 11.90 24.45 -16.74
CA ASP E 93 12.38 24.02 -18.05
C ASP E 93 11.91 22.61 -18.40
N ILE E 94 11.67 21.80 -17.37
CA ILE E 94 11.32 20.40 -17.57
C ILE E 94 10.16 19.99 -16.66
N LEU E 95 9.11 19.45 -17.26
CA LEU E 95 8.02 18.90 -16.46
C LEU E 95 7.89 17.41 -16.73
N VAL E 96 7.97 16.62 -15.66
CA VAL E 96 7.69 15.20 -15.79
C VAL E 96 6.43 14.87 -15.00
N SER E 97 5.35 14.60 -15.72
CA SER E 97 4.09 14.21 -15.12
C SER E 97 4.07 12.70 -14.91
N ASN E 98 3.93 12.27 -13.67
CA ASN E 98 4.11 10.87 -13.33
C ASN E 98 3.16 10.43 -12.23
N ALA E 99 2.37 9.42 -12.54
CA ALA E 99 1.42 8.85 -11.59
C ALA E 99 1.49 7.33 -11.68
N GLY E 100 1.34 6.64 -10.56
CA GLY E 100 1.41 5.19 -10.57
C GLY E 100 0.21 4.45 -10.00
N ILE E 101 -0.79 5.17 -9.51
CA ILE E 101 -1.92 4.54 -8.83
C ILE E 101 -2.59 3.51 -9.75
N GLN E 102 -2.90 2.34 -9.19
CA GLN E 102 -3.49 1.25 -9.97
C GLN E 102 -4.61 0.56 -9.20
N ILE E 103 -5.84 0.82 -9.62
CA ILE E 103 -7.00 0.17 -9.03
C ILE E 103 -7.58 -0.81 -10.04
N VAL E 104 -7.55 -2.10 -9.69
CA VAL E 104 -7.98 -3.10 -10.65
C VAL E 104 -9.36 -3.62 -10.30
N ASN E 105 -10.10 -4.00 -11.35
CA ASN E 105 -11.44 -4.58 -11.26
C ASN E 105 -11.97 -4.83 -12.67
N PRO E 106 -12.77 -5.90 -12.84
CA PRO E 106 -13.32 -6.09 -14.19
C PRO E 106 -14.31 -4.95 -14.46
N ILE E 107 -14.56 -4.60 -15.73
CA ILE E 107 -15.37 -3.41 -16.01
C ILE E 107 -16.73 -3.40 -15.30
N GLU E 108 -17.45 -4.52 -15.36
CA GLU E 108 -18.81 -4.59 -14.82
C GLU E 108 -18.85 -4.31 -13.33
N ASN E 109 -17.72 -4.51 -12.65
CA ASN E 109 -17.64 -4.24 -11.23
C ASN E 109 -16.66 -3.12 -10.90
N TYR E 110 -16.38 -2.27 -11.88
CA TYR E 110 -15.44 -1.17 -11.64
C TYR E 110 -16.17 0.02 -11.04
N SER E 111 -15.72 0.44 -9.85
CA SER E 111 -16.33 1.58 -9.19
C SER E 111 -16.16 2.89 -9.96
N PHE E 112 -17.25 3.61 -10.16
CA PHE E 112 -17.21 4.91 -10.83
C PHE E 112 -16.36 5.90 -10.03
N ALA E 113 -16.46 5.85 -8.71
CA ALA E 113 -15.60 6.64 -7.84
C ALA E 113 -14.13 6.36 -8.19
N ASP E 114 -13.77 5.08 -8.25
CA ASP E 114 -12.40 4.66 -8.61
C ASP E 114 -12.01 5.12 -10.00
N TRP E 115 -12.94 4.94 -10.94
CA TRP E 115 -12.71 5.36 -12.32
C TRP E 115 -12.38 6.84 -12.37
N LYS E 116 -13.17 7.67 -11.71
CA LYS E 116 -12.94 9.11 -11.79
C LYS E 116 -11.64 9.51 -11.08
N LYS E 117 -11.32 8.85 -9.98
CA LYS E 117 -10.06 9.13 -9.28
C LYS E 117 -8.88 8.80 -10.19
N MET E 118 -8.98 7.67 -10.87
CA MET E 118 -7.91 7.23 -11.76
C MET E 118 -7.68 8.24 -12.88
N GLN E 119 -8.76 8.71 -13.50
CA GLN E 119 -8.65 9.67 -14.60
C GLN E 119 -8.15 11.01 -14.08
N ALA E 120 -8.58 11.37 -12.87
CA ALA E 120 -8.18 12.63 -12.26
C ALA E 120 -6.67 12.68 -12.00
N ILE E 121 -6.13 11.61 -11.42
CA ILE E 121 -4.72 11.57 -11.04
C ILE E 121 -3.80 11.45 -12.24
N HIS E 122 -4.11 10.50 -13.13
CA HIS E 122 -3.24 10.23 -14.27
C HIS E 122 -3.34 11.31 -15.37
N VAL E 123 -4.56 11.69 -15.71
CA VAL E 123 -4.82 12.56 -16.86
C VAL E 123 -5.08 14.02 -16.48
N ASP E 124 -6.02 14.27 -15.58
CA ASP E 124 -6.23 15.66 -15.13
C ASP E 124 -4.95 16.21 -14.48
N GLY E 125 -4.23 15.36 -13.74
CA GLY E 125 -2.94 15.74 -13.21
C GLY E 125 -1.94 16.13 -14.29
N ALA E 126 -1.91 15.37 -15.39
CA ALA E 126 -1.04 15.70 -16.50
C ALA E 126 -1.46 17.04 -17.14
N PHE E 127 -2.77 17.19 -17.36
CA PHE E 127 -3.32 18.42 -17.93
C PHE E 127 -3.06 19.63 -17.04
N LEU E 128 -3.36 19.50 -15.75
CA LEU E 128 -3.27 20.64 -14.85
C LEU E 128 -1.82 21.11 -14.67
N THR E 129 -0.89 20.17 -14.56
CA THR E 129 0.52 20.52 -14.35
C THR E 129 1.12 21.06 -15.63
N THR E 130 0.73 20.49 -16.76
CA THR E 130 1.17 21.00 -18.06
C THR E 130 0.75 22.47 -18.20
N LYS E 131 -0.52 22.74 -17.94
CA LYS E 131 -1.06 24.08 -18.10
C LYS E 131 -0.31 25.08 -17.22
N ALA E 132 -0.03 24.68 -15.98
CA ALA E 132 0.68 25.55 -15.05
C ALA E 132 2.12 25.75 -15.53
N ALA E 133 2.73 24.68 -16.02
CA ALA E 133 4.10 24.73 -16.52
C ALA E 133 4.22 25.62 -17.77
N LEU E 134 3.22 25.54 -18.65
CA LEU E 134 3.26 26.30 -19.89
C LEU E 134 3.23 27.81 -19.66
N LYS E 135 2.65 28.22 -18.53
CA LYS E 135 2.62 29.64 -18.19
C LYS E 135 4.03 30.19 -18.10
N HIS E 136 4.95 29.35 -17.61
CA HIS E 136 6.33 29.77 -17.46
C HIS E 136 7.12 29.53 -18.74
N MET E 137 6.81 28.43 -19.42
CA MET E 137 7.55 28.04 -20.61
C MET E 137 7.24 28.90 -21.82
N TYR E 138 6.00 29.41 -21.89
CA TYR E 138 5.60 30.22 -23.03
C TYR E 138 6.10 31.66 -22.92
N LYS E 139 6.29 32.12 -21.70
CA LYS E 139 6.73 33.49 -21.43
C LYS E 139 8.03 33.79 -22.20
N ASP E 140 7.93 34.70 -23.17
CA ASP E 140 9.05 35.05 -24.06
C ASP E 140 9.55 33.82 -24.84
N ASP E 141 8.66 32.83 -25.01
CA ASP E 141 8.98 31.59 -25.71
C ASP E 141 10.29 30.95 -25.27
N ARG E 142 10.60 31.06 -23.98
CA ARG E 142 11.82 30.48 -23.40
C ARG E 142 11.92 28.99 -23.72
N GLY E 143 10.79 28.31 -23.67
CA GLY E 143 10.72 26.92 -24.08
C GLY E 143 10.83 25.95 -22.92
N GLY E 144 10.72 24.67 -23.24
CA GLY E 144 10.81 23.64 -22.22
C GLY E 144 10.54 22.26 -22.78
N VAL E 145 10.68 21.26 -21.93
CA VAL E 145 10.34 19.90 -22.30
C VAL E 145 9.31 19.36 -21.31
N VAL E 146 8.20 18.85 -21.84
CA VAL E 146 7.15 18.24 -21.04
C VAL E 146 7.11 16.76 -21.36
N ILE E 147 7.20 15.92 -20.33
CA ILE E 147 7.23 14.46 -20.53
C ILE E 147 6.16 13.81 -19.67
N TYR E 148 5.28 13.02 -20.29
CA TYR E 148 4.31 12.22 -19.53
C TYR E 148 4.74 10.78 -19.36
N MET E 149 4.62 10.28 -18.14
CA MET E 149 4.92 8.88 -17.87
C MET E 149 3.71 8.04 -18.22
N GLY E 150 3.80 7.34 -19.34
CA GLY E 150 2.71 6.50 -19.80
C GLY E 150 2.97 5.08 -19.35
N SER E 151 2.73 4.13 -20.25
CA SER E 151 2.99 2.72 -19.96
C SER E 151 2.96 2.00 -21.29
N VAL E 152 3.33 0.72 -21.31
CA VAL E 152 3.01 -0.13 -22.47
C VAL E 152 1.48 -0.10 -22.61
N HIS E 153 0.81 0.13 -21.49
CA HIS E 153 -0.65 0.19 -21.48
C HIS E 153 -1.19 1.49 -22.08
N SER E 154 -0.30 2.35 -22.57
CA SER E 154 -0.69 3.45 -23.45
C SER E 154 -1.01 2.90 -24.83
N HIS E 155 -0.48 1.71 -25.11
CA HIS E 155 -0.50 1.15 -26.46
C HIS E 155 -1.26 -0.17 -26.56
N GLU E 156 -1.29 -0.90 -25.46
CA GLU E 156 -1.85 -2.24 -25.43
C GLU E 156 -2.66 -2.46 -24.15
N ALA E 157 -3.70 -3.30 -24.22
CA ALA E 157 -4.58 -3.51 -23.07
C ALA E 157 -4.26 -4.75 -22.24
N SER E 158 -4.68 -4.72 -20.98
CA SER E 158 -4.74 -5.90 -20.12
C SER E 158 -6.11 -5.96 -19.46
N PRO E 159 -6.64 -7.18 -19.23
CA PRO E 159 -7.92 -7.29 -18.52
C PRO E 159 -7.79 -6.68 -17.13
N LEU E 160 -8.91 -6.22 -16.56
CA LEU E 160 -8.97 -5.70 -15.20
C LEU E 160 -8.30 -4.32 -15.02
N LYS E 161 -7.80 -3.74 -16.10
CA LYS E 161 -7.15 -2.43 -16.00
C LYS E 161 -7.78 -1.36 -16.90
N SER E 162 -9.09 -1.41 -17.08
CA SER E 162 -9.77 -0.48 -17.98
C SER E 162 -9.41 0.99 -17.68
N ALA E 163 -9.50 1.37 -16.41
CA ALA E 163 -9.21 2.76 -15.99
C ALA E 163 -7.76 3.16 -16.25
N TYR E 164 -6.82 2.26 -15.96
CA TYR E 164 -5.41 2.52 -16.15
C TYR E 164 -5.10 2.66 -17.64
N VAL E 165 -5.60 1.71 -18.40
CA VAL E 165 -5.32 1.64 -19.83
C VAL E 165 -5.93 2.84 -20.53
N THR E 166 -7.13 3.20 -20.12
CA THR E 166 -7.83 4.34 -20.72
C THR E 166 -7.05 5.62 -20.45
N ALA E 167 -6.61 5.76 -19.19
CA ALA E 167 -5.81 6.92 -18.79
C ALA E 167 -4.49 7.00 -19.56
N LYS E 168 -3.73 5.90 -19.55
CA LYS E 168 -2.45 5.85 -20.23
C LYS E 168 -2.60 6.06 -21.74
N HIS E 169 -3.71 5.59 -22.31
CA HIS E 169 -3.98 5.85 -23.72
C HIS E 169 -4.21 7.34 -23.95
N GLY E 170 -4.99 7.95 -23.05
CA GLY E 170 -5.32 9.36 -23.17
C GLY E 170 -4.11 10.28 -23.12
N LEU E 171 -3.11 9.90 -22.33
CA LEU E 171 -1.90 10.72 -22.19
C LEU E 171 -1.19 10.89 -23.54
N LEU E 172 -1.24 9.85 -24.38
CA LEU E 172 -0.70 9.96 -25.74
C LEU E 172 -1.39 11.10 -26.50
N GLY E 173 -2.72 11.17 -26.41
CA GLY E 173 -3.48 12.22 -27.08
C GLY E 173 -3.06 13.61 -26.63
N LEU E 174 -3.02 13.82 -25.32
CA LEU E 174 -2.62 15.10 -24.78
C LEU E 174 -1.22 15.52 -25.22
N ALA E 175 -0.27 14.58 -25.22
CA ALA E 175 1.10 14.91 -25.57
C ALA E 175 1.23 15.29 -27.04
N ARG E 176 0.48 14.61 -27.90
CA ARG E 176 0.57 14.87 -29.33
C ARG E 176 -0.02 16.24 -29.66
N VAL E 177 -1.09 16.60 -28.96
CA VAL E 177 -1.63 17.95 -29.09
C VAL E 177 -0.60 18.98 -28.64
N LEU E 178 0.02 18.74 -27.48
CA LEU E 178 1.00 19.69 -26.95
C LEU E 178 2.19 19.84 -27.88
N ALA E 179 2.58 18.76 -28.54
CA ALA E 179 3.69 18.81 -29.50
C ALA E 179 3.40 19.81 -30.62
N LYS E 180 2.13 19.86 -31.04
CA LYS E 180 1.74 20.75 -32.12
C LYS E 180 1.62 22.20 -31.65
N GLU E 181 0.94 22.38 -30.52
CA GLU E 181 0.74 23.72 -29.95
C GLU E 181 2.03 24.31 -29.41
N GLY E 182 2.83 23.48 -28.75
CA GLY E 182 4.00 23.95 -28.04
C GLY E 182 5.17 24.32 -28.93
N ALA E 183 5.18 23.77 -30.14
CA ALA E 183 6.30 23.94 -31.07
C ALA E 183 6.67 25.41 -31.29
N LYS E 184 5.67 26.25 -31.53
CA LYS E 184 5.93 27.67 -31.81
C LYS E 184 6.50 28.40 -30.58
N HIS E 185 6.37 27.77 -29.41
CA HIS E 185 6.88 28.33 -28.16
C HIS E 185 8.14 27.61 -27.67
N ASN E 186 8.72 26.80 -28.55
CA ASN E 186 9.92 26.00 -28.24
C ASN E 186 9.67 25.02 -27.11
N VAL E 187 8.45 24.52 -27.04
CA VAL E 187 8.07 23.52 -26.06
C VAL E 187 7.94 22.14 -26.72
N ARG E 188 8.69 21.18 -26.21
CA ARG E 188 8.66 19.81 -26.70
C ARG E 188 7.80 18.92 -25.79
N SER E 189 7.22 17.86 -26.34
CA SER E 189 6.50 16.88 -25.55
C SER E 189 6.93 15.46 -25.92
N HIS E 190 6.81 14.55 -24.96
CA HIS E 190 7.15 13.14 -25.16
C HIS E 190 6.36 12.28 -24.17
N VAL E 191 6.16 11.02 -24.53
CA VAL E 191 5.60 10.07 -23.58
C VAL E 191 6.60 8.94 -23.41
N VAL E 192 6.92 8.60 -22.18
CA VAL E 192 7.80 7.45 -21.94
C VAL E 192 6.94 6.31 -21.40
N CYS E 193 7.06 5.14 -22.03
CA CYS E 193 6.15 4.04 -21.76
C CYS E 193 6.86 2.81 -21.20
N PRO E 194 7.08 2.78 -19.88
CA PRO E 194 7.81 1.65 -19.29
C PRO E 194 6.96 0.38 -19.27
N GLY E 195 7.63 -0.75 -19.39
CA GLY E 195 6.99 -2.05 -19.25
C GLY E 195 6.97 -2.46 -17.78
N PHE E 196 7.24 -3.73 -17.51
CA PHE E 196 7.17 -4.27 -16.15
C PHE E 196 8.45 -3.98 -15.38
N VAL E 197 8.35 -3.07 -14.40
CA VAL E 197 9.48 -2.75 -13.53
C VAL E 197 9.38 -3.61 -12.25
N ARG E 198 10.54 -4.04 -11.73
CA ARG E 198 10.57 -4.88 -10.55
C ARG E 198 10.05 -4.14 -9.31
N SER E 216 6.73 -22.08 -8.92
CA SER E 216 8.14 -21.85 -9.18
C SER E 216 8.44 -20.37 -9.43
N GLU E 217 9.60 -19.92 -8.98
CA GLU E 217 9.99 -18.51 -9.08
C GLU E 217 10.26 -18.08 -10.51
N GLU E 218 11.16 -18.78 -11.19
CA GLU E 218 11.49 -18.48 -12.57
C GLU E 218 10.25 -18.59 -13.45
N GLU E 219 9.38 -19.55 -13.13
CA GLU E 219 8.14 -19.74 -13.87
C GLU E 219 7.23 -18.52 -13.77
N VAL E 220 6.97 -18.08 -12.54
CA VAL E 220 6.12 -16.91 -12.30
C VAL E 220 6.74 -15.66 -12.90
N ILE E 221 8.07 -15.61 -12.93
CA ILE E 221 8.78 -14.43 -13.39
C ILE E 221 8.95 -14.39 -14.91
N LYS E 222 9.47 -15.47 -15.47
CA LYS E 222 9.80 -15.52 -16.88
C LYS E 222 8.59 -15.73 -17.78
N LYS E 223 7.54 -16.33 -17.21
CA LYS E 223 6.36 -16.69 -18.00
C LYS E 223 5.12 -15.90 -17.63
N VAL E 224 4.83 -15.82 -16.33
CA VAL E 224 3.60 -15.17 -15.88
C VAL E 224 3.72 -13.66 -15.80
N MET E 225 4.93 -13.16 -15.53
CA MET E 225 5.14 -11.73 -15.36
C MET E 225 5.80 -11.07 -16.58
N LEU E 226 6.75 -11.78 -17.20
CA LEU E 226 7.49 -11.21 -18.33
C LEU E 226 7.32 -12.02 -19.60
N GLY E 227 6.26 -12.82 -19.66
CA GLY E 227 5.97 -13.65 -20.81
C GLY E 227 5.85 -12.89 -22.13
N ASN E 228 5.45 -11.62 -22.05
CA ASN E 228 5.25 -10.80 -23.23
C ASN E 228 6.51 -10.05 -23.70
N THR E 229 7.58 -10.14 -22.91
CA THR E 229 8.87 -9.58 -23.30
C THR E 229 9.61 -10.60 -24.15
N VAL E 230 10.67 -10.18 -24.84
CA VAL E 230 11.42 -11.11 -25.67
C VAL E 230 12.51 -11.85 -24.89
N ASP E 231 12.90 -11.32 -23.73
CA ASP E 231 14.04 -11.87 -23.01
C ASP E 231 13.77 -12.28 -21.55
N GLY E 232 12.56 -12.00 -21.07
CA GLY E 232 12.22 -12.30 -19.69
C GLY E 232 12.99 -11.46 -18.67
N VAL E 233 13.30 -10.22 -19.03
CA VAL E 233 14.07 -9.33 -18.16
C VAL E 233 13.20 -8.15 -17.69
N PHE E 234 13.21 -7.89 -16.39
CA PHE E 234 12.49 -6.75 -15.85
C PHE E 234 13.10 -5.44 -16.35
N THR E 235 12.24 -4.51 -16.75
CA THR E 235 12.66 -3.13 -16.99
C THR E 235 13.10 -2.55 -15.64
N THR E 236 14.13 -1.72 -15.65
CA THR E 236 14.61 -1.12 -14.41
C THR E 236 14.23 0.35 -14.36
N VAL E 237 14.22 0.90 -13.16
CA VAL E 237 13.98 2.33 -13.00
C VAL E 237 15.09 3.11 -13.70
N GLN E 238 16.29 2.53 -13.74
CA GLN E 238 17.41 3.13 -14.45
C GLN E 238 17.13 3.23 -15.95
N ASP E 239 16.55 2.16 -16.52
CA ASP E 239 16.17 2.15 -17.94
C ASP E 239 15.27 3.33 -18.28
N VAL E 240 14.30 3.56 -17.41
CA VAL E 240 13.33 4.63 -17.56
C VAL E 240 13.99 6.00 -17.38
N ALA E 241 14.79 6.12 -16.33
CA ALA E 241 15.43 7.40 -15.99
C ALA E 241 16.39 7.88 -17.08
N GLN E 242 17.15 6.96 -17.66
CA GLN E 242 18.08 7.30 -18.74
C GLN E 242 17.34 7.75 -20.00
N THR E 243 16.21 7.12 -20.28
CA THR E 243 15.40 7.52 -21.44
C THR E 243 14.86 8.93 -21.22
N VAL E 244 14.44 9.23 -20.00
CA VAL E 244 13.90 10.55 -19.67
C VAL E 244 15.00 11.61 -19.77
N LEU E 245 16.17 11.30 -19.23
CA LEU E 245 17.34 12.18 -19.33
C LEU E 245 17.74 12.44 -20.78
N PHE E 246 17.74 11.38 -21.60
CA PHE E 246 18.04 11.53 -23.02
C PHE E 246 17.09 12.54 -23.68
N LEU E 247 15.79 12.33 -23.48
CA LEU E 247 14.75 13.24 -24.00
C LEU E 247 14.88 14.66 -23.47
N SER E 248 15.13 14.79 -22.17
CA SER E 248 15.20 16.10 -21.52
C SER E 248 16.36 16.92 -22.08
N ALA E 249 17.49 16.27 -22.32
CA ALA E 249 18.71 16.97 -22.69
C ALA E 249 18.90 17.05 -24.21
N PHE E 250 17.91 16.59 -24.98
CA PHE E 250 18.04 16.53 -26.42
C PHE E 250 18.12 17.95 -27.00
N PRO E 251 19.09 18.19 -27.90
CA PRO E 251 19.46 19.52 -28.40
C PRO E 251 18.56 20.10 -29.50
N SER E 252 17.42 19.47 -29.79
CA SER E 252 16.46 20.00 -30.75
C SER E 252 15.08 19.39 -30.51
N ALA E 253 14.08 19.84 -31.26
CA ALA E 253 12.72 19.32 -31.10
C ALA E 253 12.43 18.12 -32.01
N ALA E 254 13.48 17.42 -32.44
CA ALA E 254 13.31 16.30 -33.37
C ALA E 254 12.37 15.20 -32.87
N LEU E 255 12.38 14.94 -31.57
CA LEU E 255 11.66 13.79 -31.01
C LEU E 255 10.30 14.17 -30.44
N THR E 256 9.85 15.39 -30.71
CA THR E 256 8.63 15.86 -30.07
C THR E 256 7.42 15.11 -30.62
N GLY E 257 6.45 14.85 -29.76
CA GLY E 257 5.25 14.14 -30.13
C GLY E 257 5.36 12.63 -30.01
N GLN E 258 6.58 12.14 -29.80
CA GLN E 258 6.84 10.70 -29.83
C GLN E 258 6.69 10.03 -28.47
N SER E 259 6.33 8.75 -28.49
CA SER E 259 6.36 7.97 -27.27
C SER E 259 7.51 6.96 -27.31
N PHE E 260 8.02 6.60 -26.15
CA PHE E 260 9.20 5.74 -26.08
C PHE E 260 8.94 4.55 -25.21
N ILE E 261 8.93 3.38 -25.84
CA ILE E 261 8.53 2.15 -25.18
C ILE E 261 9.74 1.44 -24.58
N VAL E 262 9.76 1.37 -23.26
CA VAL E 262 10.90 0.82 -22.52
C VAL E 262 10.43 -0.43 -21.80
N SER E 263 10.39 -1.53 -22.53
CA SER E 263 9.64 -2.70 -22.11
C SER E 263 10.24 -4.08 -22.43
N HIS E 264 11.44 -4.09 -23.01
CA HIS E 264 12.09 -5.33 -23.43
C HIS E 264 11.25 -6.13 -24.43
N GLY E 265 10.66 -5.45 -25.41
CA GLY E 265 9.96 -6.15 -26.47
C GLY E 265 8.49 -6.39 -26.26
N TRP E 266 7.96 -5.98 -25.11
CA TRP E 266 6.53 -5.99 -24.88
C TRP E 266 5.86 -4.83 -25.63
N PHE E 267 5.20 -5.18 -26.73
CA PHE E 267 4.66 -4.24 -27.74
C PHE E 267 5.76 -3.43 -28.46
N MET E 268 5.92 -3.70 -29.75
CA MET E 268 6.93 -3.00 -30.55
C MET E 268 6.31 -2.11 -31.64
N GLN E 269 6.78 -0.88 -31.72
CA GLN E 269 6.45 -0.05 -32.87
C GLN E 269 7.66 0.80 -33.24
N SER F 10 27.17 8.26 -22.57
CA SER F 10 27.19 7.24 -23.61
C SER F 10 28.61 6.97 -24.10
N ASN F 11 29.24 5.95 -23.52
CA ASN F 11 30.62 5.59 -23.87
C ASN F 11 30.76 4.21 -24.51
N LEU F 12 31.45 4.16 -25.65
CA LEU F 12 31.60 2.92 -26.40
C LEU F 12 33.05 2.44 -26.46
N ASN F 13 33.85 2.77 -25.46
CA ASN F 13 35.23 2.31 -25.44
C ASN F 13 35.32 0.79 -25.41
N GLY F 14 36.06 0.23 -26.37
CA GLY F 14 36.23 -1.21 -26.46
C GLY F 14 35.24 -1.91 -27.37
N LYS F 15 34.32 -1.13 -27.95
CA LYS F 15 33.30 -1.70 -28.83
C LYS F 15 33.69 -1.55 -30.29
N THR F 16 33.11 -2.39 -31.13
CA THR F 16 33.36 -2.34 -32.55
C THR F 16 32.05 -2.09 -33.31
N ALA F 17 32.14 -1.37 -34.42
CA ALA F 17 30.94 -1.01 -35.17
C ALA F 17 31.17 -1.04 -36.67
N VAL F 18 30.17 -1.55 -37.40
CA VAL F 18 30.13 -1.45 -38.86
C VAL F 18 28.95 -0.59 -39.30
N VAL F 19 29.22 0.42 -40.13
CA VAL F 19 28.17 1.26 -40.69
C VAL F 19 28.21 1.19 -42.22
N THR F 20 27.09 0.83 -42.84
CA THR F 20 27.05 0.73 -44.30
C THR F 20 26.64 2.07 -44.91
N GLY F 21 26.99 2.28 -46.18
CA GLY F 21 26.69 3.52 -46.86
C GLY F 21 27.24 4.72 -46.13
N ALA F 22 28.43 4.55 -45.55
CA ALA F 22 28.98 5.53 -44.62
C ALA F 22 30.16 6.35 -45.17
N ALA F 23 30.31 6.40 -46.49
CA ALA F 23 31.30 7.30 -47.08
C ALA F 23 30.77 8.73 -47.11
N SER F 24 29.46 8.86 -46.96
CA SER F 24 28.81 10.17 -46.99
C SER F 24 27.41 10.10 -46.38
N GLY F 25 26.76 11.25 -46.27
CA GLY F 25 25.41 11.32 -45.76
C GLY F 25 25.32 11.03 -44.27
N ILE F 26 24.12 10.65 -43.82
CA ILE F 26 23.88 10.31 -42.42
C ILE F 26 24.81 9.20 -41.96
N GLY F 27 25.17 8.31 -42.87
CA GLY F 27 26.02 7.18 -42.53
C GLY F 27 27.38 7.62 -42.01
N LYS F 28 27.98 8.59 -42.71
CA LYS F 28 29.31 9.08 -42.37
C LYS F 28 29.30 9.78 -41.01
N GLU F 29 28.23 10.50 -40.73
CA GLU F 29 28.09 11.23 -39.47
C GLU F 29 27.88 10.25 -38.31
N ILE F 30 27.15 9.17 -38.57
CA ILE F 30 26.94 8.11 -37.60
C ILE F 30 28.29 7.46 -37.29
N ALA F 31 29.02 7.17 -38.35
CA ALA F 31 30.34 6.58 -38.25
C ALA F 31 31.29 7.46 -37.41
N LEU F 32 31.30 8.75 -37.70
CA LEU F 32 32.15 9.69 -36.97
C LEU F 32 31.77 9.78 -35.49
N GLU F 33 30.47 9.86 -35.22
CA GLU F 33 30.00 10.04 -33.86
C GLU F 33 30.25 8.79 -33.01
N LEU F 34 30.19 7.61 -33.65
CA LEU F 34 30.49 6.37 -32.95
C LEU F 34 31.97 6.32 -32.60
N ALA F 35 32.81 6.83 -33.49
CA ALA F 35 34.25 6.85 -33.26
C ALA F 35 34.60 7.78 -32.11
N LYS F 36 33.96 8.94 -32.08
CA LYS F 36 34.19 9.94 -31.04
C LYS F 36 33.78 9.42 -29.67
N ALA F 37 32.80 8.52 -29.66
CA ALA F 37 32.36 7.87 -28.43
C ALA F 37 33.29 6.72 -28.05
N GLY F 38 34.34 6.50 -28.85
CA GLY F 38 35.39 5.56 -28.50
C GLY F 38 35.36 4.20 -29.19
N ALA F 39 34.38 3.99 -30.06
CA ALA F 39 34.26 2.72 -30.75
C ALA F 39 35.25 2.60 -31.91
N ALA F 40 35.72 1.38 -32.16
CA ALA F 40 36.42 1.08 -33.41
C ALA F 40 35.37 0.91 -34.50
N VAL F 41 35.58 1.57 -35.64
CA VAL F 41 34.51 1.68 -36.63
C VAL F 41 34.92 1.28 -38.04
N ALA F 42 34.23 0.30 -38.62
CA ALA F 42 34.45 -0.04 -40.02
C ALA F 42 33.48 0.74 -40.90
N ILE F 43 34.03 1.43 -41.88
CA ILE F 43 33.22 2.18 -42.85
C ILE F 43 32.93 1.30 -44.07
N ALA F 44 31.69 0.83 -44.18
CA ALA F 44 31.31 0.02 -45.34
C ALA F 44 30.58 0.88 -46.36
N ASP F 45 31.08 0.85 -47.59
CA ASP F 45 30.42 1.52 -48.70
C ASP F 45 30.90 0.91 -50.00
N LEU F 46 30.07 0.99 -51.03
CA LEU F 46 30.38 0.40 -52.33
C LEU F 46 31.68 0.96 -52.88
N ASN F 47 31.95 2.23 -52.59
CA ASN F 47 33.16 2.90 -53.03
C ASN F 47 34.28 2.75 -51.99
N GLN F 48 35.24 1.88 -52.26
CA GLN F 48 36.33 1.59 -51.33
C GLN F 48 37.14 2.85 -51.03
N ASP F 49 37.29 3.71 -52.04
CA ASP F 49 38.00 4.96 -51.87
C ASP F 49 37.24 5.86 -50.90
N GLY F 50 35.92 5.94 -51.09
CA GLY F 50 35.08 6.72 -50.21
C GLY F 50 35.14 6.24 -48.76
N ALA F 51 35.14 4.93 -48.59
CA ALA F 51 35.16 4.34 -47.25
C ALA F 51 36.50 4.59 -46.59
N ASN F 52 37.58 4.38 -47.33
CA ASN F 52 38.94 4.61 -46.84
C ASN F 52 39.12 6.04 -46.35
N ALA F 53 38.49 6.99 -47.04
CA ALA F 53 38.62 8.40 -46.70
C ALA F 53 38.17 8.67 -45.28
N VAL F 54 36.94 8.25 -44.95
CA VAL F 54 36.39 8.47 -43.62
C VAL F 54 37.21 7.75 -42.56
N ALA F 55 37.70 6.55 -42.91
CA ALA F 55 38.47 5.73 -41.98
C ALA F 55 39.85 6.32 -41.74
N ASP F 56 40.46 6.85 -42.79
CA ASP F 56 41.74 7.53 -42.63
C ASP F 56 41.57 8.77 -41.75
N GLU F 57 40.42 9.43 -41.88
CA GLU F 57 40.16 10.63 -41.08
C GLU F 57 39.92 10.28 -39.62
N ILE F 58 39.11 9.25 -39.38
CA ILE F 58 38.89 8.75 -38.02
C ILE F 58 40.23 8.36 -37.40
N ASN F 59 41.02 7.61 -38.16
CA ASN F 59 42.35 7.20 -37.72
C ASN F 59 43.25 8.41 -37.43
N LYS F 60 43.14 9.44 -38.27
CA LYS F 60 43.92 10.66 -38.10
C LYS F 60 43.22 11.63 -37.15
N ALA F 61 42.39 11.07 -36.27
CA ALA F 61 41.72 11.85 -35.25
C ALA F 61 41.97 11.21 -33.89
N GLY F 62 42.71 10.10 -33.91
CA GLY F 62 43.07 9.40 -32.69
C GLY F 62 42.26 8.14 -32.47
N GLY F 63 41.43 7.80 -33.46
CA GLY F 63 40.55 6.66 -33.35
C GLY F 63 41.02 5.44 -34.13
N LYS F 64 40.25 4.35 -34.00
CA LYS F 64 40.50 3.13 -34.75
C LYS F 64 39.41 2.93 -35.80
N ALA F 65 39.81 2.74 -37.05
CA ALA F 65 38.85 2.55 -38.14
C ALA F 65 39.47 1.86 -39.33
N ILE F 66 38.59 1.29 -40.16
CA ILE F 66 38.98 0.69 -41.43
C ILE F 66 37.92 0.99 -42.46
N GLY F 67 38.34 1.13 -43.71
CA GLY F 67 37.42 1.28 -44.81
C GLY F 67 37.19 -0.08 -45.44
N VAL F 68 35.94 -0.41 -45.72
CA VAL F 68 35.60 -1.71 -46.27
C VAL F 68 34.70 -1.56 -47.49
N ALA F 69 35.14 -2.10 -48.62
CA ALA F 69 34.29 -2.14 -49.81
C ALA F 69 33.22 -3.20 -49.61
N MET F 70 32.02 -2.91 -50.07
CA MET F 70 30.89 -3.81 -49.87
C MET F 70 29.71 -3.45 -50.75
N ASP F 71 29.31 -4.39 -51.60
CA ASP F 71 28.03 -4.32 -52.29
C ASP F 71 26.99 -5.03 -51.45
N VAL F 72 26.14 -4.25 -50.77
CA VAL F 72 25.25 -4.82 -49.76
C VAL F 72 24.21 -5.77 -50.37
N THR F 73 24.11 -5.72 -51.70
CA THR F 73 23.20 -6.58 -52.45
C THR F 73 23.77 -7.96 -52.74
N ASN F 74 25.05 -8.17 -52.42
CA ASN F 74 25.74 -9.41 -52.77
C ASN F 74 26.21 -10.19 -51.54
N GLU F 75 25.72 -11.42 -51.43
CA GLU F 75 25.94 -12.25 -50.25
C GLU F 75 27.43 -12.49 -49.95
N GLU F 76 28.21 -12.79 -50.97
CA GLU F 76 29.65 -13.03 -50.78
C GLU F 76 30.38 -11.75 -50.38
N ALA F 77 30.03 -10.63 -51.00
CA ALA F 77 30.66 -9.35 -50.71
C ALA F 77 30.42 -8.92 -49.26
N VAL F 78 29.19 -9.02 -48.81
CA VAL F 78 28.84 -8.60 -47.44
C VAL F 78 29.61 -9.41 -46.42
N ASN F 79 29.55 -10.72 -46.55
CA ASN F 79 30.22 -11.63 -45.60
C ASN F 79 31.71 -11.38 -45.53
N THR F 80 32.34 -11.22 -46.70
CA THR F 80 33.79 -10.98 -46.75
C THR F 80 34.14 -9.71 -46.00
N GLY F 81 33.37 -8.66 -46.23
CA GLY F 81 33.58 -7.38 -45.58
C GLY F 81 33.29 -7.41 -44.09
N ILE F 82 32.16 -7.99 -43.71
CA ILE F 82 31.83 -8.12 -42.30
C ILE F 82 32.91 -8.96 -41.61
N ASP F 83 33.27 -10.09 -42.21
CA ASP F 83 34.31 -10.94 -41.64
C ASP F 83 35.64 -10.20 -41.50
N LYS F 84 35.93 -9.32 -42.45
CA LYS F 84 37.16 -8.54 -42.41
C LYS F 84 37.15 -7.63 -41.18
N VAL F 85 35.98 -7.14 -40.79
CA VAL F 85 35.86 -6.31 -39.59
C VAL F 85 36.15 -7.13 -38.33
N ALA F 86 35.56 -8.32 -38.25
CA ALA F 86 35.75 -9.19 -37.09
C ALA F 86 37.19 -9.65 -36.96
N GLU F 87 37.82 -9.98 -38.09
CA GLU F 87 39.22 -10.38 -38.09
C GLU F 87 40.11 -9.18 -37.74
N ALA F 88 39.67 -7.98 -38.13
CA ALA F 88 40.43 -6.76 -37.86
C ALA F 88 40.27 -6.25 -36.42
N PHE F 89 39.03 -6.23 -35.94
CA PHE F 89 38.72 -5.64 -34.65
C PHE F 89 38.50 -6.64 -33.51
N GLY F 90 38.27 -7.91 -33.83
CA GLY F 90 38.02 -8.91 -32.82
C GLY F 90 36.55 -9.21 -32.61
N SER F 91 35.68 -8.25 -32.95
CA SER F 91 34.25 -8.46 -32.83
C SER F 91 33.49 -7.59 -33.81
N VAL F 92 32.18 -7.77 -33.85
CA VAL F 92 31.27 -6.84 -34.53
C VAL F 92 30.12 -6.56 -33.58
N ASP F 93 30.31 -5.58 -32.70
CA ASP F 93 29.34 -5.31 -31.63
C ASP F 93 28.12 -4.51 -32.10
N ILE F 94 28.34 -3.64 -33.08
CA ILE F 94 27.30 -2.73 -33.55
C ILE F 94 27.22 -2.77 -35.06
N LEU F 95 26.02 -3.01 -35.58
CA LEU F 95 25.75 -2.90 -37.01
C LEU F 95 24.72 -1.81 -37.27
N VAL F 96 25.09 -0.84 -38.10
CA VAL F 96 24.14 0.16 -38.59
C VAL F 96 23.92 -0.06 -40.07
N SER F 97 22.75 -0.60 -40.43
CA SER F 97 22.44 -0.83 -41.84
C SER F 97 21.82 0.43 -42.45
N ASN F 98 22.55 1.05 -43.36
CA ASN F 98 22.15 2.37 -43.86
C ASN F 98 22.21 2.50 -45.39
N ALA F 99 21.08 2.86 -46.00
CA ALA F 99 21.04 3.07 -47.45
C ALA F 99 20.04 4.17 -47.79
N GLY F 100 20.40 5.04 -48.72
CA GLY F 100 19.54 6.17 -49.03
C GLY F 100 19.09 6.33 -50.47
N ILE F 101 19.32 5.33 -51.32
CA ILE F 101 18.95 5.43 -52.73
C ILE F 101 17.45 5.72 -52.86
N GLN F 102 17.12 6.61 -53.79
CA GLN F 102 15.75 7.00 -54.03
C GLN F 102 15.49 7.10 -55.53
N ILE F 103 14.49 6.35 -56.00
CA ILE F 103 14.02 6.44 -57.38
C ILE F 103 12.52 6.70 -57.34
N VAL F 104 12.08 7.87 -57.80
CA VAL F 104 10.65 8.21 -57.73
C VAL F 104 9.98 8.05 -59.09
N ASN F 105 8.69 7.71 -59.04
CA ASN F 105 7.83 7.48 -60.21
C ASN F 105 6.46 7.02 -59.72
N PRO F 106 5.40 7.34 -60.46
CA PRO F 106 4.10 6.77 -60.11
C PRO F 106 4.12 5.27 -60.33
N ILE F 107 3.34 4.51 -59.55
CA ILE F 107 3.34 3.06 -59.62
C ILE F 107 3.22 2.52 -61.05
N GLU F 108 2.29 3.08 -61.83
CA GLU F 108 2.03 2.63 -63.19
C GLU F 108 3.19 2.94 -64.14
N ASN F 109 4.10 3.80 -63.71
CA ASN F 109 5.29 4.11 -64.50
C ASN F 109 6.58 3.70 -63.81
N TYR F 110 6.45 2.87 -62.78
CA TYR F 110 7.61 2.38 -62.03
C TYR F 110 8.14 1.09 -62.65
N SER F 111 9.38 1.13 -63.14
CA SER F 111 9.95 -0.04 -63.80
C SER F 111 10.26 -1.15 -62.80
N PHE F 112 10.11 -2.39 -63.27
CA PHE F 112 10.37 -3.57 -62.45
C PHE F 112 11.86 -3.67 -62.13
N ALA F 113 12.67 -3.02 -62.96
CA ALA F 113 14.12 -2.98 -62.77
C ALA F 113 14.48 -2.04 -61.61
N ASP F 114 13.90 -0.85 -61.61
CA ASP F 114 14.10 0.11 -60.53
C ASP F 114 13.60 -0.49 -59.23
N TRP F 115 12.41 -1.08 -59.28
CA TRP F 115 11.79 -1.70 -58.12
C TRP F 115 12.69 -2.72 -57.46
N LYS F 116 13.26 -3.59 -58.28
CA LYS F 116 14.08 -4.69 -57.80
C LYS F 116 15.42 -4.20 -57.27
N LYS F 117 15.93 -3.10 -57.82
CA LYS F 117 17.17 -2.50 -57.31
C LYS F 117 16.94 -1.84 -55.95
N MET F 118 15.80 -1.19 -55.80
CA MET F 118 15.43 -0.53 -54.54
C MET F 118 15.27 -1.53 -53.40
N GLN F 119 14.61 -2.64 -53.68
CA GLN F 119 14.40 -3.66 -52.66
C GLN F 119 15.71 -4.36 -52.32
N ALA F 120 16.57 -4.52 -53.31
CA ALA F 120 17.86 -5.17 -53.11
C ALA F 120 18.77 -4.34 -52.19
N ILE F 121 18.82 -3.04 -52.42
CA ILE F 121 19.73 -2.19 -51.65
C ILE F 121 19.19 -1.94 -50.24
N HIS F 122 17.94 -1.52 -50.14
CA HIS F 122 17.36 -1.20 -48.83
C HIS F 122 17.05 -2.42 -47.96
N VAL F 123 16.41 -3.43 -48.54
CA VAL F 123 15.96 -4.59 -47.77
C VAL F 123 16.96 -5.76 -47.78
N ASP F 124 17.39 -6.17 -48.97
CA ASP F 124 18.33 -7.28 -49.06
C ASP F 124 19.64 -6.91 -48.38
N GLY F 125 20.02 -5.64 -48.52
CA GLY F 125 21.23 -5.15 -47.88
C GLY F 125 21.12 -5.29 -46.37
N ALA F 126 19.96 -4.93 -45.83
CA ALA F 126 19.74 -5.04 -44.40
C ALA F 126 19.75 -6.50 -43.95
N PHE F 127 19.15 -7.36 -44.76
CA PHE F 127 19.06 -8.78 -44.45
C PHE F 127 20.43 -9.47 -44.47
N LEU F 128 21.18 -9.25 -45.55
CA LEU F 128 22.49 -9.86 -45.68
C LEU F 128 23.46 -9.39 -44.60
N THR F 129 23.52 -8.08 -44.38
CA THR F 129 24.44 -7.52 -43.39
C THR F 129 24.10 -7.95 -41.98
N THR F 130 22.81 -8.06 -41.69
CA THR F 130 22.38 -8.55 -40.38
C THR F 130 22.84 -9.99 -40.19
N LYS F 131 22.51 -10.83 -41.17
CA LYS F 131 22.84 -12.23 -41.13
C LYS F 131 24.33 -12.48 -40.94
N ALA F 132 25.14 -11.65 -41.61
CA ALA F 132 26.59 -11.74 -41.47
C ALA F 132 27.02 -11.25 -40.09
N ALA F 133 26.34 -10.25 -39.57
CA ALA F 133 26.64 -9.75 -38.23
C ALA F 133 26.29 -10.79 -37.17
N LEU F 134 25.15 -11.47 -37.37
CA LEU F 134 24.70 -12.46 -36.39
C LEU F 134 25.72 -13.58 -36.19
N LYS F 135 26.41 -13.97 -37.26
CA LYS F 135 27.42 -15.02 -37.17
C LYS F 135 28.48 -14.68 -36.13
N HIS F 136 28.78 -13.40 -36.00
CA HIS F 136 29.79 -12.94 -35.04
C HIS F 136 29.16 -12.59 -33.70
N MET F 137 28.00 -11.95 -33.72
CA MET F 137 27.35 -11.54 -32.47
C MET F 137 26.85 -12.73 -31.66
N TYR F 138 26.42 -13.78 -32.34
CA TYR F 138 25.88 -14.97 -31.68
C TYR F 138 27.00 -15.81 -31.02
N LYS F 139 28.24 -15.59 -31.44
CA LYS F 139 29.39 -16.33 -30.91
C LYS F 139 29.51 -16.18 -29.39
N ASP F 140 29.36 -17.29 -28.68
CA ASP F 140 29.38 -17.33 -27.22
C ASP F 140 28.43 -16.29 -26.60
N ASP F 141 27.31 -16.04 -27.28
CA ASP F 141 26.29 -15.08 -26.85
C ASP F 141 26.89 -13.75 -26.43
N ARG F 142 27.92 -13.32 -27.15
CA ARG F 142 28.57 -12.04 -26.90
C ARG F 142 27.57 -10.90 -27.06
N GLY F 143 26.63 -11.08 -27.99
CA GLY F 143 25.54 -10.15 -28.17
C GLY F 143 25.92 -8.98 -29.04
N GLY F 144 25.03 -7.99 -29.12
CA GLY F 144 25.30 -6.77 -29.85
C GLY F 144 24.05 -5.98 -30.16
N VAL F 145 24.21 -4.93 -30.97
CA VAL F 145 23.09 -4.08 -31.40
C VAL F 145 23.06 -3.98 -32.91
N VAL F 146 21.87 -4.15 -33.47
CA VAL F 146 21.64 -3.93 -34.89
C VAL F 146 20.65 -2.80 -35.09
N ILE F 147 21.11 -1.74 -35.74
CA ILE F 147 20.31 -0.55 -35.96
C ILE F 147 20.06 -0.33 -37.45
N TYR F 148 18.78 -0.31 -37.85
CA TYR F 148 18.43 -0.08 -39.24
C TYR F 148 17.98 1.35 -39.44
N MET F 149 18.58 2.05 -40.40
CA MET F 149 18.13 3.39 -40.71
C MET F 149 16.89 3.30 -41.59
N GLY F 150 15.73 3.57 -41.00
CA GLY F 150 14.49 3.56 -41.75
C GLY F 150 14.17 4.96 -42.25
N SER F 151 12.97 5.43 -41.92
CA SER F 151 12.46 6.70 -42.39
C SER F 151 11.08 6.95 -41.78
N VAL F 152 10.56 8.17 -41.89
CA VAL F 152 9.17 8.40 -41.53
C VAL F 152 8.32 7.58 -42.50
N HIS F 153 8.87 7.32 -43.68
CA HIS F 153 8.19 6.48 -44.66
C HIS F 153 8.30 4.98 -44.36
N SER F 154 8.83 4.65 -43.18
CA SER F 154 8.63 3.31 -42.61
C SER F 154 7.20 3.19 -42.08
N HIS F 155 6.59 4.34 -41.79
CA HIS F 155 5.33 4.40 -41.07
C HIS F 155 4.19 5.05 -41.86
N GLU F 156 4.55 5.92 -42.81
CA GLU F 156 3.56 6.71 -43.54
C GLU F 156 3.99 6.82 -44.99
N ALA F 157 3.04 7.00 -45.91
CA ALA F 157 3.39 7.01 -47.33
C ALA F 157 3.40 8.40 -47.94
N SER F 158 4.03 8.49 -49.12
CA SER F 158 3.93 9.66 -49.98
C SER F 158 3.82 9.18 -51.42
N PRO F 159 3.07 9.91 -52.27
CA PRO F 159 2.97 9.49 -53.67
C PRO F 159 4.33 9.43 -54.37
N LEU F 160 4.44 8.55 -55.38
CA LEU F 160 5.63 8.41 -56.26
C LEU F 160 6.84 7.77 -55.58
N LYS F 161 6.65 7.25 -54.37
CA LYS F 161 7.74 6.59 -53.65
C LYS F 161 7.38 5.17 -53.27
N SER F 162 6.60 4.50 -54.12
CA SER F 162 6.14 3.14 -53.83
C SER F 162 7.27 2.19 -53.41
N ALA F 163 8.37 2.17 -54.16
CA ALA F 163 9.47 1.26 -53.84
C ALA F 163 10.13 1.58 -52.51
N TYR F 164 10.38 2.87 -52.30
CA TYR F 164 11.05 3.36 -51.10
C TYR F 164 10.23 3.10 -49.83
N VAL F 165 8.97 3.52 -49.85
CA VAL F 165 8.05 3.31 -48.76
C VAL F 165 7.90 1.83 -48.41
N THR F 166 7.80 1.00 -49.45
CA THR F 166 7.64 -0.43 -49.26
C THR F 166 8.89 -1.01 -48.58
N ALA F 167 10.06 -0.63 -49.07
CA ALA F 167 11.32 -1.06 -48.46
C ALA F 167 11.43 -0.66 -46.99
N LYS F 168 11.14 0.60 -46.68
CA LYS F 168 11.23 1.13 -45.31
C LYS F 168 10.21 0.51 -44.36
N HIS F 169 9.01 0.22 -44.87
CA HIS F 169 7.99 -0.49 -44.09
C HIS F 169 8.42 -1.91 -43.75
N GLY F 170 9.10 -2.56 -44.69
CA GLY F 170 9.56 -3.92 -44.47
C GLY F 170 10.69 -3.96 -43.46
N LEU F 171 11.49 -2.90 -43.43
CA LEU F 171 12.61 -2.78 -42.50
C LEU F 171 12.14 -2.92 -41.06
N LEU F 172 10.95 -2.43 -40.77
CA LEU F 172 10.39 -2.60 -39.43
C LEU F 172 10.13 -4.07 -39.14
N GLY F 173 9.58 -4.77 -40.13
CA GLY F 173 9.28 -6.19 -40.00
C GLY F 173 10.52 -6.98 -39.61
N LEU F 174 11.59 -6.79 -40.40
CA LEU F 174 12.87 -7.44 -40.16
C LEU F 174 13.40 -7.14 -38.76
N ALA F 175 13.31 -5.88 -38.35
CA ALA F 175 13.89 -5.48 -37.08
C ALA F 175 13.13 -6.10 -35.91
N ARG F 176 11.81 -6.19 -36.04
CA ARG F 176 10.99 -6.77 -34.99
C ARG F 176 11.21 -8.29 -34.88
N VAL F 177 11.42 -8.96 -36.00
CA VAL F 177 11.74 -10.38 -35.96
C VAL F 177 13.08 -10.63 -35.28
N LEU F 178 14.07 -9.81 -35.65
CA LEU F 178 15.39 -9.89 -35.03
C LEU F 178 15.31 -9.69 -33.52
N ALA F 179 14.47 -8.76 -33.09
CA ALA F 179 14.31 -8.50 -31.65
C ALA F 179 13.87 -9.75 -30.89
N LYS F 180 13.09 -10.61 -31.54
CA LYS F 180 12.63 -11.81 -30.88
C LYS F 180 13.66 -12.94 -30.96
N GLU F 181 14.27 -13.11 -32.12
CA GLU F 181 15.29 -14.15 -32.30
C GLU F 181 16.57 -13.84 -31.55
N GLY F 182 16.95 -12.56 -31.56
CA GLY F 182 18.24 -12.14 -31.05
C GLY F 182 18.36 -12.10 -29.54
N ALA F 183 17.22 -12.03 -28.85
CA ALA F 183 17.18 -11.88 -27.39
C ALA F 183 17.99 -12.94 -26.67
N LYS F 184 17.81 -14.21 -27.03
CA LYS F 184 18.49 -15.30 -26.32
C LYS F 184 20.02 -15.30 -26.57
N HIS F 185 20.46 -14.53 -27.56
CA HIS F 185 21.88 -14.39 -27.84
C HIS F 185 22.41 -13.01 -27.48
N ASN F 186 21.59 -12.24 -26.75
CA ASN F 186 21.91 -10.89 -26.28
C ASN F 186 22.06 -9.85 -27.39
N VAL F 187 21.33 -10.04 -28.48
CA VAL F 187 21.33 -9.07 -29.58
C VAL F 187 20.05 -8.23 -29.58
N ARG F 188 20.22 -6.90 -29.60
CA ARG F 188 19.09 -5.99 -29.67
CA ARG F 188 19.09 -5.98 -29.67
C ARG F 188 18.91 -5.45 -31.09
N SER F 189 17.69 -5.04 -31.41
CA SER F 189 17.41 -4.41 -32.71
C SER F 189 16.66 -3.11 -32.51
N HIS F 190 16.88 -2.15 -33.41
CA HIS F 190 16.14 -0.89 -33.41
C HIS F 190 16.09 -0.30 -34.84
N VAL F 191 15.15 0.62 -35.04
CA VAL F 191 15.06 1.35 -36.28
C VAL F 191 15.02 2.84 -35.98
N VAL F 192 15.90 3.58 -36.63
CA VAL F 192 15.87 5.03 -36.50
C VAL F 192 15.28 5.60 -37.77
N CYS F 193 14.26 6.44 -37.63
CA CYS F 193 13.44 6.88 -38.74
C CYS F 193 13.48 8.40 -38.87
N PRO F 194 14.49 8.92 -39.57
CA PRO F 194 14.66 10.36 -39.75
C PRO F 194 13.56 10.94 -40.62
N GLY F 195 13.21 12.20 -40.41
CA GLY F 195 12.39 12.93 -41.37
C GLY F 195 13.30 13.43 -42.48
N PHE F 196 12.98 14.57 -43.07
CA PHE F 196 13.84 15.14 -44.11
C PHE F 196 15.13 15.70 -43.50
N VAL F 197 16.25 15.22 -44.01
CA VAL F 197 17.56 15.80 -43.71
C VAL F 197 17.98 16.69 -44.86
N ARG F 198 18.49 17.88 -44.54
CA ARG F 198 18.91 18.81 -45.58
C ARG F 198 20.27 18.41 -46.17
N THR F 199 20.25 17.34 -46.96
CA THR F 199 21.44 16.87 -47.67
C THR F 199 21.70 17.80 -48.84
N PRO F 200 22.96 17.89 -49.30
CA PRO F 200 23.28 18.70 -50.47
C PRO F 200 22.42 18.36 -51.69
N LEU F 201 22.00 17.10 -51.79
CA LEU F 201 21.07 16.69 -52.84
C LEU F 201 19.75 17.45 -52.71
N VAL F 202 19.20 17.49 -51.50
CA VAL F 202 17.98 18.24 -51.23
C VAL F 202 18.16 19.72 -51.61
N ASP F 203 19.35 20.25 -51.32
CA ASP F 203 19.64 21.65 -51.63
C ASP F 203 19.61 21.90 -53.12
N LYS F 204 19.95 20.89 -53.91
CA LYS F 204 19.87 20.98 -55.36
C LYS F 204 18.43 20.76 -55.83
N GLN F 205 17.68 19.95 -55.09
CA GLN F 205 16.31 19.60 -55.46
C GLN F 205 15.32 20.73 -55.16
N ILE F 206 15.59 21.50 -54.11
CA ILE F 206 14.69 22.60 -53.73
C ILE F 206 14.46 23.62 -54.87
N PRO F 207 15.53 24.14 -55.50
CA PRO F 207 15.25 25.04 -56.61
C PRO F 207 14.58 24.32 -57.78
N GLU F 208 14.97 23.07 -57.98
CA GLU F 208 14.38 22.23 -59.02
C GLU F 208 13.04 21.66 -58.56
N ILE F 215 5.91 27.32 -57.69
CA ILE F 215 5.86 27.86 -56.34
C ILE F 215 7.26 28.26 -55.88
N SER F 216 7.35 29.07 -54.83
CA SER F 216 8.65 29.57 -54.37
C SER F 216 9.47 28.48 -53.67
N GLU F 217 10.74 28.77 -53.43
CA GLU F 217 11.62 27.84 -52.70
C GLU F 217 11.14 27.66 -51.27
N GLU F 218 10.72 28.77 -50.65
CA GLU F 218 10.25 28.72 -49.27
C GLU F 218 9.01 27.83 -49.14
N GLU F 219 8.18 27.84 -50.18
CA GLU F 219 6.98 27.01 -50.19
C GLU F 219 7.37 25.53 -50.26
N VAL F 220 8.35 25.23 -51.09
CA VAL F 220 8.85 23.87 -51.24
C VAL F 220 9.38 23.35 -49.91
N ILE F 221 10.10 24.19 -49.18
CA ILE F 221 10.66 23.81 -47.89
C ILE F 221 9.58 23.65 -46.81
N LYS F 222 8.75 24.67 -46.66
CA LYS F 222 7.82 24.72 -45.53
C LYS F 222 6.54 23.91 -45.72
N LYS F 223 6.08 23.78 -46.96
CA LYS F 223 4.81 23.13 -47.21
C LYS F 223 4.98 21.76 -47.86
N VAL F 224 5.71 21.73 -48.98
CA VAL F 224 5.93 20.48 -49.69
C VAL F 224 6.74 19.50 -48.86
N MET F 225 7.87 19.98 -48.33
CA MET F 225 8.80 19.11 -47.66
C MET F 225 8.52 18.94 -46.16
N LEU F 226 8.25 20.04 -45.47
CA LEU F 226 8.18 20.01 -44.00
C LEU F 226 6.79 20.32 -43.46
N GLY F 227 5.78 20.28 -44.33
CA GLY F 227 4.43 20.64 -43.96
C GLY F 227 3.83 19.78 -42.86
N ASN F 228 4.31 18.56 -42.73
CA ASN F 228 3.81 17.64 -41.71
C ASN F 228 4.63 17.65 -40.42
N THR F 229 5.70 18.44 -40.39
CA THR F 229 6.42 18.70 -39.13
C THR F 229 5.69 19.79 -38.33
N VAL F 230 5.99 19.89 -37.03
CA VAL F 230 5.34 20.89 -36.18
C VAL F 230 6.03 22.26 -36.18
N ASP F 231 7.25 22.33 -36.70
CA ASP F 231 8.03 23.57 -36.63
C ASP F 231 8.65 24.02 -37.96
N GLY F 232 8.53 23.21 -39.00
CA GLY F 232 9.13 23.55 -40.28
C GLY F 232 10.65 23.50 -40.24
N VAL F 233 11.17 22.59 -39.42
CA VAL F 233 12.61 22.43 -39.23
C VAL F 233 13.11 21.09 -39.77
N PHE F 234 14.13 21.12 -40.62
CA PHE F 234 14.73 19.91 -41.15
C PHE F 234 15.35 19.11 -40.01
N THR F 235 15.31 17.80 -40.12
CA THR F 235 16.07 16.93 -39.22
C THR F 235 17.55 17.10 -39.55
N THR F 236 18.43 17.06 -38.55
CA THR F 236 19.87 17.19 -38.80
C THR F 236 20.57 15.85 -38.68
N VAL F 237 21.76 15.74 -39.27
CA VAL F 237 22.54 14.51 -39.13
C VAL F 237 22.92 14.32 -37.65
N GLN F 238 23.05 15.42 -36.92
CA GLN F 238 23.31 15.37 -35.49
C GLN F 238 22.15 14.79 -34.68
N ASP F 239 20.92 15.09 -35.09
CA ASP F 239 19.75 14.54 -34.39
C ASP F 239 19.77 13.03 -34.53
N VAL F 240 20.02 12.58 -35.75
CA VAL F 240 20.03 11.16 -36.05
C VAL F 240 21.19 10.45 -35.35
N ALA F 241 22.40 10.98 -35.49
CA ALA F 241 23.58 10.36 -34.92
C ALA F 241 23.52 10.27 -33.39
N GLN F 242 22.97 11.30 -32.75
CA GLN F 242 22.82 11.29 -31.29
C GLN F 242 21.83 10.20 -30.86
N THR F 243 20.78 10.01 -31.65
CA THR F 243 19.82 8.95 -31.40
C THR F 243 20.49 7.58 -31.58
N VAL F 244 21.26 7.42 -32.64
CA VAL F 244 22.03 6.18 -32.83
C VAL F 244 23.02 5.96 -31.68
N LEU F 245 23.67 7.04 -31.22
CA LEU F 245 24.61 6.94 -30.11
C LEU F 245 23.89 6.49 -28.84
N PHE F 246 22.70 7.03 -28.62
CA PHE F 246 21.90 6.70 -27.44
C PHE F 246 21.52 5.21 -27.37
N LEU F 247 21.14 4.64 -28.52
CA LEU F 247 20.70 3.24 -28.58
C LEU F 247 21.89 2.29 -28.48
N SER F 248 22.98 2.67 -29.14
CA SER F 248 24.18 1.84 -29.18
C SER F 248 24.77 1.65 -27.79
N ALA F 249 24.62 2.66 -26.95
CA ALA F 249 25.27 2.67 -25.64
C ALA F 249 24.30 2.33 -24.50
N PHE F 250 23.04 2.04 -24.83
CA PHE F 250 22.04 1.75 -23.82
C PHE F 250 22.43 0.48 -23.04
N PRO F 251 22.46 0.58 -21.70
CA PRO F 251 22.96 -0.48 -20.81
C PRO F 251 22.15 -1.77 -20.81
N SER F 252 20.93 -1.75 -21.34
CA SER F 252 20.11 -2.95 -21.33
C SER F 252 19.39 -3.15 -22.66
N ALA F 253 18.69 -4.27 -22.81
CA ALA F 253 17.94 -4.53 -24.03
C ALA F 253 16.54 -3.95 -23.96
N ALA F 254 16.32 -3.02 -23.03
CA ALA F 254 14.99 -2.48 -22.78
C ALA F 254 14.34 -1.86 -24.02
N LEU F 255 15.17 -1.39 -24.96
CA LEU F 255 14.64 -0.64 -26.11
C LEU F 255 14.55 -1.48 -27.38
N THR F 256 14.81 -2.78 -27.28
CA THR F 256 14.84 -3.66 -28.44
C THR F 256 13.48 -3.73 -29.17
N GLY F 257 13.54 -3.86 -30.49
CA GLY F 257 12.34 -3.98 -31.32
C GLY F 257 11.63 -2.67 -31.60
N GLN F 258 12.14 -1.58 -31.05
CA GLN F 258 11.44 -0.30 -31.15
C GLN F 258 11.95 0.56 -32.31
N SER F 259 11.08 1.38 -32.87
CA SER F 259 11.52 2.35 -33.85
C SER F 259 11.49 3.74 -33.23
N PHE F 260 12.37 4.60 -33.71
CA PHE F 260 12.53 5.93 -33.13
C PHE F 260 12.42 6.98 -34.22
N ILE F 261 11.32 7.73 -34.19
CA ILE F 261 11.07 8.72 -35.23
C ILE F 261 11.71 10.06 -34.85
N VAL F 262 12.62 10.49 -35.72
CA VAL F 262 13.44 11.67 -35.51
C VAL F 262 13.07 12.67 -36.60
N SER F 263 11.90 13.30 -36.47
CA SER F 263 11.31 14.00 -37.61
C SER F 263 10.64 15.32 -37.29
N HIS F 264 10.87 15.84 -36.09
CA HIS F 264 10.24 17.09 -35.67
C HIS F 264 8.71 17.05 -35.77
N GLY F 265 8.12 15.93 -35.36
CA GLY F 265 6.67 15.83 -35.24
C GLY F 265 5.96 15.24 -36.46
N TRP F 266 6.71 14.96 -37.51
CA TRP F 266 6.16 14.30 -38.70
C TRP F 266 5.90 12.82 -38.40
N PHE F 267 4.61 12.48 -38.26
CA PHE F 267 4.11 11.18 -37.79
C PHE F 267 4.51 10.91 -36.35
N MET F 268 3.54 11.06 -35.44
CA MET F 268 3.78 10.79 -34.03
C MET F 268 3.21 9.44 -33.62
N GLN F 269 4.08 8.59 -33.06
CA GLN F 269 3.65 7.34 -32.48
C GLN F 269 4.09 7.32 -31.01
N ASN G 13 -22.63 -7.13 -58.70
CA ASN G 13 -23.01 -7.46 -60.07
C ASN G 13 -22.47 -6.44 -61.07
N GLY G 14 -21.96 -6.92 -62.19
CA GLY G 14 -21.42 -6.04 -63.21
C GLY G 14 -19.96 -5.70 -62.97
N LYS G 15 -19.44 -6.18 -61.85
CA LYS G 15 -18.06 -5.92 -61.48
C LYS G 15 -17.17 -7.11 -61.84
N THR G 16 -15.91 -6.83 -62.16
CA THR G 16 -14.96 -7.87 -62.53
C THR G 16 -13.82 -7.92 -61.54
N ALA G 17 -13.41 -9.12 -61.15
CA ALA G 17 -12.42 -9.27 -60.10
C ALA G 17 -11.32 -10.28 -60.47
N VAL G 18 -10.11 -10.01 -59.99
CA VAL G 18 -8.97 -10.89 -60.21
C VAL G 18 -8.33 -11.24 -58.87
N VAL G 19 -8.25 -12.54 -58.58
CA VAL G 19 -7.67 -13.02 -57.33
C VAL G 19 -6.47 -13.92 -57.63
N THR G 20 -5.31 -13.54 -57.12
CA THR G 20 -4.08 -14.30 -57.34
C THR G 20 -3.92 -15.36 -56.26
N GLY G 21 -3.11 -16.38 -56.54
CA GLY G 21 -2.85 -17.46 -55.60
C GLY G 21 -4.12 -18.10 -55.07
N ALA G 22 -5.08 -18.32 -55.95
CA ALA G 22 -6.42 -18.72 -55.53
C ALA G 22 -6.77 -20.17 -55.84
N ALA G 23 -5.79 -21.07 -55.80
CA ALA G 23 -6.04 -22.49 -56.01
C ALA G 23 -6.81 -23.09 -54.84
N SER G 24 -6.26 -22.92 -53.64
CA SER G 24 -6.90 -23.42 -52.43
C SER G 24 -6.76 -22.40 -51.30
N GLY G 25 -7.53 -22.61 -50.22
CA GLY G 25 -7.43 -21.77 -49.05
C GLY G 25 -8.17 -20.45 -49.15
N ILE G 26 -7.55 -19.40 -48.61
CA ILE G 26 -8.15 -18.06 -48.58
C ILE G 26 -8.43 -17.52 -49.98
N GLY G 27 -7.44 -17.62 -50.86
CA GLY G 27 -7.60 -17.17 -52.24
C GLY G 27 -8.81 -17.74 -52.94
N LYS G 28 -9.05 -19.04 -52.76
CA LYS G 28 -10.22 -19.69 -53.35
C LYS G 28 -11.52 -19.29 -52.66
N GLU G 29 -11.49 -19.25 -51.32
CA GLU G 29 -12.67 -18.91 -50.54
C GLU G 29 -13.09 -17.46 -50.79
N ILE G 30 -12.13 -16.63 -51.20
CA ILE G 30 -12.43 -15.23 -51.53
C ILE G 30 -13.11 -15.13 -52.90
N ALA G 31 -12.55 -15.81 -53.90
CA ALA G 31 -13.11 -15.81 -55.24
C ALA G 31 -14.43 -16.56 -55.26
N LEU G 32 -14.61 -17.48 -54.31
CA LEU G 32 -15.86 -18.22 -54.19
C LEU G 32 -17.00 -17.29 -53.78
N GLU G 33 -16.72 -16.42 -52.82
CA GLU G 33 -17.72 -15.49 -52.31
C GLU G 33 -17.79 -14.21 -53.15
N LEU G 34 -16.70 -13.88 -53.84
CA LEU G 34 -16.71 -12.76 -54.78
C LEU G 34 -17.59 -13.10 -55.98
N ALA G 35 -17.57 -14.38 -56.36
CA ALA G 35 -18.40 -14.86 -57.47
C ALA G 35 -19.87 -14.93 -57.04
N LYS G 36 -20.11 -15.54 -55.88
CA LYS G 36 -21.45 -15.64 -55.33
C LYS G 36 -22.02 -14.26 -55.02
N ALA G 37 -21.14 -13.26 -54.97
CA ALA G 37 -21.55 -11.88 -54.79
C ALA G 37 -22.13 -11.31 -56.08
N GLY G 38 -21.85 -11.99 -57.20
CA GLY G 38 -22.39 -11.60 -58.49
C GLY G 38 -21.36 -11.05 -59.46
N ALA G 39 -20.13 -10.91 -58.97
CA ALA G 39 -19.05 -10.38 -59.80
C ALA G 39 -18.36 -11.49 -60.58
N ALA G 40 -18.05 -11.21 -61.84
CA ALA G 40 -17.21 -12.11 -62.62
C ALA G 40 -15.82 -12.12 -61.99
N VAL G 41 -15.29 -13.31 -61.74
CA VAL G 41 -13.99 -13.43 -61.09
C VAL G 41 -13.00 -14.20 -61.96
N ALA G 42 -11.77 -13.70 -62.00
CA ALA G 42 -10.67 -14.44 -62.60
C ALA G 42 -9.84 -15.07 -61.49
N ILE G 43 -9.72 -16.39 -61.52
CA ILE G 43 -8.93 -17.13 -60.54
C ILE G 43 -7.53 -17.36 -61.05
N ALA G 44 -6.57 -16.63 -60.51
CA ALA G 44 -5.19 -16.69 -61.01
C ALA G 44 -4.27 -17.48 -60.08
N ASP G 45 -3.44 -18.32 -60.65
CA ASP G 45 -2.46 -19.09 -59.87
C ASP G 45 -1.33 -19.63 -60.75
N LEU G 46 -0.35 -20.26 -60.12
CA LEU G 46 0.82 -20.78 -60.84
C LEU G 46 0.49 -21.97 -61.75
N ASN G 47 -0.49 -22.78 -61.35
CA ASN G 47 -0.89 -23.93 -62.16
C ASN G 47 -2.29 -23.75 -62.74
N GLN G 48 -2.44 -24.08 -64.02
CA GLN G 48 -3.72 -23.88 -64.72
C GLN G 48 -4.82 -24.79 -64.20
N ASP G 49 -4.48 -26.05 -63.94
CA ASP G 49 -5.45 -27.03 -63.46
C ASP G 49 -5.98 -26.64 -62.08
N GLY G 50 -5.19 -25.89 -61.33
CA GLY G 50 -5.60 -25.42 -60.02
C GLY G 50 -6.67 -24.34 -60.13
N ALA G 51 -6.48 -23.42 -61.07
CA ALA G 51 -7.43 -22.34 -61.29
C ALA G 51 -8.75 -22.85 -61.86
N ASN G 52 -8.65 -23.77 -62.81
CA ASN G 52 -9.81 -24.33 -63.49
C ASN G 52 -10.77 -25.03 -62.53
N ALA G 53 -10.20 -25.57 -61.45
CA ALA G 53 -11.00 -26.19 -60.40
C ALA G 53 -11.89 -25.16 -59.72
N VAL G 54 -11.34 -23.96 -59.50
CA VAL G 54 -12.09 -22.88 -58.87
C VAL G 54 -13.20 -22.38 -59.80
N ALA G 55 -13.00 -22.54 -61.11
CA ALA G 55 -14.01 -22.17 -62.09
C ALA G 55 -14.75 -23.39 -62.61
N LYS G 64 -20.06 -17.03 -63.16
CA LYS G 64 -19.13 -16.76 -64.23
C LYS G 64 -17.70 -16.59 -63.70
N ALA G 65 -16.80 -17.44 -64.17
CA ALA G 65 -15.41 -17.41 -63.74
C ALA G 65 -14.48 -18.01 -64.79
N ILE G 66 -13.30 -17.40 -64.95
CA ILE G 66 -12.30 -17.90 -65.88
C ILE G 66 -10.97 -18.12 -65.17
N GLY G 67 -10.34 -19.26 -65.45
CA GLY G 67 -9.07 -19.58 -64.85
C GLY G 67 -7.90 -19.06 -65.67
N VAL G 68 -6.94 -18.44 -64.98
CA VAL G 68 -5.76 -17.87 -65.64
C VAL G 68 -4.47 -18.28 -64.95
N ALA G 69 -3.58 -18.95 -65.69
CA ALA G 69 -2.26 -19.29 -65.16
C ALA G 69 -1.38 -18.05 -65.12
N MET G 70 -0.57 -17.94 -64.07
CA MET G 70 0.24 -16.74 -63.84
C MET G 70 1.36 -16.98 -62.83
N ASP G 71 2.54 -16.46 -63.13
CA ASP G 71 3.62 -16.41 -62.14
C ASP G 71 3.84 -14.94 -61.76
N VAL G 72 3.40 -14.57 -60.56
CA VAL G 72 3.38 -13.15 -60.19
C VAL G 72 4.79 -12.55 -60.06
N THR G 73 5.80 -13.40 -60.13
CA THR G 73 7.18 -12.94 -60.18
C THR G 73 7.57 -12.49 -61.60
N ASN G 74 7.05 -13.21 -62.59
CA ASN G 74 7.29 -12.86 -63.99
C ASN G 74 6.40 -11.71 -64.46
N GLU G 75 7.04 -10.56 -64.72
CA GLU G 75 6.35 -9.37 -65.22
C GLU G 75 5.53 -9.67 -66.47
N GLU G 76 6.09 -10.44 -67.39
CA GLU G 76 5.40 -10.76 -68.64
C GLU G 76 4.13 -11.58 -68.40
N ALA G 77 4.23 -12.60 -67.54
CA ALA G 77 3.08 -13.44 -67.21
C ALA G 77 1.94 -12.62 -66.62
N VAL G 78 2.29 -11.71 -65.71
CA VAL G 78 1.30 -10.85 -65.06
C VAL G 78 0.60 -9.93 -66.06
N ASN G 79 1.38 -9.19 -66.85
CA ASN G 79 0.82 -8.29 -67.86
C ASN G 79 -0.08 -9.06 -68.81
N THR G 80 0.42 -10.18 -69.31
CA THR G 80 -0.34 -11.06 -70.19
C THR G 80 -1.61 -11.56 -69.52
N GLY G 81 -1.47 -12.08 -68.30
CA GLY G 81 -2.60 -12.59 -67.54
C GLY G 81 -3.66 -11.55 -67.24
N ILE G 82 -3.23 -10.39 -66.72
CA ILE G 82 -4.17 -9.32 -66.39
C ILE G 82 -4.82 -8.69 -67.62
N ASP G 83 -4.11 -8.66 -68.74
CA ASP G 83 -4.69 -8.17 -70.00
C ASP G 83 -5.69 -9.18 -70.56
N LYS G 84 -5.41 -10.46 -70.34
CA LYS G 84 -6.31 -11.53 -70.76
C LYS G 84 -7.60 -11.49 -69.97
N VAL G 85 -7.52 -11.02 -68.72
CA VAL G 85 -8.69 -10.87 -67.86
C VAL G 85 -9.55 -9.68 -68.29
N ALA G 86 -8.89 -8.58 -68.65
CA ALA G 86 -9.59 -7.36 -69.05
C ALA G 86 -10.23 -7.49 -70.44
N GLU G 87 -9.63 -8.32 -71.27
CA GLU G 87 -10.14 -8.55 -72.62
C GLU G 87 -11.35 -9.48 -72.58
N ALA G 88 -11.33 -10.41 -71.64
CA ALA G 88 -12.39 -11.40 -71.52
C ALA G 88 -13.66 -10.81 -70.90
N PHE G 89 -13.51 -10.18 -69.74
CA PHE G 89 -14.64 -9.71 -68.95
C PHE G 89 -14.99 -8.24 -69.18
N GLY G 90 -14.06 -7.49 -69.78
CA GLY G 90 -14.33 -6.11 -70.14
C GLY G 90 -13.62 -5.07 -69.30
N SER G 91 -13.17 -5.46 -68.11
CA SER G 91 -12.48 -4.55 -67.21
C SER G 91 -11.84 -5.31 -66.05
N VAL G 92 -11.18 -4.57 -65.16
CA VAL G 92 -10.66 -5.13 -63.92
C VAL G 92 -11.02 -4.18 -62.78
N ASP G 93 -12.16 -4.41 -62.15
CA ASP G 93 -12.64 -3.51 -61.10
C ASP G 93 -12.03 -3.83 -59.73
N ILE G 94 -11.69 -5.09 -59.50
CA ILE G 94 -11.20 -5.52 -58.19
C ILE G 94 -9.97 -6.42 -58.29
N LEU G 95 -8.91 -6.06 -57.57
CA LEU G 95 -7.74 -6.93 -57.46
C LEU G 95 -7.49 -7.33 -56.01
N VAL G 96 -7.41 -8.63 -55.79
CA VAL G 96 -7.02 -9.18 -54.51
C VAL G 96 -5.68 -9.89 -54.65
N SER G 97 -4.62 -9.26 -54.16
CA SER G 97 -3.28 -9.83 -54.26
C SER G 97 -3.05 -10.75 -53.07
N ASN G 98 -2.78 -12.02 -53.36
CA ASN G 98 -2.79 -13.04 -52.32
C ASN G 98 -1.74 -14.12 -52.54
N ALA G 99 -0.89 -14.32 -51.55
CA ALA G 99 0.17 -15.33 -51.61
C ALA G 99 0.45 -15.84 -50.20
N GLY G 100 0.55 -17.16 -50.05
CA GLY G 100 0.65 -17.75 -48.72
C GLY G 100 1.92 -18.51 -48.42
N ILE G 101 2.83 -18.59 -49.40
CA ILE G 101 4.06 -19.36 -49.25
C ILE G 101 4.83 -18.95 -48.00
N GLN G 102 5.24 -19.95 -47.23
CA GLN G 102 5.96 -19.72 -45.98
C GLN G 102 7.22 -20.57 -45.91
N ILE G 103 8.35 -19.91 -45.71
CA ILE G 103 9.63 -20.59 -45.53
C ILE G 103 10.25 -20.16 -44.22
N VAL G 104 10.37 -21.09 -43.28
CA VAL G 104 10.80 -20.73 -41.93
C VAL G 104 12.25 -21.12 -41.68
N ASN G 105 12.97 -20.20 -41.03
CA ASN G 105 14.36 -20.44 -40.61
C ASN G 105 14.81 -19.28 -39.73
N PRO G 106 15.72 -19.55 -38.79
CA PRO G 106 16.33 -18.44 -38.04
C PRO G 106 17.12 -17.57 -39.01
N ILE G 107 17.30 -16.29 -38.68
CA ILE G 107 17.95 -15.36 -39.61
C ILE G 107 19.36 -15.83 -39.95
N GLU G 108 20.10 -16.31 -38.97
CA GLU G 108 21.47 -16.75 -39.21
C GLU G 108 21.51 -17.96 -40.15
N ASN G 109 20.40 -18.68 -40.25
CA ASN G 109 20.32 -19.84 -41.14
C ASN G 109 19.33 -19.67 -42.29
N TYR G 110 18.95 -18.43 -42.56
CA TYR G 110 17.96 -18.18 -43.60
C TYR G 110 18.61 -18.03 -44.98
N SER G 111 18.35 -18.99 -45.84
CA SER G 111 18.86 -18.97 -47.22
C SER G 111 18.48 -17.68 -47.95
N PHE G 112 19.45 -17.13 -48.68
CA PHE G 112 19.24 -15.90 -49.45
C PHE G 112 18.27 -16.16 -50.60
N ALA G 113 18.35 -17.36 -51.17
CA ALA G 113 17.48 -17.71 -52.29
C ALA G 113 16.02 -17.82 -51.82
N ASP G 114 15.82 -18.43 -50.66
CA ASP G 114 14.50 -18.43 -50.03
C ASP G 114 14.04 -17.01 -49.79
N TRP G 115 14.98 -16.16 -49.35
CA TRP G 115 14.67 -14.76 -49.09
C TRP G 115 14.18 -14.06 -50.34
N LYS G 116 14.95 -14.14 -51.41
CA LYS G 116 14.58 -13.48 -52.66
C LYS G 116 13.24 -14.01 -53.16
N LYS G 117 13.05 -15.33 -53.08
CA LYS G 117 11.81 -15.94 -53.55
C LYS G 117 10.61 -15.49 -52.72
N MET G 118 10.76 -15.43 -51.40
CA MET G 118 9.70 -14.96 -50.53
C MET G 118 9.31 -13.52 -50.85
N GLN G 119 10.29 -12.65 -51.01
CA GLN G 119 10.00 -11.25 -51.28
C GLN G 119 9.46 -11.05 -52.69
N ALA G 120 9.92 -11.87 -53.63
CA ALA G 120 9.44 -11.81 -55.01
C ALA G 120 7.98 -12.22 -55.12
N ILE G 121 7.63 -13.34 -54.51
CA ILE G 121 6.26 -13.82 -54.57
C ILE G 121 5.27 -12.88 -53.86
N HIS G 122 5.54 -12.56 -52.60
CA HIS G 122 4.59 -11.76 -51.82
C HIS G 122 4.52 -10.30 -52.29
N VAL G 123 5.66 -9.64 -52.36
CA VAL G 123 5.70 -8.20 -52.61
C VAL G 123 5.82 -7.86 -54.09
N ASP G 124 6.83 -8.41 -54.76
CA ASP G 124 7.01 -8.13 -56.18
C ASP G 124 5.76 -8.58 -56.96
N GLY G 125 5.16 -9.68 -56.53
CA GLY G 125 3.86 -10.10 -57.05
C GLY G 125 2.78 -9.05 -56.87
N ALA G 126 2.67 -8.51 -55.66
CA ALA G 126 1.71 -7.46 -55.38
C ALA G 126 1.97 -6.22 -56.24
N PHE G 127 3.25 -5.87 -56.38
CA PHE G 127 3.64 -4.71 -57.16
C PHE G 127 3.29 -4.82 -58.65
N LEU G 128 3.55 -5.98 -59.24
CA LEU G 128 3.32 -6.18 -60.67
C LEU G 128 1.83 -6.31 -61.00
N THR G 129 1.11 -7.10 -60.22
CA THR G 129 -0.33 -7.23 -60.41
C THR G 129 -1.01 -5.87 -60.24
N THR G 130 -0.50 -5.06 -59.31
CA THR G 130 -1.03 -3.72 -59.13
C THR G 130 -0.76 -2.86 -60.37
N LYS G 131 0.49 -2.86 -60.83
CA LYS G 131 0.87 -2.14 -62.05
C LYS G 131 -0.07 -2.46 -63.20
N ALA G 132 -0.26 -3.75 -63.44
CA ALA G 132 -1.11 -4.22 -64.53
C ALA G 132 -2.57 -3.83 -64.31
N ALA G 133 -3.01 -3.87 -63.07
CA ALA G 133 -4.40 -3.55 -62.77
C ALA G 133 -4.69 -2.09 -63.08
N LEU G 134 -3.79 -1.22 -62.63
CA LEU G 134 -4.00 0.22 -62.75
C LEU G 134 -4.13 0.68 -64.21
N LYS G 135 -3.58 -0.11 -65.13
CA LYS G 135 -3.68 0.22 -66.55
C LYS G 135 -5.14 0.22 -66.99
N HIS G 136 -5.93 -0.67 -66.40
CA HIS G 136 -7.34 -0.77 -66.73
C HIS G 136 -8.21 0.03 -65.78
N MET G 137 -7.76 0.23 -64.54
CA MET G 137 -8.54 0.99 -63.56
C MET G 137 -8.41 2.49 -63.78
N TYR G 138 -7.24 2.94 -64.23
CA TYR G 138 -6.99 4.36 -64.40
C TYR G 138 -7.66 4.91 -65.66
N LYS G 139 -8.00 4.02 -66.59
CA LYS G 139 -8.63 4.41 -67.85
C LYS G 139 -9.89 5.22 -67.61
N ASP G 140 -9.85 6.49 -68.01
CA ASP G 140 -10.97 7.44 -67.81
C ASP G 140 -11.31 7.64 -66.33
N ASP G 141 -10.32 7.41 -65.45
CA ASP G 141 -10.52 7.48 -64.00
C ASP G 141 -11.69 6.60 -63.57
N ARG G 142 -11.91 5.52 -64.34
CA ARG G 142 -12.99 4.59 -64.09
C ARG G 142 -12.96 4.08 -62.65
N GLY G 143 -11.78 3.72 -62.18
CA GLY G 143 -11.59 3.39 -60.77
C GLY G 143 -11.53 1.90 -60.50
N GLY G 144 -11.35 1.58 -59.22
CA GLY G 144 -11.31 0.19 -58.80
C GLY G 144 -10.93 0.02 -57.35
N VAL G 145 -10.87 -1.23 -56.91
CA VAL G 145 -10.46 -1.54 -55.55
C VAL G 145 -9.32 -2.54 -55.59
N VAL G 146 -8.20 -2.20 -54.95
CA VAL G 146 -7.07 -3.11 -54.87
C VAL G 146 -6.87 -3.54 -53.42
N ILE G 147 -6.84 -4.84 -53.19
CA ILE G 147 -6.76 -5.37 -51.83
C ILE G 147 -5.61 -6.34 -51.65
N TYR G 148 -4.65 -5.99 -50.80
CA TYR G 148 -3.55 -6.90 -50.49
C TYR G 148 -3.91 -7.77 -49.31
N MET G 149 -3.66 -9.06 -49.44
CA MET G 149 -3.83 -10.00 -48.34
C MET G 149 -2.56 -10.01 -47.52
N GLY G 150 -2.57 -9.25 -46.44
CA GLY G 150 -1.44 -9.20 -45.53
C GLY G 150 -1.57 -10.27 -44.48
N SER G 151 -1.32 -9.89 -43.23
CA SER G 151 -1.32 -10.81 -42.09
C SER G 151 -1.24 -9.99 -40.82
N VAL G 152 -1.51 -10.61 -39.67
CA VAL G 152 -1.14 -9.97 -38.40
C VAL G 152 0.36 -9.70 -38.45
N HIS G 153 1.09 -10.56 -39.16
CA HIS G 153 2.52 -10.39 -39.36
C HIS G 153 2.88 -9.24 -40.29
N SER G 154 1.87 -8.48 -40.73
CA SER G 154 2.12 -7.16 -41.29
C SER G 154 2.41 -6.17 -40.16
N HIS G 155 1.95 -6.53 -38.96
CA HIS G 155 1.97 -5.61 -37.84
C HIS G 155 2.84 -6.10 -36.69
N GLU G 156 3.00 -7.42 -36.59
CA GLU G 156 3.68 -8.01 -35.45
C GLU G 156 4.67 -9.07 -35.93
N ALA G 157 5.72 -9.30 -35.14
CA ALA G 157 6.74 -10.25 -35.53
C ALA G 157 6.58 -11.57 -34.82
N SER G 158 7.09 -12.63 -35.47
CA SER G 158 7.31 -13.91 -34.84
C SER G 158 8.71 -14.37 -35.21
N PRO G 159 9.39 -15.07 -34.31
CA PRO G 159 10.71 -15.61 -34.66
C PRO G 159 10.56 -16.60 -35.82
N LEU G 160 11.67 -16.83 -36.54
CA LEU G 160 11.75 -17.82 -37.61
C LEU G 160 11.05 -17.41 -38.91
N LYS G 161 10.38 -16.26 -38.89
CA LYS G 161 9.61 -15.83 -40.05
C LYS G 161 10.03 -14.45 -40.58
N SER G 162 11.33 -14.18 -40.60
CA SER G 162 11.85 -12.87 -41.02
C SER G 162 11.43 -12.49 -42.44
N ALA G 163 11.52 -13.43 -43.38
CA ALA G 163 11.17 -13.13 -44.76
C ALA G 163 9.68 -12.79 -44.87
N TYR G 164 8.85 -13.64 -44.29
CA TYR G 164 7.40 -13.46 -44.29
C TYR G 164 6.95 -12.15 -43.66
N VAL G 165 7.42 -11.89 -42.45
CA VAL G 165 7.03 -10.67 -41.72
C VAL G 165 7.46 -9.40 -42.48
N THR G 166 8.68 -9.43 -43.00
CA THR G 166 9.20 -8.33 -43.82
C THR G 166 8.30 -8.03 -45.03
N ALA G 167 7.91 -9.07 -45.76
CA ALA G 167 7.04 -8.91 -46.92
C ALA G 167 5.67 -8.36 -46.51
N LYS G 168 5.10 -8.97 -45.47
CA LYS G 168 3.80 -8.57 -44.95
C LYS G 168 3.80 -7.11 -44.48
N HIS G 169 4.89 -6.70 -43.84
CA HIS G 169 5.05 -5.31 -43.42
C HIS G 169 5.15 -4.40 -44.64
N GLY G 170 5.93 -4.83 -45.64
CA GLY G 170 6.09 -4.07 -46.86
C GLY G 170 4.80 -3.84 -47.64
N LEU G 171 3.88 -4.79 -47.56
CA LEU G 171 2.61 -4.65 -48.26
C LEU G 171 1.82 -3.44 -47.76
N LEU G 172 1.96 -3.14 -46.48
CA LEU G 172 1.30 -1.97 -45.92
C LEU G 172 1.83 -0.71 -46.59
N GLY G 173 3.14 -0.66 -46.79
CA GLY G 173 3.78 0.48 -47.41
C GLY G 173 3.24 0.75 -48.80
N LEU G 174 3.28 -0.29 -49.63
CA LEU G 174 2.77 -0.22 -50.99
C LEU G 174 1.29 0.17 -51.06
N ALA G 175 0.49 -0.42 -50.19
CA ALA G 175 -0.94 -0.15 -50.17
C ALA G 175 -1.21 1.30 -49.83
N ARG G 176 -0.44 1.83 -48.88
CA ARG G 176 -0.64 3.21 -48.43
C ARG G 176 -0.27 4.20 -49.51
N VAL G 177 0.81 3.92 -50.24
CA VAL G 177 1.18 4.73 -51.39
C VAL G 177 0.10 4.69 -52.46
N LEU G 178 -0.39 3.48 -52.77
CA LEU G 178 -1.44 3.31 -53.76
C LEU G 178 -2.68 4.13 -53.40
N ALA G 179 -3.03 4.15 -52.12
CA ALA G 179 -4.16 4.94 -51.66
C ALA G 179 -3.99 6.42 -52.04
N LYS G 180 -2.77 6.91 -51.93
CA LYS G 180 -2.48 8.31 -52.21
C LYS G 180 -2.39 8.60 -53.71
N GLU G 181 -1.74 7.72 -54.46
CA GLU G 181 -1.65 7.91 -55.90
C GLU G 181 -2.99 7.63 -56.59
N GLY G 182 -3.71 6.64 -56.08
CA GLY G 182 -4.91 6.14 -56.74
C GLY G 182 -6.14 7.02 -56.64
N ALA G 183 -6.16 7.87 -55.61
CA ALA G 183 -7.29 8.72 -55.29
C ALA G 183 -7.84 9.47 -56.50
N LYS G 184 -6.95 10.10 -57.27
CA LYS G 184 -7.40 10.95 -58.36
C LYS G 184 -7.95 10.13 -59.52
N HIS G 185 -7.77 8.81 -59.46
CA HIS G 185 -8.29 7.90 -60.47
C HIS G 185 -9.43 7.03 -59.93
N ASN G 186 -9.90 7.36 -58.73
CA ASN G 186 -10.96 6.62 -58.05
C ASN G 186 -10.56 5.17 -57.77
N VAL G 187 -9.27 4.97 -57.53
CA VAL G 187 -8.79 3.67 -57.13
C VAL G 187 -8.52 3.66 -55.64
N ARG G 188 -9.08 2.67 -54.93
CA ARG G 188 -8.85 2.53 -53.50
CA ARG G 188 -8.87 2.52 -53.50
C ARG G 188 -7.92 1.37 -53.21
N SER G 189 -7.24 1.44 -52.07
CA SER G 189 -6.37 0.35 -51.63
C SER G 189 -6.73 -0.05 -50.21
N HIS G 190 -6.66 -1.35 -49.91
CA HIS G 190 -6.83 -1.85 -48.53
C HIS G 190 -5.93 -3.04 -48.28
N VAL G 191 -5.65 -3.34 -47.02
CA VAL G 191 -4.94 -4.56 -46.64
C VAL G 191 -5.75 -5.36 -45.63
N VAL G 192 -6.10 -6.59 -45.96
CA VAL G 192 -6.78 -7.45 -45.00
C VAL G 192 -5.74 -8.33 -44.32
N CYS G 193 -5.73 -8.33 -42.99
CA CYS G 193 -4.70 -9.00 -42.22
C CYS G 193 -5.27 -10.11 -41.35
N PRO G 194 -5.39 -11.33 -41.91
CA PRO G 194 -5.96 -12.45 -41.16
C PRO G 194 -5.05 -12.93 -40.05
N GLY G 195 -5.66 -13.46 -38.99
CA GLY G 195 -4.90 -14.07 -37.92
C GLY G 195 -4.57 -15.51 -38.25
N PHE G 196 -4.97 -16.42 -37.37
CA PHE G 196 -4.61 -17.83 -37.47
C PHE G 196 -5.75 -18.68 -38.03
N VAL G 197 -5.61 -19.13 -39.27
CA VAL G 197 -6.63 -19.96 -39.91
C VAL G 197 -6.38 -21.44 -39.62
N ARG G 198 -7.45 -22.23 -39.61
CA ARG G 198 -7.34 -23.68 -39.42
C ARG G 198 -7.33 -24.40 -40.77
N THR G 199 -6.15 -24.91 -41.15
CA THR G 199 -5.93 -25.54 -42.44
C THR G 199 -4.90 -26.65 -42.22
N PRO G 200 -4.67 -27.57 -43.20
CA PRO G 200 -4.08 -28.89 -42.91
C PRO G 200 -2.96 -28.97 -41.87
N LEU G 201 -1.79 -28.42 -42.19
CA LEU G 201 -0.58 -28.59 -41.37
C LEU G 201 -0.80 -28.28 -39.89
N MET G 225 -0.67 -21.66 -30.23
CA MET G 225 -1.16 -21.25 -31.54
C MET G 225 -2.12 -20.07 -31.46
N LEU G 226 -2.96 -20.06 -30.42
CA LEU G 226 -3.98 -19.01 -30.29
C LEU G 226 -3.90 -18.29 -28.96
N GLY G 227 -2.75 -18.39 -28.30
CA GLY G 227 -2.58 -17.78 -27.00
C GLY G 227 -2.61 -16.27 -27.00
N ASN G 228 -2.46 -15.67 -28.17
CA ASN G 228 -2.49 -14.21 -28.29
C ASN G 228 -3.83 -13.68 -28.78
N THR G 229 -4.78 -14.58 -28.99
CA THR G 229 -6.17 -14.17 -29.23
C THR G 229 -6.82 -13.91 -27.87
N VAL G 230 -8.03 -13.34 -27.89
CA VAL G 230 -8.76 -13.10 -26.65
C VAL G 230 -9.67 -14.26 -26.27
N ASP G 231 -10.00 -15.09 -27.26
CA ASP G 231 -11.06 -16.08 -27.10
C ASP G 231 -10.66 -17.51 -27.51
N GLY G 232 -9.44 -17.67 -28.01
CA GLY G 232 -8.95 -18.97 -28.42
C GLY G 232 -9.62 -19.54 -29.66
N VAL G 233 -10.17 -18.65 -30.49
CA VAL G 233 -10.90 -19.08 -31.69
C VAL G 233 -10.06 -18.88 -32.96
N PHE G 234 -9.93 -19.93 -33.75
CA PHE G 234 -9.29 -19.83 -35.06
C PHE G 234 -10.03 -18.84 -35.95
N THR G 235 -9.30 -18.17 -36.84
CA THR G 235 -9.92 -17.35 -37.87
C THR G 235 -10.39 -18.25 -39.00
N THR G 236 -11.64 -18.09 -39.42
CA THR G 236 -12.20 -18.92 -40.48
C THR G 236 -12.05 -18.24 -41.83
N VAL G 237 -12.16 -19.03 -42.90
CA VAL G 237 -12.12 -18.48 -44.25
C VAL G 237 -13.27 -17.49 -44.44
N GLN G 238 -14.41 -17.79 -43.82
CA GLN G 238 -15.59 -16.93 -43.94
C GLN G 238 -15.35 -15.56 -43.33
N ASP G 239 -14.53 -15.50 -42.28
CA ASP G 239 -14.15 -14.25 -41.65
C ASP G 239 -13.47 -13.32 -42.64
N VAL G 240 -12.37 -13.81 -43.21
CA VAL G 240 -11.57 -13.05 -44.16
C VAL G 240 -12.36 -12.69 -45.41
N ALA G 241 -13.08 -13.66 -45.96
CA ALA G 241 -13.84 -13.46 -47.18
C ALA G 241 -14.91 -12.39 -47.03
N GLN G 242 -15.64 -12.42 -45.91
CA GLN G 242 -16.70 -11.45 -45.66
C GLN G 242 -16.12 -10.05 -45.53
N THR G 243 -14.91 -9.96 -44.97
CA THR G 243 -14.27 -8.66 -44.81
C THR G 243 -13.84 -8.11 -46.19
N VAL G 244 -13.32 -9.00 -47.02
CA VAL G 244 -12.92 -8.62 -48.38
C VAL G 244 -14.12 -8.14 -49.20
N LEU G 245 -15.26 -8.80 -49.02
CA LEU G 245 -16.48 -8.46 -49.73
C LEU G 245 -17.02 -7.09 -49.27
N PHE G 246 -16.93 -6.83 -47.96
CA PHE G 246 -17.36 -5.56 -47.40
C PHE G 246 -16.56 -4.40 -47.99
N LEU G 247 -15.26 -4.61 -48.15
CA LEU G 247 -14.40 -3.58 -48.72
C LEU G 247 -14.67 -3.37 -50.21
N SER G 248 -14.76 -4.47 -50.94
CA SER G 248 -14.96 -4.43 -52.39
C SER G 248 -16.23 -3.69 -52.77
N ALA G 249 -17.24 -3.76 -51.90
CA ALA G 249 -18.55 -3.22 -52.24
C ALA G 249 -18.84 -1.90 -51.54
N PHE G 250 -17.86 -1.37 -50.79
CA PHE G 250 -18.08 -0.13 -50.06
C PHE G 250 -18.31 1.04 -51.01
N PRO G 251 -19.36 1.84 -50.76
CA PRO G 251 -19.87 2.84 -51.71
C PRO G 251 -19.04 4.13 -51.79
N SER G 252 -17.93 4.20 -51.09
CA SER G 252 -17.05 5.36 -51.20
C SER G 252 -15.60 4.96 -50.93
N ALA G 253 -14.68 5.91 -51.10
CA ALA G 253 -13.27 5.66 -50.84
C ALA G 253 -12.90 5.94 -49.38
N ALA G 254 -13.90 6.01 -48.51
CA ALA G 254 -13.69 6.35 -47.09
C ALA G 254 -12.69 5.43 -46.38
N LEU G 255 -12.63 4.17 -46.80
CA LEU G 255 -11.78 3.21 -46.09
C LEU G 255 -10.40 3.04 -46.75
N THR G 256 -10.11 3.89 -47.73
CA THR G 256 -8.89 3.71 -48.52
C THR G 256 -7.64 3.85 -47.66
N GLY G 257 -6.66 2.97 -47.92
CA GLY G 257 -5.39 2.99 -47.21
C GLY G 257 -5.37 2.29 -45.87
N GLN G 258 -6.52 1.78 -45.43
CA GLN G 258 -6.58 1.17 -44.10
C GLN G 258 -6.29 -0.34 -44.14
N SER G 259 -5.74 -0.86 -43.05
CA SER G 259 -5.60 -2.30 -42.93
C SER G 259 -6.65 -2.83 -41.97
N PHE G 260 -7.09 -4.06 -42.19
CA PHE G 260 -8.17 -4.64 -41.39
C PHE G 260 -7.71 -5.97 -40.79
N ILE G 261 -7.52 -5.97 -39.48
CA ILE G 261 -7.03 -7.14 -38.77
C ILE G 261 -8.18 -8.06 -38.39
N VAL G 262 -8.16 -9.26 -38.95
CA VAL G 262 -9.21 -10.23 -38.75
C VAL G 262 -8.60 -11.41 -38.02
N SER G 263 -8.48 -11.30 -36.70
CA SER G 263 -7.58 -12.17 -35.95
C SER G 263 -8.02 -12.54 -34.55
N HIS G 264 -9.26 -12.21 -34.18
CA HIS G 264 -9.77 -12.50 -32.84
C HIS G 264 -8.92 -11.86 -31.74
N GLY G 265 -8.44 -10.64 -31.98
CA GLY G 265 -7.77 -9.88 -30.93
C GLY G 265 -6.26 -10.02 -30.88
N TRP G 266 -5.70 -10.78 -31.82
CA TRP G 266 -4.24 -10.86 -31.94
C TRP G 266 -3.74 -9.61 -32.67
N PHE G 267 -3.06 -8.75 -31.90
CA PHE G 267 -2.72 -7.36 -32.25
C PHE G 267 -3.97 -6.53 -32.47
N MET G 268 -4.16 -5.55 -31.58
CA MET G 268 -5.28 -4.62 -31.65
C MET G 268 -4.81 -3.23 -32.06
N GLN G 269 -5.31 -2.75 -33.20
CA GLN G 269 -5.04 -1.38 -33.61
C GLN G 269 -6.38 -0.65 -33.78
N ASN H 11 -28.07 -8.08 -41.46
CA ASN H 11 -29.41 -8.17 -40.90
C ASN H 11 -29.38 -8.38 -39.40
N LEU H 12 -30.28 -7.72 -38.69
CA LEU H 12 -30.27 -7.73 -37.24
C LEU H 12 -31.64 -8.03 -36.59
N ASN H 13 -32.52 -8.72 -37.30
CA ASN H 13 -33.85 -9.05 -36.79
C ASN H 13 -33.80 -9.78 -35.45
N GLY H 14 -34.63 -9.33 -34.50
CA GLY H 14 -34.70 -9.94 -33.19
C GLY H 14 -33.65 -9.45 -32.21
N LYS H 15 -32.71 -8.64 -32.71
CA LYS H 15 -31.68 -8.07 -31.86
C LYS H 15 -32.08 -6.69 -31.39
N THR H 16 -31.47 -6.26 -30.28
CA THR H 16 -31.78 -4.96 -29.69
C THR H 16 -30.52 -4.11 -29.60
N ALA H 17 -30.70 -2.80 -29.67
CA ALA H 17 -29.57 -1.88 -29.75
C ALA H 17 -29.85 -0.59 -29.00
N VAL H 18 -28.81 -0.06 -28.37
CA VAL H 18 -28.87 1.27 -27.75
C VAL H 18 -27.82 2.17 -28.39
N VAL H 19 -28.24 3.34 -28.87
CA VAL H 19 -27.29 4.30 -29.42
C VAL H 19 -27.39 5.59 -28.60
N THR H 20 -26.28 6.01 -28.00
CA THR H 20 -26.30 7.26 -27.24
C THR H 20 -25.91 8.41 -28.17
N GLY H 21 -26.15 9.64 -27.73
CA GLY H 21 -25.94 10.83 -28.55
C GLY H 21 -26.66 10.73 -29.90
N ALA H 22 -27.83 10.12 -29.91
CA ALA H 22 -28.42 9.70 -31.17
C ALA H 22 -29.56 10.60 -31.64
N ALA H 23 -29.79 11.72 -30.97
CA ALA H 23 -30.82 12.68 -31.37
C ALA H 23 -30.46 13.39 -32.69
N SER H 24 -29.18 13.38 -33.05
CA SER H 24 -28.75 14.01 -34.29
C SER H 24 -27.45 13.43 -34.87
N GLY H 25 -27.08 13.92 -36.05
CA GLY H 25 -25.80 13.63 -36.66
C GLY H 25 -25.50 12.15 -36.86
N ILE H 26 -24.24 11.81 -36.67
CA ILE H 26 -23.75 10.45 -36.75
C ILE H 26 -24.57 9.45 -35.93
N GLY H 27 -24.81 9.77 -34.66
CA GLY H 27 -25.56 8.88 -33.79
C GLY H 27 -26.95 8.55 -34.35
N LYS H 28 -27.62 9.60 -34.83
CA LYS H 28 -28.94 9.45 -35.43
C LYS H 28 -28.91 8.50 -36.61
N GLU H 29 -27.99 8.75 -37.55
CA GLU H 29 -27.87 7.93 -38.74
C GLU H 29 -27.53 6.48 -38.39
N ILE H 30 -26.66 6.28 -37.40
CA ILE H 30 -26.36 4.92 -36.92
C ILE H 30 -27.65 4.22 -36.45
N ALA H 31 -28.42 4.92 -35.64
CA ALA H 31 -29.69 4.40 -35.13
C ALA H 31 -30.67 4.10 -36.27
N LEU H 32 -30.81 5.03 -37.21
CA LEU H 32 -31.69 4.83 -38.35
C LEU H 32 -31.25 3.60 -39.17
N GLU H 33 -29.93 3.37 -39.23
CA GLU H 33 -29.40 2.30 -40.06
C GLU H 33 -29.56 0.94 -39.38
N LEU H 34 -29.35 0.90 -38.07
CA LEU H 34 -29.54 -0.34 -37.33
C LEU H 34 -31.01 -0.77 -37.36
N ALA H 35 -31.92 0.19 -37.25
CA ALA H 35 -33.34 -0.13 -37.23
C ALA H 35 -33.77 -0.60 -38.60
N LYS H 36 -33.15 -0.03 -39.62
CA LYS H 36 -33.43 -0.38 -41.00
C LYS H 36 -32.94 -1.80 -41.29
N ALA H 37 -31.96 -2.25 -40.50
CA ALA H 37 -31.42 -3.59 -40.64
C ALA H 37 -32.20 -4.60 -39.81
N GLY H 38 -33.15 -4.11 -39.02
CA GLY H 38 -34.06 -5.00 -38.30
C GLY H 38 -33.99 -4.95 -36.78
N ALA H 39 -33.01 -4.24 -36.23
CA ALA H 39 -32.85 -4.13 -34.79
C ALA H 39 -33.93 -3.27 -34.14
N ALA H 40 -34.25 -3.58 -32.89
CA ALA H 40 -35.00 -2.68 -32.01
C ALA H 40 -34.03 -1.67 -31.40
N VAL H 41 -34.18 -0.40 -31.73
CA VAL H 41 -33.22 0.62 -31.34
C VAL H 41 -33.75 1.55 -30.27
N ALA H 42 -33.04 1.67 -29.16
CA ALA H 42 -33.36 2.69 -28.17
C ALA H 42 -32.48 3.93 -28.39
N ILE H 43 -33.12 5.04 -28.70
CA ILE H 43 -32.42 6.30 -28.90
C ILE H 43 -32.16 6.94 -27.54
N ALA H 44 -30.91 6.95 -27.11
CA ALA H 44 -30.55 7.58 -25.86
C ALA H 44 -29.84 8.90 -26.11
N ASP H 45 -30.34 9.96 -25.50
CA ASP H 45 -29.65 11.25 -25.56
C ASP H 45 -30.16 12.11 -24.42
N LEU H 46 -29.58 13.30 -24.29
CA LEU H 46 -29.82 14.15 -23.13
C LEU H 46 -31.29 14.57 -23.01
N ASN H 47 -31.90 14.91 -24.14
CA ASN H 47 -33.29 15.40 -24.12
C ASN H 47 -34.31 14.38 -24.64
N GLN H 48 -35.35 14.14 -23.86
CA GLN H 48 -36.35 13.13 -24.19
C GLN H 48 -37.04 13.39 -25.53
N ASP H 49 -37.41 14.66 -25.77
CA ASP H 49 -38.10 15.04 -27.01
C ASP H 49 -37.21 14.85 -28.24
N GLY H 50 -35.95 15.28 -28.12
CA GLY H 50 -34.99 15.03 -29.17
C GLY H 50 -34.85 13.54 -29.49
N ALA H 51 -34.78 12.71 -28.46
CA ALA H 51 -34.67 11.25 -28.68
C ALA H 51 -35.94 10.67 -29.31
N ASN H 52 -37.11 11.11 -28.84
CA ASN H 52 -38.37 10.62 -29.37
C ASN H 52 -38.57 10.94 -30.85
N ALA H 53 -38.03 12.06 -31.31
CA ALA H 53 -38.15 12.45 -32.72
C ALA H 53 -37.51 11.39 -33.63
N VAL H 54 -36.32 10.91 -33.24
CA VAL H 54 -35.63 9.89 -34.03
C VAL H 54 -36.35 8.55 -33.94
N ALA H 55 -36.85 8.23 -32.75
CA ALA H 55 -37.60 7.00 -32.53
C ALA H 55 -38.85 6.97 -33.40
N ASP H 56 -39.54 8.10 -33.46
CA ASP H 56 -40.79 8.20 -34.21
CA ASP H 56 -40.78 8.17 -34.19
C ASP H 56 -40.53 8.09 -35.70
N GLU H 57 -39.42 8.65 -36.16
CA GLU H 57 -39.03 8.54 -37.57
C GLU H 57 -38.79 7.06 -37.92
N ILE H 58 -38.10 6.34 -37.03
CA ILE H 58 -37.86 4.92 -37.19
C ILE H 58 -39.16 4.13 -37.23
N ASN H 59 -40.04 4.39 -36.25
CA ASN H 59 -41.31 3.67 -36.16
C ASN H 59 -42.18 3.92 -37.38
N LYS H 60 -42.28 5.18 -37.80
CA LYS H 60 -43.09 5.55 -38.95
C LYS H 60 -42.52 4.94 -40.24
N ALA H 61 -41.22 4.64 -40.22
CA ALA H 61 -40.56 3.98 -41.35
C ALA H 61 -40.84 2.48 -41.36
N GLY H 62 -41.44 1.96 -40.29
CA GLY H 62 -41.75 0.54 -40.20
C GLY H 62 -40.82 -0.25 -39.30
N GLY H 63 -40.05 0.47 -38.50
CA GLY H 63 -39.12 -0.17 -37.58
C GLY H 63 -39.67 -0.22 -36.18
N LYS H 64 -38.79 -0.49 -35.21
CA LYS H 64 -39.15 -0.46 -33.80
C LYS H 64 -38.13 0.34 -33.01
N ALA H 65 -38.57 1.41 -32.35
CA ALA H 65 -37.67 2.22 -31.56
C ALA H 65 -38.37 2.93 -30.40
N ILE H 66 -37.60 3.24 -29.37
CA ILE H 66 -38.04 4.08 -28.26
C ILE H 66 -37.00 5.16 -27.99
N GLY H 67 -37.45 6.27 -27.41
CA GLY H 67 -36.55 7.31 -26.96
C GLY H 67 -36.31 7.18 -25.48
N VAL H 68 -35.07 7.36 -25.06
CA VAL H 68 -34.72 7.26 -23.65
C VAL H 68 -33.90 8.47 -23.24
N ALA H 69 -34.46 9.30 -22.37
CA ALA H 69 -33.74 10.46 -21.85
C ALA H 69 -32.59 9.98 -20.97
N MET H 70 -31.39 10.48 -21.23
CA MET H 70 -30.22 9.97 -20.53
C MET H 70 -29.06 10.95 -20.52
N ASP H 71 -28.66 11.36 -19.32
CA ASP H 71 -27.42 12.10 -19.12
C ASP H 71 -26.30 11.08 -18.93
N VAL H 72 -25.48 10.91 -19.97
CA VAL H 72 -24.49 9.83 -19.95
C VAL H 72 -23.37 10.06 -18.93
N THR H 73 -23.27 11.28 -18.39
CA THR H 73 -22.28 11.55 -17.34
C THR H 73 -22.80 11.15 -15.97
N ASN H 74 -24.07 10.76 -15.92
CA ASN H 74 -24.73 10.46 -14.66
C ASN H 74 -25.02 8.98 -14.52
N GLU H 75 -24.37 8.37 -13.52
CA GLU H 75 -24.45 6.94 -13.29
C GLU H 75 -25.87 6.39 -13.15
N GLU H 76 -26.67 6.98 -12.28
CA GLU H 76 -28.05 6.51 -12.12
C GLU H 76 -28.83 6.62 -13.43
N ALA H 77 -28.72 7.77 -14.09
CA ALA H 77 -29.47 8.02 -15.32
C ALA H 77 -29.09 6.99 -16.37
N VAL H 78 -27.80 6.68 -16.44
CA VAL H 78 -27.33 5.65 -17.35
C VAL H 78 -27.90 4.30 -16.94
N ASN H 79 -27.73 3.96 -15.67
CA ASN H 79 -28.17 2.67 -15.17
C ASN H 79 -29.67 2.46 -15.35
N THR H 80 -30.46 3.43 -14.92
CA THR H 80 -31.91 3.32 -15.03
C THR H 80 -32.33 3.35 -16.50
N GLY H 81 -31.61 4.12 -17.31
CA GLY H 81 -31.88 4.20 -18.73
C GLY H 81 -31.64 2.90 -19.48
N ILE H 82 -30.51 2.25 -19.21
CA ILE H 82 -30.18 1.01 -19.90
C ILE H 82 -31.09 -0.13 -19.43
N ASP H 83 -31.44 -0.13 -18.14
CA ASP H 83 -32.37 -1.12 -17.62
C ASP H 83 -33.76 -0.92 -18.23
N LYS H 84 -34.08 0.33 -18.56
CA LYS H 84 -35.37 0.66 -19.17
C LYS H 84 -35.46 0.06 -20.57
N VAL H 85 -34.31 -0.08 -21.23
CA VAL H 85 -34.25 -0.68 -22.55
C VAL H 85 -34.37 -2.20 -22.47
N ALA H 86 -33.63 -2.77 -21.52
CA ALA H 86 -33.65 -4.21 -21.29
C ALA H 86 -35.05 -4.71 -20.97
N GLU H 87 -35.81 -3.90 -20.22
CA GLU H 87 -37.19 -4.24 -19.91
C GLU H 87 -38.08 -4.14 -21.14
N ALA H 88 -37.95 -3.05 -21.88
CA ALA H 88 -38.80 -2.79 -23.03
C ALA H 88 -38.59 -3.79 -24.18
N PHE H 89 -37.34 -4.18 -24.39
CA PHE H 89 -36.98 -4.99 -25.55
C PHE H 89 -36.56 -6.42 -25.21
N GLY H 90 -36.37 -6.71 -23.93
CA GLY H 90 -36.02 -8.06 -23.49
C GLY H 90 -34.54 -8.31 -23.32
N SER H 91 -33.71 -7.45 -23.90
CA SER H 91 -32.26 -7.59 -23.85
C SER H 91 -31.56 -6.36 -24.43
N VAL H 92 -30.24 -6.32 -24.28
CA VAL H 92 -29.42 -5.31 -24.95
C VAL H 92 -28.26 -5.99 -25.67
N ASP H 93 -28.41 -6.14 -26.98
CA ASP H 93 -27.46 -6.90 -27.77
C ASP H 93 -26.35 -6.05 -28.38
N ILE H 94 -26.65 -4.77 -28.61
CA ILE H 94 -25.70 -3.86 -29.23
C ILE H 94 -25.68 -2.53 -28.49
N LEU H 95 -24.49 -2.06 -28.13
CA LEU H 95 -24.35 -0.72 -27.59
C LEU H 95 -23.40 0.11 -28.44
N VAL H 96 -23.90 1.25 -28.93
CA VAL H 96 -23.07 2.22 -29.61
C VAL H 96 -22.93 3.46 -28.75
N SER H 97 -21.76 3.64 -28.16
CA SER H 97 -21.51 4.82 -27.34
C SER H 97 -21.02 5.95 -28.23
N ASN H 98 -21.79 7.02 -28.30
CA ASN H 98 -21.53 8.08 -29.27
C ASN H 98 -21.69 9.48 -28.71
N ALA H 99 -20.63 10.28 -28.84
CA ALA H 99 -20.65 11.67 -28.40
C ALA H 99 -19.82 12.54 -29.33
N GLY H 100 -20.32 13.75 -29.62
CA GLY H 100 -19.64 14.62 -30.55
C GLY H 100 -19.27 16.00 -30.04
N ILE H 101 -19.56 16.27 -28.77
CA ILE H 101 -19.30 17.61 -28.24
C ILE H 101 -17.82 17.99 -28.42
N GLN H 102 -17.61 19.22 -28.88
CA GLN H 102 -16.27 19.73 -29.15
C GLN H 102 -16.11 21.11 -28.52
N ILE H 103 -15.09 21.28 -27.69
CA ILE H 103 -14.77 22.58 -27.13
C ILE H 103 -13.32 22.87 -27.40
N VAL H 104 -13.06 23.87 -28.25
CA VAL H 104 -11.70 24.16 -28.66
C VAL H 104 -11.12 25.35 -27.89
N ASN H 105 -9.81 25.27 -27.67
CA ASN H 105 -9.01 26.27 -26.96
C ASN H 105 -7.59 25.73 -26.87
N PRO H 106 -6.60 26.62 -26.97
CA PRO H 106 -5.22 26.21 -26.69
C PRO H 106 -5.08 25.73 -25.23
N ILE H 107 -4.16 24.81 -24.97
CA ILE H 107 -4.08 24.21 -23.64
C ILE H 107 -3.94 25.25 -22.51
N GLU H 108 -3.10 26.26 -22.72
CA GLU H 108 -2.82 27.27 -21.69
C GLU H 108 -4.04 28.12 -21.33
N ASN H 109 -5.03 28.14 -22.21
CA ASN H 109 -6.27 28.87 -21.96
C ASN H 109 -7.46 27.92 -21.87
N TYR H 110 -7.17 26.64 -21.70
CA TYR H 110 -8.25 25.67 -21.67
C TYR H 110 -8.83 25.55 -20.27
N SER H 111 -10.11 25.85 -20.14
CA SER H 111 -10.81 25.76 -18.85
C SER H 111 -10.81 24.32 -18.31
N PHE H 112 -10.55 24.19 -17.01
CA PHE H 112 -10.61 22.89 -16.33
C PHE H 112 -12.05 22.36 -16.27
N ALA H 113 -13.01 23.28 -16.15
CA ALA H 113 -14.42 22.90 -16.19
C ALA H 113 -14.79 22.31 -17.54
N ASP H 114 -14.35 22.96 -18.62
CA ASP H 114 -14.50 22.44 -19.98
C ASP H 114 -13.85 21.08 -20.15
N TRP H 115 -12.63 20.96 -19.63
CA TRP H 115 -11.85 19.72 -19.69
C TRP H 115 -12.62 18.56 -19.05
N LYS H 116 -13.08 18.73 -17.82
CA LYS H 116 -13.79 17.66 -17.14
C LYS H 116 -15.10 17.31 -17.87
N LYS H 117 -15.79 18.32 -18.40
CA LYS H 117 -17.03 18.11 -19.14
C LYS H 117 -16.78 17.21 -20.34
N MET H 118 -15.72 17.54 -21.08
CA MET H 118 -15.34 16.79 -22.27
C MET H 118 -15.00 15.34 -21.93
N GLN H 119 -14.22 15.13 -20.86
CA GLN H 119 -13.87 13.77 -20.46
C GLN H 119 -15.10 13.02 -19.98
N ALA H 120 -15.97 13.70 -19.23
CA ALA H 120 -17.17 13.08 -18.69
C ALA H 120 -18.09 12.58 -19.79
N ILE H 121 -18.34 13.44 -20.77
CA ILE H 121 -19.30 13.12 -21.79
C ILE H 121 -18.73 12.02 -22.70
N HIS H 122 -17.51 12.21 -23.18
CA HIS H 122 -16.94 11.24 -24.12
C HIS H 122 -16.51 9.94 -23.44
N VAL H 123 -15.77 10.06 -22.33
CA VAL H 123 -15.17 8.88 -21.72
C VAL H 123 -16.00 8.29 -20.58
N ASP H 124 -16.42 9.10 -19.61
CA ASP H 124 -17.29 8.60 -18.55
C ASP H 124 -18.55 7.98 -19.14
N GLY H 125 -19.08 8.62 -20.19
CA GLY H 125 -20.26 8.12 -20.85
C GLY H 125 -20.05 6.71 -21.37
N ALA H 126 -18.97 6.51 -22.11
CA ALA H 126 -18.67 5.19 -22.64
C ALA H 126 -18.48 4.18 -21.50
N PHE H 127 -17.79 4.58 -20.44
CA PHE H 127 -17.56 3.67 -19.32
C PHE H 127 -18.86 3.28 -18.65
N LEU H 128 -19.69 4.28 -18.34
CA LEU H 128 -20.92 4.03 -17.60
C LEU H 128 -21.90 3.21 -18.43
N THR H 129 -22.06 3.54 -19.71
CA THR H 129 -22.98 2.82 -20.58
C THR H 129 -22.51 1.38 -20.82
N THR H 130 -21.20 1.22 -20.99
CA THR H 130 -20.62 -0.11 -21.15
C THR H 130 -20.93 -0.98 -19.93
N LYS H 131 -20.62 -0.44 -18.75
CA LYS H 131 -20.79 -1.17 -17.49
C LYS H 131 -22.24 -1.59 -17.33
N ALA H 132 -23.16 -0.66 -17.54
CA ALA H 132 -24.59 -0.95 -17.43
C ALA H 132 -25.02 -2.02 -18.43
N ALA H 133 -24.43 -2.00 -19.63
CA ALA H 133 -24.84 -2.91 -20.69
C ALA H 133 -24.30 -4.32 -20.44
N LEU H 134 -23.08 -4.40 -19.92
CA LEU H 134 -22.45 -5.67 -19.61
C LEU H 134 -23.29 -6.48 -18.63
N LYS H 135 -23.87 -5.80 -17.65
CA LYS H 135 -24.73 -6.46 -16.66
C LYS H 135 -25.81 -7.30 -17.35
N HIS H 136 -26.27 -6.82 -18.51
CA HIS H 136 -27.27 -7.52 -19.31
C HIS H 136 -26.65 -8.46 -20.34
N MET H 137 -25.55 -8.04 -20.96
CA MET H 137 -24.88 -8.87 -21.95
C MET H 137 -24.21 -10.09 -21.32
N TYR H 138 -23.75 -9.95 -20.09
CA TYR H 138 -23.01 -11.01 -19.42
C TYR H 138 -23.93 -12.08 -18.85
N LYS H 139 -25.22 -11.74 -18.74
CA LYS H 139 -26.23 -12.65 -18.19
C LYS H 139 -26.29 -13.94 -19.01
N ASP H 140 -25.92 -15.05 -18.37
CA ASP H 140 -25.90 -16.36 -19.02
C ASP H 140 -25.03 -16.34 -20.29
N ASP H 141 -23.96 -15.56 -20.25
CA ASP H 141 -23.03 -15.41 -21.37
C ASP H 141 -23.75 -15.17 -22.71
N ARG H 142 -24.86 -14.43 -22.66
CA ARG H 142 -25.67 -14.16 -23.84
C ARG H 142 -24.88 -13.46 -24.94
N GLY H 143 -24.04 -12.53 -24.55
CA GLY H 143 -23.13 -11.87 -25.48
C GLY H 143 -23.65 -10.57 -26.05
N GLY H 144 -22.79 -9.87 -26.79
CA GLY H 144 -23.17 -8.61 -27.39
C GLY H 144 -22.05 -7.95 -28.16
N VAL H 145 -22.31 -6.73 -28.63
CA VAL H 145 -21.32 -5.95 -29.35
C VAL H 145 -21.32 -4.53 -28.78
N VAL H 146 -20.15 -4.07 -28.37
CA VAL H 146 -20.02 -2.69 -27.91
C VAL H 146 -19.13 -1.92 -28.87
N ILE H 147 -19.69 -0.88 -29.48
CA ILE H 147 -18.97 -0.04 -30.42
C ILE H 147 -18.85 1.40 -29.91
N TYR H 148 -17.61 1.88 -29.76
CA TYR H 148 -17.36 3.25 -29.37
CA TYR H 148 -17.35 3.25 -29.37
C TYR H 148 -17.12 4.13 -30.59
N MET H 149 -17.76 5.29 -30.63
CA MET H 149 -17.48 6.20 -31.73
C MET H 149 -16.27 7.04 -31.34
N GLY H 150 -15.14 6.72 -31.96
CA GLY H 150 -13.93 7.50 -31.77
C GLY H 150 -13.84 8.65 -32.76
N SER H 151 -12.65 8.82 -33.32
CA SER H 151 -12.36 9.86 -34.31
C SER H 151 -11.01 9.54 -34.92
N VAL H 152 -10.65 10.21 -36.02
CA VAL H 152 -9.25 10.15 -36.46
C VAL H 152 -8.42 10.73 -35.32
N HIS H 153 -9.03 11.62 -34.55
CA HIS H 153 -8.40 12.18 -33.36
C HIS H 153 -8.25 11.16 -32.21
N SER H 154 -8.66 9.91 -32.45
CA SER H 154 -8.28 8.80 -31.56
C SER H 154 -6.82 8.42 -31.82
N HIS H 155 -6.33 8.78 -33.00
CA HIS H 155 -5.04 8.30 -33.49
C HIS H 155 -4.06 9.44 -33.76
N GLU H 156 -4.59 10.63 -34.00
CA GLU H 156 -3.79 11.76 -34.41
C GLU H 156 -4.30 13.04 -33.74
N ALA H 157 -3.39 13.94 -33.40
CA ALA H 157 -3.76 15.20 -32.76
C ALA H 157 -4.01 16.33 -33.76
N SER H 158 -4.73 17.35 -33.30
CA SER H 158 -4.77 18.65 -33.94
C SER H 158 -4.67 19.69 -32.82
N PRO H 159 -4.04 20.84 -33.11
CA PRO H 159 -3.96 21.91 -32.11
C PRO H 159 -5.34 22.39 -31.66
N LEU H 160 -5.43 22.97 -30.47
CA LEU H 160 -6.66 23.53 -29.91
C LEU H 160 -7.67 22.46 -29.45
N LYS H 161 -7.36 21.19 -29.68
CA LYS H 161 -8.32 20.14 -29.34
C LYS H 161 -7.77 19.14 -28.32
N SER H 162 -7.05 19.64 -27.32
CA SER H 162 -6.48 18.77 -26.29
C SER H 162 -7.51 17.84 -25.64
N ALA H 163 -8.67 18.37 -25.26
CA ALA H 163 -9.64 17.56 -24.51
C ALA H 163 -10.29 16.50 -25.38
N TYR H 164 -10.59 16.86 -26.62
CA TYR H 164 -11.23 15.94 -27.54
C TYR H 164 -10.27 14.82 -27.93
N VAL H 165 -9.05 15.20 -28.26
CA VAL H 165 -8.07 14.23 -28.69
C VAL H 165 -7.74 13.27 -27.53
N THR H 166 -7.61 13.82 -26.34
CA THR H 166 -7.31 13.00 -25.18
C THR H 166 -8.46 12.02 -24.91
N ALA H 167 -9.69 12.51 -25.02
CA ALA H 167 -10.86 11.66 -24.85
C ALA H 167 -10.90 10.54 -25.88
N LYS H 168 -10.76 10.89 -27.16
CA LYS H 168 -10.83 9.89 -28.21
C LYS H 168 -9.70 8.87 -28.15
N HIS H 169 -8.49 9.30 -27.77
CA HIS H 169 -7.40 8.35 -27.55
C HIS H 169 -7.78 7.37 -26.44
N GLY H 170 -8.31 7.89 -25.35
CA GLY H 170 -8.70 7.06 -24.22
C GLY H 170 -9.69 5.95 -24.56
N LEU H 171 -10.67 6.25 -25.43
CA LEU H 171 -11.69 5.28 -25.83
C LEU H 171 -11.11 4.00 -26.40
N LEU H 172 -10.02 4.13 -27.16
CA LEU H 172 -9.32 2.96 -27.69
C LEU H 172 -8.85 2.03 -26.58
N GLY H 173 -8.27 2.63 -25.54
CA GLY H 173 -7.79 1.87 -24.41
C GLY H 173 -8.91 1.13 -23.73
N LEU H 174 -10.04 1.82 -23.54
CA LEU H 174 -11.21 1.22 -22.92
C LEU H 174 -11.75 0.08 -23.80
N ALA H 175 -11.80 0.29 -25.11
CA ALA H 175 -12.32 -0.73 -26.01
C ALA H 175 -11.41 -1.96 -26.03
N ARG H 176 -10.11 -1.73 -26.05
CA ARG H 176 -9.16 -2.82 -26.08
C ARG H 176 -9.22 -3.69 -24.83
N VAL H 177 -9.43 -3.08 -23.66
CA VAL H 177 -9.60 -3.83 -22.41
C VAL H 177 -10.90 -4.63 -22.40
N LEU H 178 -11.98 -4.00 -22.88
CA LEU H 178 -13.26 -4.68 -23.05
C LEU H 178 -13.15 -5.88 -23.96
N ALA H 179 -12.41 -5.73 -25.05
CA ALA H 179 -12.19 -6.84 -25.98
C ALA H 179 -11.60 -8.04 -25.24
N LYS H 180 -10.68 -7.80 -24.31
CA LYS H 180 -10.02 -8.88 -23.56
C LYS H 180 -10.92 -9.47 -22.48
N GLU H 181 -11.51 -8.60 -21.65
CA GLU H 181 -12.39 -9.04 -20.56
C GLU H 181 -13.67 -9.68 -21.07
N GLY H 182 -14.21 -9.12 -22.17
CA GLY H 182 -15.53 -9.49 -22.63
C GLY H 182 -15.59 -10.76 -23.44
N ALA H 183 -14.42 -11.24 -23.86
CA ALA H 183 -14.31 -12.39 -24.75
C ALA H 183 -15.02 -13.62 -24.20
N LYS H 184 -14.78 -13.92 -22.92
CA LYS H 184 -15.32 -15.11 -22.29
C LYS H 184 -16.84 -15.04 -22.09
N HIS H 185 -17.42 -13.87 -22.33
CA HIS H 185 -18.86 -13.70 -22.16
C HIS H 185 -19.54 -13.44 -23.50
N ASN H 186 -18.80 -13.70 -24.59
CA ASN H 186 -19.31 -13.51 -25.95
C ASN H 186 -19.57 -12.04 -26.29
N VAL H 187 -18.78 -11.15 -25.69
CA VAL H 187 -18.92 -9.72 -25.93
C VAL H 187 -17.72 -9.20 -26.71
N ARG H 188 -17.99 -8.55 -27.84
CA ARG H 188 -16.96 -7.94 -28.64
C ARG H 188 -16.95 -6.42 -28.48
N SER H 189 -15.81 -5.80 -28.76
CA SER H 189 -15.73 -4.35 -28.79
C SER H 189 -15.08 -3.87 -30.09
N HIS H 190 -15.49 -2.69 -30.56
CA HIS H 190 -14.79 -2.03 -31.66
C HIS H 190 -14.83 -0.53 -31.47
N VAL H 191 -13.94 0.18 -32.16
CA VAL H 191 -14.01 1.63 -32.23
C VAL H 191 -14.13 2.04 -33.70
N VAL H 192 -15.09 2.89 -34.01
CA VAL H 192 -15.19 3.43 -35.36
C VAL H 192 -14.73 4.88 -35.36
N CYS H 193 -13.80 5.20 -36.26
CA CYS H 193 -13.10 6.49 -36.24
C CYS H 193 -13.35 7.33 -37.49
N PRO H 194 -14.47 8.06 -37.51
CA PRO H 194 -14.83 8.94 -38.62
C PRO H 194 -13.81 10.06 -38.78
N GLY H 195 -13.60 10.49 -40.01
CA GLY H 195 -12.80 11.67 -40.28
C GLY H 195 -13.65 12.93 -40.28
N PHE H 196 -13.42 13.78 -41.27
CA PHE H 196 -14.07 15.07 -41.36
C PHE H 196 -15.47 14.93 -41.97
N VAL H 197 -16.49 15.13 -41.14
CA VAL H 197 -17.89 15.00 -41.56
C VAL H 197 -18.50 16.38 -41.81
N ARG H 198 -19.26 16.53 -42.90
CA ARG H 198 -19.84 17.83 -43.20
C ARG H 198 -21.05 18.08 -42.31
N THR H 199 -20.80 18.64 -41.12
CA THR H 199 -21.87 18.99 -40.19
C THR H 199 -22.54 20.29 -40.67
N PRO H 200 -23.75 20.59 -40.15
CA PRO H 200 -24.35 21.87 -40.53
C PRO H 200 -23.45 23.05 -40.15
N LEU H 201 -22.76 22.94 -39.02
CA LEU H 201 -21.79 23.95 -38.58
C LEU H 201 -20.62 24.09 -39.56
N VAL H 202 -20.12 22.96 -40.07
CA VAL H 202 -19.08 22.98 -41.08
C VAL H 202 -19.60 23.68 -42.33
N ASP H 203 -20.81 23.30 -42.75
CA ASP H 203 -21.46 23.87 -43.93
C ASP H 203 -21.77 25.35 -43.77
N LYS H 204 -21.54 25.89 -42.57
CA LYS H 204 -21.60 27.32 -42.34
C LYS H 204 -20.19 27.88 -42.18
N GLN H 205 -19.28 27.05 -41.68
CA GLN H 205 -17.87 27.44 -41.55
C GLN H 205 -17.24 27.65 -42.93
N ILE H 206 -17.75 26.94 -43.93
CA ILE H 206 -17.18 26.98 -45.28
C ILE H 206 -17.24 28.39 -45.89
N PRO H 207 -18.43 29.02 -45.95
CA PRO H 207 -18.41 30.36 -46.55
C PRO H 207 -17.64 31.36 -45.69
N GLU H 208 -17.67 31.15 -44.38
CA GLU H 208 -16.95 32.02 -43.45
C GLU H 208 -15.45 31.98 -43.71
N GLN H 209 -14.93 30.77 -43.95
CA GLN H 209 -13.52 30.57 -44.21
C GLN H 209 -13.14 31.15 -45.57
N ALA H 210 -14.03 30.98 -46.54
CA ALA H 210 -13.84 31.49 -47.89
C ALA H 210 -13.66 33.01 -47.87
N LYS H 211 -14.18 33.65 -46.82
CA LYS H 211 -13.97 35.09 -46.60
C LYS H 211 -13.24 35.34 -45.30
N ILE H 215 -8.98 31.76 -51.55
CA ILE H 215 -9.86 30.62 -51.33
C ILE H 215 -11.25 30.82 -51.92
N SER H 216 -11.63 29.91 -52.82
CA SER H 216 -13.02 29.71 -53.18
C SER H 216 -13.62 28.84 -52.10
N GLU H 217 -14.91 28.51 -52.18
CA GLU H 217 -15.47 27.55 -51.24
C GLU H 217 -14.93 26.15 -51.54
N GLU H 218 -14.71 25.85 -52.83
CA GLU H 218 -14.13 24.56 -53.21
C GLU H 218 -12.68 24.44 -52.73
N GLU H 219 -11.99 25.58 -52.67
CA GLU H 219 -10.61 25.61 -52.18
C GLU H 219 -10.54 25.38 -50.67
N VAL H 220 -11.46 25.99 -49.92
CA VAL H 220 -11.53 25.76 -48.48
C VAL H 220 -11.70 24.28 -48.18
N ILE H 221 -12.68 23.67 -48.83
CA ILE H 221 -12.94 22.24 -48.69
C ILE H 221 -11.74 21.38 -49.02
N LYS H 222 -11.17 21.58 -50.20
CA LYS H 222 -10.15 20.67 -50.72
C LYS H 222 -8.79 20.86 -50.07
N LYS H 223 -8.42 22.10 -49.79
CA LYS H 223 -7.07 22.40 -49.30
C LYS H 223 -7.02 22.70 -47.80
N VAL H 224 -8.02 23.40 -47.28
CA VAL H 224 -7.98 23.86 -45.89
C VAL H 224 -8.60 22.85 -44.92
N MET H 225 -9.76 22.33 -45.29
CA MET H 225 -10.47 21.39 -44.42
C MET H 225 -10.08 19.93 -44.65
N LEU H 226 -9.90 19.56 -45.91
CA LEU H 226 -9.65 18.15 -46.24
C LEU H 226 -8.28 17.91 -46.85
N GLY H 227 -7.35 18.83 -46.60
CA GLY H 227 -6.00 18.72 -47.14
C GLY H 227 -5.27 17.46 -46.70
N ASN H 228 -5.73 16.86 -45.60
CA ASN H 228 -5.12 15.63 -45.09
C ASN H 228 -5.79 14.36 -45.56
N THR H 229 -6.88 14.51 -46.32
CA THR H 229 -7.48 13.38 -47.01
C THR H 229 -6.72 13.12 -48.30
N VAL H 230 -6.93 11.94 -48.89
CA VAL H 230 -6.29 11.68 -50.18
C VAL H 230 -7.12 12.18 -51.37
N ASP H 231 -8.42 12.41 -51.17
CA ASP H 231 -9.29 12.73 -52.31
C ASP H 231 -10.11 14.01 -52.18
N GLY H 232 -10.01 14.68 -51.03
CA GLY H 232 -10.76 15.90 -50.80
C GLY H 232 -12.26 15.68 -50.67
N VAL H 233 -12.65 14.49 -50.19
CA VAL H 233 -14.06 14.14 -50.03
C VAL H 233 -14.43 14.08 -48.54
N PHE H 234 -15.56 14.69 -48.17
CA PHE H 234 -16.04 14.62 -46.79
C PHE H 234 -16.50 13.21 -46.42
N THR H 235 -16.21 12.79 -45.19
CA THR H 235 -16.78 11.56 -44.68
C THR H 235 -18.27 11.77 -44.40
N THR H 236 -19.11 10.89 -44.93
CA THR H 236 -20.55 11.02 -44.73
C THR H 236 -21.04 10.23 -43.51
N VAL H 237 -22.21 10.60 -42.99
CA VAL H 237 -22.81 9.83 -41.92
C VAL H 237 -23.12 8.40 -42.40
N GLN H 238 -23.42 8.26 -43.69
CA GLN H 238 -23.70 6.96 -44.27
CA GLN H 238 -23.71 6.95 -44.25
C GLN H 238 -22.45 6.08 -44.30
N ASP H 239 -21.30 6.69 -44.61
CA ASP H 239 -20.02 5.98 -44.55
C ASP H 239 -19.83 5.35 -43.18
N VAL H 240 -20.14 6.12 -42.15
CA VAL H 240 -19.95 5.72 -40.77
C VAL H 240 -20.96 4.67 -40.35
N ALA H 241 -22.22 4.95 -40.69
CA ALA H 241 -23.34 4.07 -40.35
C ALA H 241 -23.15 2.68 -40.95
N GLN H 242 -22.61 2.64 -42.17
CA GLN H 242 -22.39 1.37 -42.86
C GLN H 242 -21.27 0.54 -42.23
N THR H 243 -20.26 1.21 -41.68
CA THR H 243 -19.18 0.50 -41.00
C THR H 243 -19.69 -0.07 -39.69
N VAL H 244 -20.53 0.71 -39.00
CA VAL H 244 -21.12 0.27 -37.74
C VAL H 244 -22.04 -0.93 -37.96
N LEU H 245 -22.88 -0.88 -39.00
CA LEU H 245 -23.75 -2.00 -39.31
C LEU H 245 -22.95 -3.27 -39.59
N PHE H 246 -21.91 -3.14 -40.41
CA PHE H 246 -21.03 -4.26 -40.75
C PHE H 246 -20.43 -4.92 -39.52
N LEU H 247 -19.92 -4.12 -38.59
CA LEU H 247 -19.37 -4.68 -37.35
C LEU H 247 -20.49 -5.35 -36.54
N SER H 248 -21.64 -4.69 -36.48
CA SER H 248 -22.80 -5.17 -35.74
C SER H 248 -23.28 -6.56 -36.19
N ALA H 249 -23.20 -6.83 -37.49
CA ALA H 249 -23.78 -8.04 -38.05
C ALA H 249 -22.75 -9.14 -38.25
N PHE H 250 -21.50 -8.87 -37.87
CA PHE H 250 -20.42 -9.81 -38.15
C PHE H 250 -20.64 -11.10 -37.37
N PRO H 251 -20.52 -12.26 -38.07
CA PRO H 251 -20.88 -13.56 -37.48
C PRO H 251 -19.90 -14.09 -36.41
N SER H 252 -18.74 -13.48 -36.26
CA SER H 252 -17.77 -13.96 -35.26
C SER H 252 -17.15 -12.80 -34.48
N ALA H 253 -16.29 -13.12 -33.52
CA ALA H 253 -15.59 -12.10 -32.74
C ALA H 253 -14.24 -11.75 -33.35
N ALA H 254 -14.06 -12.09 -34.62
CA ALA H 254 -12.76 -11.92 -35.29
C ALA H 254 -12.25 -10.47 -35.26
N LEU H 255 -13.17 -9.51 -35.35
CA LEU H 255 -12.78 -8.11 -35.47
C LEU H 255 -12.74 -7.39 -34.12
N THR H 256 -12.91 -8.13 -33.03
CA THR H 256 -12.99 -7.51 -31.72
C THR H 256 -11.70 -6.75 -31.38
N GLY H 257 -11.83 -5.64 -30.68
CA GLY H 257 -10.68 -4.85 -30.28
C GLY H 257 -10.08 -3.96 -31.35
N GLN H 258 -10.55 -4.08 -32.58
CA GLN H 258 -10.01 -3.26 -33.67
C GLN H 258 -10.69 -1.91 -33.77
N SER H 259 -9.95 -0.90 -34.22
CA SER H 259 -10.54 0.37 -34.60
C SER H 259 -10.61 0.44 -36.13
N PHE H 260 -11.66 1.10 -36.62
CA PHE H 260 -11.87 1.22 -38.05
C PHE H 260 -11.92 2.69 -38.43
N ILE H 261 -10.94 3.12 -39.23
CA ILE H 261 -10.81 4.52 -39.59
C ILE H 261 -11.52 4.87 -40.90
N VAL H 262 -12.63 5.61 -40.78
CA VAL H 262 -13.46 5.96 -41.91
C VAL H 262 -13.23 7.44 -42.26
N SER H 263 -12.20 7.73 -43.06
CA SER H 263 -11.72 9.11 -43.17
C SER H 263 -11.14 9.54 -44.52
N HIS H 264 -11.30 8.71 -45.53
CA HIS H 264 -10.74 9.01 -46.85
C HIS H 264 -9.23 9.22 -46.77
N GLY H 265 -8.55 8.30 -46.08
CA GLY H 265 -7.10 8.30 -46.04
C GLY H 265 -6.45 9.34 -45.15
N TRP H 266 -7.22 9.97 -44.27
CA TRP H 266 -6.66 10.81 -43.23
C TRP H 266 -6.23 9.94 -42.06
N PHE H 267 -4.92 9.71 -41.96
CA PHE H 267 -4.27 8.75 -41.06
C PHE H 267 -4.51 7.31 -41.51
N MET H 268 -3.46 6.66 -41.98
CA MET H 268 -3.57 5.29 -42.47
C MET H 268 -2.91 4.30 -41.52
N GLN H 269 -3.67 3.29 -41.09
CA GLN H 269 -3.05 2.18 -40.40
C GLN H 269 -3.64 0.85 -40.84
S SO4 I . -1.18 -27.19 24.95
O1 SO4 I . -2.00 -27.73 23.87
O2 SO4 I . -1.55 -27.86 26.19
O3 SO4 I . -1.42 -25.75 25.07
O4 SO4 I . 0.24 -27.41 24.68
C1 EDO J . -14.57 -12.72 24.67
O1 EDO J . -15.78 -12.88 23.94
C2 EDO J . -13.64 -13.91 24.43
O2 EDO J . -14.41 -15.09 24.22
S SO4 K . -24.31 2.89 25.86
O1 SO4 K . -25.53 2.08 25.89
O2 SO4 K . -23.19 2.10 26.39
O3 SO4 K . -24.47 4.08 26.70
O4 SO4 K . -24.08 3.31 24.47
S SO4 L . 13.50 16.73 23.71
O1 SO4 L . 13.00 15.60 24.50
O2 SO4 L . 13.51 16.36 22.29
O3 SO4 L . 14.86 17.04 24.16
O4 SO4 L . 12.65 17.92 23.91
C1 EDO M . 13.34 7.19 41.11
O1 EDO M . 14.48 7.22 41.99
C2 EDO M . 13.71 7.78 39.76
O2 EDO M . 14.28 9.10 39.94
S SO4 N . 10.71 -3.73 55.47
O1 SO4 N . 11.81 -4.64 55.14
O2 SO4 N . 9.68 -4.47 56.20
O3 SO4 N . 10.11 -3.16 54.26
O4 SO4 N . 11.23 -2.64 56.29
C1 EDO O . 18.74 6.09 58.31
O1 EDO O . 19.27 7.31 57.77
C2 EDO O . 17.31 5.91 57.82
O2 EDO O . 16.51 7.03 58.22
S SO4 P . 5.87 4.94 -9.85
O1 SO4 P . 5.01 4.84 -8.68
O2 SO4 P . 5.06 4.68 -11.05
O3 SO4 P . 6.93 3.94 -9.75
O4 SO4 P . 6.47 6.28 -9.92
C1 EDO Q . 9.75 -5.81 -48.22
O1 EDO Q . 9.93 -4.43 -48.55
C2 EDO Q . 10.00 -6.66 -49.46
O2 EDO Q . 11.30 -6.40 -49.97
S SO4 R . -22.48 13.56 -33.77
O1 SO4 R . -23.30 12.39 -33.42
O2 SO4 R . -22.52 13.80 -35.22
O3 SO4 R . -21.10 13.32 -33.36
O4 SO4 R . -23.00 14.73 -33.07
#